data_7OO6
#
_entry.id   7OO6
#
_cell.length_a   1.00
_cell.length_b   1.00
_cell.length_c   1.00
_cell.angle_alpha   90.00
_cell.angle_beta   90.00
_cell.angle_gamma   90.00
#
_symmetry.space_group_name_H-M   'P 1'
#
loop_
_entity.id
_entity.type
_entity.pdbx_description
1 polymer 'Mechanosensitive channel of small conductance (MscS)'
2 non-polymer 1,2-DIOLEOYL-SN-GLYCERO-3-PHOSPHOCHOLINE
3 non-polymer DODECYL-BETA-D-MALTOSIDE
#
_entity_poly.entity_id   1
_entity_poly.type   'polypeptide(L)'
_entity_poly.pdbx_seq_one_letter_code
;MEDLNVVDSINGAGSWLVANQALLLSYAVNIVAALAIIIVGLIIARMISNAVNRLMISRKIDATVADFLSALVRYGIIAF
TLIAALGRVGVQTASVIAVLGAAGLAVGLALQGSLSNLAAGVLLVMFRPFRAGEYVDLGGVAGTVLSVQIFSTTMRTADG
KIIVIPNGKIIAGNIINFSREPVRRNEFIIGVAYDSDIDQVKQILTNIIQSEDRILKDREMTVRLNELGASSINFVVRVW
SNSGDLQNVYWDVLERIKREFDAAGISFPYPQMDVNFKRVKEDKAALEHHHHHH
;
_entity_poly.pdbx_strand_id   A,B,C,D,E,F,G
#
loop_
_chem_comp.id
_chem_comp.type
_chem_comp.name
_chem_comp.formula
LMT D-saccharide DODECYL-BETA-D-MALTOSIDE 'C24 H46 O11'
PCW non-polymer 1,2-DIOLEOYL-SN-GLYCERO-3-PHOSPHOCHOLINE 'C44 H85 N O8 P 1'
#
# COMPACT_ATOMS: atom_id res chain seq x y z
N ALA A 19 -60.25 -37.95 -10.81
CA ALA A 19 -60.71 -36.68 -11.35
C ALA A 19 -60.98 -35.67 -10.24
N ASN A 20 -59.92 -35.26 -9.54
CA ASN A 20 -60.06 -34.29 -8.47
C ASN A 20 -60.46 -32.93 -9.02
N GLN A 21 -61.20 -32.17 -8.21
CA GLN A 21 -61.74 -30.88 -8.63
C GLN A 21 -61.07 -29.71 -7.94
N ALA A 22 -60.47 -29.90 -6.76
CA ALA A 22 -59.84 -28.80 -6.03
C ALA A 22 -58.34 -28.74 -6.32
N LEU A 23 -57.62 -29.82 -6.00
CA LEU A 23 -56.17 -29.81 -6.18
C LEU A 23 -55.78 -29.79 -7.66
N LEU A 24 -56.51 -30.52 -8.50
CA LEU A 24 -56.23 -30.50 -9.93
C LEU A 24 -56.49 -29.11 -10.50
N LEU A 25 -57.56 -28.45 -10.06
CA LEU A 25 -57.82 -27.08 -10.51
C LEU A 25 -56.72 -26.14 -10.04
N SER A 26 -56.22 -26.33 -8.81
CA SER A 26 -55.12 -25.51 -8.33
C SER A 26 -53.87 -25.71 -9.18
N TYR A 27 -53.57 -26.97 -9.53
CA TYR A 27 -52.41 -27.25 -10.37
C TYR A 27 -52.56 -26.63 -11.76
N ALA A 28 -53.76 -26.72 -12.33
CA ALA A 28 -54.00 -26.10 -13.64
C ALA A 28 -53.85 -24.58 -13.55
N VAL A 29 -54.35 -23.98 -12.48
CA VAL A 29 -54.19 -22.54 -12.30
C VAL A 29 -52.72 -22.18 -12.20
N ASN A 30 -51.94 -22.98 -11.46
CA ASN A 30 -50.52 -22.70 -11.31
C ASN A 30 -49.78 -22.80 -12.64
N ILE A 31 -50.06 -23.84 -13.43
CA ILE A 31 -49.32 -23.99 -14.69
C ILE A 31 -49.73 -22.92 -15.69
N VAL A 32 -51.03 -22.58 -15.75
CA VAL A 32 -51.44 -21.51 -16.64
C VAL A 32 -50.86 -20.17 -16.20
N ALA A 33 -50.78 -19.94 -14.88
CA ALA A 33 -50.16 -18.72 -14.38
C ALA A 33 -48.67 -18.67 -14.73
N ALA A 34 -47.97 -19.80 -14.64
CA ALA A 34 -46.57 -19.82 -15.02
C ALA A 34 -46.38 -19.52 -16.50
N LEU A 35 -47.23 -20.10 -17.35
CA LEU A 35 -47.15 -19.80 -18.78
C LEU A 35 -47.43 -18.33 -19.05
N ALA A 36 -48.45 -17.76 -18.38
CA ALA A 36 -48.73 -16.34 -18.53
C ALA A 36 -47.56 -15.49 -18.06
N ILE A 37 -46.93 -15.90 -16.95
CA ILE A 37 -45.79 -15.14 -16.42
C ILE A 37 -44.65 -15.13 -17.41
N ILE A 38 -44.33 -16.29 -18.00
CA ILE A 38 -43.20 -16.34 -18.92
C ILE A 38 -43.52 -15.58 -20.21
N ILE A 39 -44.75 -15.68 -20.70
CA ILE A 39 -45.11 -14.95 -21.92
C ILE A 39 -45.06 -13.44 -21.68
N VAL A 40 -45.62 -12.98 -20.56
CA VAL A 40 -45.61 -11.56 -20.25
C VAL A 40 -44.19 -11.09 -20.00
N GLY A 41 -43.34 -11.91 -19.38
CA GLY A 41 -41.95 -11.54 -19.22
C GLY A 41 -41.24 -11.38 -20.54
N LEU A 42 -41.49 -12.30 -21.48
CA LEU A 42 -40.89 -12.18 -22.81
C LEU A 42 -41.33 -10.90 -23.50
N ILE A 43 -42.62 -10.62 -23.50
CA ILE A 43 -43.10 -9.42 -24.22
C ILE A 43 -42.64 -8.14 -23.52
N ILE A 44 -42.58 -8.15 -22.19
CA ILE A 44 -42.11 -6.97 -21.46
C ILE A 44 -40.62 -6.75 -21.71
N ALA A 45 -39.84 -7.83 -21.78
CA ALA A 45 -38.44 -7.70 -22.14
C ALA A 45 -38.28 -7.14 -23.54
N ARG A 46 -39.10 -7.60 -24.49
CA ARG A 46 -39.06 -7.04 -25.83
C ARG A 46 -39.41 -5.55 -25.83
N MET A 47 -40.44 -5.16 -25.09
CA MET A 47 -40.84 -3.76 -25.04
C MET A 47 -39.75 -2.90 -24.41
N ILE A 48 -39.14 -3.38 -23.32
CA ILE A 48 -38.08 -2.61 -22.67
C ILE A 48 -36.86 -2.49 -23.58
N SER A 49 -36.49 -3.58 -24.25
CA SER A 49 -35.38 -3.51 -25.18
C SER A 49 -35.66 -2.55 -26.33
N ASN A 50 -36.89 -2.57 -26.87
CA ASN A 50 -37.24 -1.64 -27.93
C ASN A 50 -37.18 -0.20 -27.45
N ALA A 51 -37.69 0.07 -26.24
CA ALA A 51 -37.66 1.43 -25.71
C ALA A 51 -36.22 1.90 -25.48
N VAL A 52 -35.37 1.03 -24.94
CA VAL A 52 -33.97 1.40 -24.71
C VAL A 52 -33.26 1.63 -26.04
N ASN A 53 -33.53 0.78 -27.03
CA ASN A 53 -32.93 0.98 -28.35
C ASN A 53 -33.39 2.30 -28.97
N ARG A 54 -34.67 2.64 -28.82
CA ARG A 54 -35.18 3.91 -29.33
C ARG A 54 -34.49 5.09 -28.65
N LEU A 55 -34.35 5.02 -27.32
CA LEU A 55 -33.69 6.10 -26.59
C LEU A 55 -32.22 6.22 -26.98
N MET A 56 -31.52 5.10 -27.15
CA MET A 56 -30.12 5.15 -27.56
C MET A 56 -29.98 5.65 -28.99
N ILE A 57 -30.97 5.40 -29.85
CA ILE A 57 -30.99 5.99 -31.18
C ILE A 57 -31.21 7.49 -31.10
N SER A 58 -32.04 7.96 -30.16
CA SER A 58 -32.35 9.38 -30.04
C SER A 58 -31.15 10.23 -29.63
N ARG A 59 -30.06 9.61 -29.18
CA ARG A 59 -28.89 10.37 -28.75
C ARG A 59 -27.63 9.68 -29.25
N LYS A 60 -26.49 10.32 -29.00
CA LYS A 60 -25.22 9.75 -29.40
C LYS A 60 -24.90 8.53 -28.54
N ILE A 61 -24.44 7.46 -29.20
CA ILE A 61 -24.11 6.21 -28.50
C ILE A 61 -23.17 5.43 -29.40
N ASP A 62 -22.44 4.50 -28.78
CA ASP A 62 -21.55 3.60 -29.51
C ASP A 62 -22.27 2.27 -29.75
N ALA A 63 -22.07 1.72 -30.96
CA ALA A 63 -22.82 0.53 -31.36
C ALA A 63 -22.52 -0.66 -30.46
N THR A 64 -21.23 -0.95 -30.24
CA THR A 64 -20.86 -2.14 -29.49
C THR A 64 -21.31 -2.05 -28.03
N VAL A 65 -21.06 -0.91 -27.39
CA VAL A 65 -21.45 -0.75 -26.00
C VAL A 65 -22.97 -0.73 -25.85
N ALA A 66 -23.67 -0.09 -26.78
CA ALA A 66 -25.13 -0.07 -26.73
C ALA A 66 -25.70 -1.48 -26.86
N ASP A 67 -25.17 -2.26 -27.82
CA ASP A 67 -25.63 -3.63 -27.99
C ASP A 67 -25.32 -4.48 -26.78
N PHE A 68 -24.13 -4.32 -26.20
CA PHE A 68 -23.78 -5.09 -25.01
C PHE A 68 -24.71 -4.75 -23.84
N LEU A 69 -24.99 -3.46 -23.64
CA LEU A 69 -25.88 -3.06 -22.55
C LEU A 69 -27.30 -3.58 -22.76
N SER A 70 -27.82 -3.47 -23.99
CA SER A 70 -29.16 -3.99 -24.26
C SER A 70 -29.22 -5.50 -24.10
N ALA A 71 -28.17 -6.21 -24.54
CA ALA A 71 -28.14 -7.65 -24.36
C ALA A 71 -28.12 -8.02 -22.89
N LEU A 72 -27.31 -7.31 -22.08
CA LEU A 72 -27.27 -7.60 -20.66
C LEU A 72 -28.62 -7.33 -20.00
N VAL A 73 -29.27 -6.21 -20.35
CA VAL A 73 -30.57 -5.89 -19.75
C VAL A 73 -31.61 -6.93 -20.13
N ARG A 74 -31.65 -7.30 -21.41
CA ARG A 74 -32.63 -8.29 -21.87
C ARG A 74 -32.38 -9.65 -21.23
N TYR A 75 -31.12 -10.07 -21.14
CA TYR A 75 -30.82 -11.34 -20.50
C TYR A 75 -31.15 -11.32 -19.02
N GLY A 76 -30.93 -10.20 -18.34
CA GLY A 76 -31.33 -10.10 -16.94
C GLY A 76 -32.82 -10.22 -16.77
N ILE A 77 -33.60 -9.53 -17.61
CA ILE A 77 -35.05 -9.62 -17.51
C ILE A 77 -35.52 -11.04 -17.82
N ILE A 78 -34.92 -11.68 -18.82
CA ILE A 78 -35.31 -13.04 -19.18
C ILE A 78 -34.99 -14.00 -18.04
N ALA A 79 -33.82 -13.85 -17.41
CA ALA A 79 -33.49 -14.69 -16.26
C ALA A 79 -34.48 -14.46 -15.13
N PHE A 80 -34.82 -13.20 -14.85
CA PHE A 80 -35.78 -12.90 -13.80
C PHE A 80 -37.11 -13.60 -14.05
N THR A 81 -37.66 -13.44 -15.27
CA THR A 81 -38.97 -14.03 -15.53
C THR A 81 -38.90 -15.55 -15.60
N LEU A 82 -37.78 -16.12 -16.03
CA LEU A 82 -37.65 -17.57 -16.06
C LEU A 82 -37.65 -18.14 -14.65
N ILE A 83 -36.88 -17.55 -13.73
CA ILE A 83 -36.87 -18.09 -12.38
C ILE A 83 -38.18 -17.78 -11.67
N ALA A 84 -38.85 -16.68 -12.02
CA ALA A 84 -40.18 -16.44 -11.48
C ALA A 84 -41.17 -17.52 -11.93
N ALA A 85 -41.11 -17.90 -13.20
CA ALA A 85 -41.96 -18.97 -13.70
C ALA A 85 -41.64 -20.29 -13.02
N LEU A 86 -40.35 -20.57 -12.80
CA LEU A 86 -39.97 -21.79 -12.09
C LEU A 86 -40.49 -21.80 -10.67
N GLY A 87 -40.40 -20.65 -9.97
CA GLY A 87 -40.95 -20.57 -8.63
C GLY A 87 -42.45 -20.74 -8.60
N ARG A 88 -43.15 -20.17 -9.58
CA ARG A 88 -44.59 -20.36 -9.65
C ARG A 88 -44.96 -21.80 -9.93
N VAL A 89 -44.18 -22.49 -10.77
CA VAL A 89 -44.39 -23.91 -10.99
C VAL A 89 -44.17 -24.72 -9.72
N GLY A 90 -43.12 -24.42 -8.97
CA GLY A 90 -42.82 -25.13 -7.74
C GLY A 90 -41.37 -25.54 -7.58
N VAL A 91 -40.51 -25.23 -8.54
CA VAL A 91 -39.10 -25.54 -8.41
C VAL A 91 -38.42 -24.45 -7.60
N GLN A 92 -37.70 -24.85 -6.55
CA GLN A 92 -36.99 -23.89 -5.73
C GLN A 92 -35.86 -23.24 -6.51
N THR A 93 -35.76 -21.91 -6.40
CA THR A 93 -34.78 -21.14 -7.14
C THR A 93 -33.79 -20.42 -6.24
N ALA A 94 -33.66 -20.83 -4.98
CA ALA A 94 -32.77 -20.14 -4.05
C ALA A 94 -31.31 -20.23 -4.49
N SER A 95 -30.89 -21.37 -5.05
CA SER A 95 -29.53 -21.48 -5.53
C SER A 95 -29.26 -20.54 -6.70
N VAL A 96 -30.21 -20.44 -7.63
CA VAL A 96 -30.07 -19.52 -8.75
C VAL A 96 -29.98 -18.08 -8.23
N ILE A 97 -30.81 -17.75 -7.25
CA ILE A 97 -30.77 -16.40 -6.67
C ILE A 97 -29.43 -16.16 -5.99
N ALA A 98 -28.87 -17.15 -5.30
CA ALA A 98 -27.58 -16.98 -4.64
C ALA A 98 -26.47 -16.77 -5.66
N VAL A 99 -26.47 -17.53 -6.76
CA VAL A 99 -25.45 -17.37 -7.78
C VAL A 99 -25.60 -16.02 -8.48
N LEU A 100 -26.85 -15.59 -8.72
CA LEU A 100 -27.08 -14.28 -9.29
C LEU A 100 -26.60 -13.17 -8.36
N GLY A 101 -26.81 -13.32 -7.05
CA GLY A 101 -26.28 -12.35 -6.11
C GLY A 101 -24.76 -12.33 -6.10
N ALA A 102 -24.14 -13.50 -6.21
CA ALA A 102 -22.67 -13.55 -6.30
C ALA A 102 -22.18 -12.83 -7.55
N ALA A 103 -22.84 -13.05 -8.69
CA ALA A 103 -22.45 -12.34 -9.91
C ALA A 103 -22.66 -10.83 -9.77
N GLY A 104 -23.77 -10.42 -9.15
CA GLY A 104 -24.00 -9.01 -8.93
C GLY A 104 -22.95 -8.38 -8.03
N LEU A 105 -22.55 -9.09 -6.97
CA LEU A 105 -21.48 -8.58 -6.12
C LEU A 105 -20.16 -8.49 -6.87
N ALA A 106 -19.86 -9.48 -7.71
CA ALA A 106 -18.63 -9.43 -8.50
C ALA A 106 -18.64 -8.23 -9.44
N VAL A 107 -19.75 -8.00 -10.14
CA VAL A 107 -19.80 -6.87 -11.07
C VAL A 107 -19.81 -5.55 -10.31
N GLY A 108 -20.38 -5.51 -9.09
CA GLY A 108 -20.30 -4.30 -8.30
C GLY A 108 -18.88 -4.00 -7.85
N LEU A 109 -18.14 -5.01 -7.42
CA LEU A 109 -16.73 -4.80 -7.11
C LEU A 109 -15.94 -4.38 -8.34
N ALA A 110 -16.29 -4.91 -9.50
CA ALA A 110 -15.63 -4.50 -10.74
C ALA A 110 -15.88 -3.03 -11.05
N LEU A 111 -17.12 -2.57 -10.87
CA LEU A 111 -17.50 -1.20 -11.17
C LEU A 111 -17.24 -0.25 -10.01
N GLN A 112 -16.69 -0.75 -8.90
CA GLN A 112 -16.39 0.12 -7.76
C GLN A 112 -15.51 1.29 -8.16
N GLY A 113 -14.44 1.04 -8.93
CA GLY A 113 -13.54 2.13 -9.29
C GLY A 113 -14.21 3.18 -10.14
N SER A 114 -14.96 2.76 -11.16
CA SER A 114 -15.64 3.71 -12.03
C SER A 114 -16.69 4.51 -11.26
N LEU A 115 -17.44 3.84 -10.38
CA LEU A 115 -18.45 4.56 -9.61
C LEU A 115 -17.82 5.51 -8.61
N SER A 116 -16.68 5.14 -8.03
CA SER A 116 -15.97 6.05 -7.14
C SER A 116 -15.49 7.28 -7.90
N ASN A 117 -14.98 7.09 -9.12
CA ASN A 117 -14.61 8.23 -9.94
C ASN A 117 -15.81 9.12 -10.25
N LEU A 118 -16.97 8.51 -10.53
CA LEU A 118 -18.17 9.29 -10.81
C LEU A 118 -18.60 10.10 -9.58
N ALA A 119 -18.60 9.48 -8.41
CA ALA A 119 -18.97 10.20 -7.18
C ALA A 119 -18.00 11.32 -6.89
N ALA A 120 -16.71 11.08 -7.07
CA ALA A 120 -15.71 12.12 -6.88
C ALA A 120 -15.91 13.27 -7.87
N GLY A 121 -16.26 12.96 -9.11
CA GLY A 121 -16.54 14.01 -10.08
C GLY A 121 -17.75 14.84 -9.68
N VAL A 122 -18.79 14.18 -9.16
CA VAL A 122 -19.95 14.92 -8.68
C VAL A 122 -19.56 15.86 -7.55
N LEU A 123 -18.75 15.36 -6.61
CA LEU A 123 -18.30 16.21 -5.50
C LEU A 123 -17.46 17.38 -6.00
N LEU A 124 -16.57 17.14 -6.96
CA LEU A 124 -15.75 18.21 -7.51
C LEU A 124 -16.60 19.27 -8.21
N VAL A 125 -17.64 18.84 -8.93
CA VAL A 125 -18.53 19.81 -9.57
C VAL A 125 -19.29 20.61 -8.51
N MET A 126 -19.75 19.95 -7.46
CA MET A 126 -20.56 20.64 -6.45
C MET A 126 -19.72 21.64 -5.65
N PHE A 127 -18.71 21.14 -4.94
CA PHE A 127 -17.94 22.01 -4.05
C PHE A 127 -17.00 22.95 -4.79
N ARG A 128 -16.67 22.66 -6.05
CA ARG A 128 -15.78 23.49 -6.85
C ARG A 128 -14.45 23.78 -6.16
N PRO A 129 -13.65 22.75 -5.83
CA PRO A 129 -12.28 23.04 -5.36
C PRO A 129 -11.44 23.77 -6.38
N PHE A 130 -11.70 23.55 -7.67
CA PHE A 130 -11.03 24.26 -8.74
C PHE A 130 -12.00 24.41 -9.91
N ARG A 131 -11.69 25.36 -10.78
CA ARG A 131 -12.52 25.68 -11.92
C ARG A 131 -11.70 25.63 -13.20
N ALA A 132 -12.38 25.74 -14.34
CA ALA A 132 -11.68 25.78 -15.61
C ALA A 132 -10.84 27.04 -15.72
N GLY A 133 -9.64 26.88 -16.28
CA GLY A 133 -8.72 27.99 -16.40
C GLY A 133 -8.03 28.39 -15.12
N GLU A 134 -7.99 27.51 -14.12
CA GLU A 134 -7.41 27.81 -12.82
C GLU A 134 -6.23 26.89 -12.59
N TYR A 135 -5.05 27.48 -12.39
CA TYR A 135 -3.85 26.70 -12.18
C TYR A 135 -3.90 25.96 -10.86
N VAL A 136 -3.63 24.65 -10.89
CA VAL A 136 -3.76 23.79 -9.72
C VAL A 136 -2.57 22.84 -9.69
N ASP A 137 -2.53 22.00 -8.65
CA ASP A 137 -1.52 20.94 -8.51
C ASP A 137 -2.21 19.74 -7.87
N LEU A 138 -2.57 18.77 -8.70
CA LEU A 138 -3.34 17.61 -8.26
C LEU A 138 -2.40 16.43 -8.06
N GLY A 139 -1.84 16.32 -6.86
CA GLY A 139 -0.98 15.20 -6.53
C GLY A 139 0.36 15.17 -7.23
N GLY A 140 1.02 16.31 -7.39
CA GLY A 140 2.34 16.38 -7.96
C GLY A 140 2.39 16.88 -9.39
N VAL A 141 1.28 16.84 -10.11
CA VAL A 141 1.21 17.36 -11.47
C VAL A 141 0.44 18.67 -11.45
N ALA A 142 1.01 19.68 -12.09
CA ALA A 142 0.44 21.03 -12.05
C ALA A 142 0.16 21.51 -13.46
N GLY A 143 -0.97 22.16 -13.64
CA GLY A 143 -1.32 22.70 -14.95
C GLY A 143 -2.65 23.41 -14.89
N THR A 144 -2.94 24.13 -15.96
CA THR A 144 -4.21 24.84 -16.06
C THR A 144 -5.34 23.88 -16.36
N VAL A 145 -6.39 23.93 -15.53
CA VAL A 145 -7.52 23.03 -15.72
C VAL A 145 -8.31 23.47 -16.95
N LEU A 146 -8.64 22.50 -17.80
CA LEU A 146 -9.42 22.74 -19.01
C LEU A 146 -10.89 22.45 -18.81
N SER A 147 -11.22 21.27 -18.28
CA SER A 147 -12.61 20.92 -18.01
C SER A 147 -12.62 19.80 -16.97
N VAL A 148 -13.77 19.65 -16.31
CA VAL A 148 -13.98 18.60 -15.32
C VAL A 148 -15.13 17.74 -15.81
N GLN A 149 -14.81 16.56 -16.35
CA GLN A 149 -15.83 15.63 -16.79
C GLN A 149 -16.35 14.82 -15.61
N ILE A 150 -17.25 13.90 -15.89
CA ILE A 150 -17.84 13.07 -14.85
C ILE A 150 -16.82 12.10 -14.28
N PHE A 151 -15.97 11.53 -15.13
CA PHE A 151 -15.03 10.50 -14.69
C PHE A 151 -13.62 11.01 -14.47
N SER A 152 -13.18 12.05 -15.17
CA SER A 152 -11.81 12.50 -15.04
C SER A 152 -11.69 13.92 -15.60
N THR A 153 -10.85 14.72 -14.96
CA THR A 153 -10.58 16.06 -15.47
C THR A 153 -9.33 16.05 -16.36
N THR A 154 -9.25 17.05 -17.23
CA THR A 154 -8.14 17.19 -18.16
C THR A 154 -7.53 18.58 -17.98
N MET A 155 -6.20 18.64 -17.85
CA MET A 155 -5.52 19.89 -17.65
C MET A 155 -4.27 19.95 -18.51
N ARG A 156 -3.91 21.16 -18.93
CA ARG A 156 -2.72 21.38 -19.75
C ARG A 156 -1.62 21.95 -18.87
N THR A 157 -0.47 21.28 -18.86
CA THR A 157 0.65 21.76 -18.06
C THR A 157 1.32 22.94 -18.74
N ALA A 158 2.24 23.57 -18.01
CA ALA A 158 3.00 24.68 -18.58
C ALA A 158 3.85 24.24 -19.76
N ASP A 159 4.28 22.98 -19.76
CA ASP A 159 5.03 22.44 -20.88
C ASP A 159 4.19 22.35 -22.14
N GLY A 160 2.89 22.12 -22.01
CA GLY A 160 1.98 22.03 -23.14
C GLY A 160 1.33 20.67 -23.32
N LYS A 161 1.67 19.69 -22.52
CA LYS A 161 1.08 18.37 -22.64
C LYS A 161 -0.23 18.29 -21.85
N ILE A 162 -1.14 17.44 -22.32
CA ILE A 162 -2.45 17.27 -21.72
C ILE A 162 -2.41 16.08 -20.78
N ILE A 163 -2.91 16.27 -19.56
CA ILE A 163 -2.96 15.22 -18.55
C ILE A 163 -4.42 15.00 -18.16
N VAL A 164 -4.82 13.73 -18.16
CA VAL A 164 -6.17 13.33 -17.75
C VAL A 164 -6.03 12.61 -16.42
N ILE A 165 -6.65 13.16 -15.38
CA ILE A 165 -6.53 12.64 -14.02
C ILE A 165 -7.89 12.11 -13.59
N PRO A 166 -8.01 10.85 -13.17
CA PRO A 166 -9.30 10.36 -12.66
C PRO A 166 -9.74 11.13 -11.44
N ASN A 167 -11.06 11.34 -11.33
CA ASN A 167 -11.58 12.21 -10.28
C ASN A 167 -11.40 11.61 -8.89
N GLY A 168 -11.39 10.29 -8.77
CA GLY A 168 -11.16 9.68 -7.47
C GLY A 168 -9.78 10.01 -6.92
N LYS A 169 -8.75 9.95 -7.77
CA LYS A 169 -7.41 10.30 -7.34
C LYS A 169 -7.25 11.80 -7.14
N ILE A 170 -8.20 12.61 -7.59
CA ILE A 170 -8.17 14.04 -7.32
C ILE A 170 -8.80 14.32 -5.96
N ILE A 171 -9.96 13.72 -5.69
CA ILE A 171 -10.59 13.87 -4.39
C ILE A 171 -9.69 13.32 -3.29
N ALA A 172 -9.08 12.17 -3.51
CA ALA A 172 -8.04 11.70 -2.60
C ALA A 172 -6.78 12.52 -2.78
N GLY A 173 -6.16 12.88 -1.67
CA GLY A 173 -4.94 13.67 -1.70
C GLY A 173 -5.21 15.16 -1.78
N ASN A 174 -4.14 15.93 -1.61
CA ASN A 174 -4.26 17.37 -1.54
C ASN A 174 -4.56 17.97 -2.90
N ILE A 175 -5.16 19.15 -2.89
CA ILE A 175 -5.43 19.92 -4.11
C ILE A 175 -4.82 21.30 -3.94
N ILE A 176 -3.57 21.47 -4.36
CA ILE A 176 -2.92 22.77 -4.25
C ILE A 176 -3.46 23.67 -5.35
N ASN A 177 -3.87 24.88 -4.96
CA ASN A 177 -4.46 25.84 -5.89
C ASN A 177 -3.59 27.09 -5.88
N PHE A 178 -2.84 27.30 -6.96
CA PHE A 178 -1.91 28.42 -7.02
C PHE A 178 -2.61 29.74 -7.28
N SER A 179 -3.68 29.76 -8.07
CA SER A 179 -4.32 31.00 -8.48
C SER A 179 -5.55 31.35 -7.64
N ARG A 180 -5.83 30.59 -6.58
CA ARG A 180 -6.94 30.95 -5.70
C ARG A 180 -6.64 32.22 -4.92
N GLU A 181 -5.42 32.34 -4.38
CA GLU A 181 -5.04 33.50 -3.59
C GLU A 181 -4.42 34.55 -4.50
N PRO A 182 -4.91 35.79 -4.50
CA PRO A 182 -4.37 36.79 -5.43
C PRO A 182 -2.91 37.16 -5.17
N VAL A 183 -2.41 36.97 -3.95
CA VAL A 183 -1.06 37.40 -3.58
C VAL A 183 -0.24 36.18 -3.16
N ARG A 184 0.97 36.08 -3.71
CA ARG A 184 1.88 35.00 -3.39
C ARG A 184 3.27 35.57 -3.10
N ARG A 185 4.11 34.74 -2.48
CA ARG A 185 5.40 35.16 -1.96
C ARG A 185 6.55 34.52 -2.72
N ASN A 186 7.56 35.32 -3.02
CA ASN A 186 8.83 34.84 -3.55
C ASN A 186 9.80 34.58 -2.42
N GLU A 187 10.79 33.71 -2.68
CA GLU A 187 11.80 33.36 -1.70
C GLU A 187 13.15 33.28 -2.40
N PHE A 188 13.95 34.33 -2.24
CA PHE A 188 15.30 34.34 -2.79
C PHE A 188 16.29 33.83 -1.76
N ILE A 189 17.23 33.01 -2.21
CA ILE A 189 18.31 32.48 -1.36
C ILE A 189 19.62 32.94 -1.97
N ILE A 190 20.19 34.03 -1.44
CA ILE A 190 21.43 34.55 -1.97
C ILE A 190 22.59 34.07 -1.11
N GLY A 191 23.62 33.53 -1.77
CA GLY A 191 24.79 33.06 -1.08
C GLY A 191 26.01 33.91 -1.37
N VAL A 192 26.52 34.59 -0.35
CA VAL A 192 27.67 35.47 -0.51
C VAL A 192 28.81 34.95 0.34
N ALA A 193 30.01 35.47 0.08
CA ALA A 193 31.21 35.00 0.77
C ALA A 193 31.19 35.41 2.24
N TYR A 194 31.95 34.68 3.05
CA TYR A 194 32.01 34.98 4.48
C TYR A 194 32.62 36.35 4.75
N ASP A 195 33.49 36.83 3.87
CA ASP A 195 34.12 38.12 4.07
C ASP A 195 33.18 39.28 3.79
N SER A 196 32.04 39.02 3.17
CA SER A 196 31.14 40.11 2.78
C SER A 196 30.54 40.78 4.02
N ASP A 197 30.34 42.08 3.92
CA ASP A 197 29.79 42.85 5.04
C ASP A 197 28.29 42.58 5.15
N ILE A 198 27.86 42.15 6.34
CA ILE A 198 26.45 41.81 6.54
C ILE A 198 25.58 43.05 6.37
N ASP A 199 26.00 44.18 6.94
CA ASP A 199 25.21 45.41 6.83
C ASP A 199 25.11 45.87 5.38
N GLN A 200 26.21 45.81 4.63
CA GLN A 200 26.18 46.23 3.24
C GLN A 200 25.29 45.31 2.41
N VAL A 201 25.38 44.00 2.63
CA VAL A 201 24.53 43.07 1.88
C VAL A 201 23.07 43.33 2.19
N LYS A 202 22.74 43.49 3.47
CA LYS A 202 21.34 43.73 3.84
C LYS A 202 20.83 45.04 3.26
N GLN A 203 21.64 46.09 3.29
CA GLN A 203 21.17 47.38 2.79
C GLN A 203 21.03 47.37 1.26
N ILE A 204 21.91 46.66 0.57
CA ILE A 204 21.77 46.55 -0.89
C ILE A 204 20.51 45.77 -1.24
N LEU A 205 20.27 44.65 -0.57
CA LEU A 205 19.06 43.89 -0.83
C LEU A 205 17.81 44.67 -0.49
N THR A 206 17.83 45.44 0.61
CA THR A 206 16.69 46.26 0.98
C THR A 206 16.43 47.34 -0.06
N ASN A 207 17.48 47.98 -0.56
CA ASN A 207 17.29 48.98 -1.62
C ASN A 207 16.72 48.37 -2.87
N ILE A 208 17.21 47.18 -3.25
CA ILE A 208 16.67 46.51 -4.44
C ILE A 208 15.20 46.18 -4.24
N ILE A 209 14.82 45.69 -3.07
CA ILE A 209 13.42 45.36 -2.81
C ILE A 209 12.55 46.62 -2.81
N GLN A 210 13.03 47.70 -2.20
CA GLN A 210 12.26 48.93 -2.14
C GLN A 210 12.07 49.56 -3.52
N SER A 211 13.09 49.51 -4.37
CA SER A 211 12.99 50.10 -5.69
C SER A 211 11.97 49.38 -6.57
N GLU A 212 11.64 48.13 -6.27
CA GLU A 212 10.66 47.40 -7.05
C GLU A 212 9.25 47.91 -6.78
N ASP A 213 8.46 48.07 -7.84
CA ASP A 213 7.09 48.57 -7.72
C ASP A 213 6.05 47.47 -7.62
N ARG A 214 6.33 46.29 -8.17
CA ARG A 214 5.38 45.19 -8.13
C ARG A 214 5.46 44.38 -6.84
N ILE A 215 6.36 44.73 -5.93
CA ILE A 215 6.44 44.10 -4.62
C ILE A 215 5.57 44.89 -3.66
N LEU A 216 4.61 44.22 -3.04
CA LEU A 216 3.69 44.89 -2.12
C LEU A 216 4.44 45.39 -0.89
N LYS A 217 4.22 46.65 -0.53
CA LYS A 217 4.92 47.25 0.59
C LYS A 217 4.20 47.06 1.92
N ASP A 218 2.91 46.71 1.89
CA ASP A 218 2.17 46.47 3.13
C ASP A 218 2.38 45.07 3.67
N ARG A 219 3.00 44.18 2.91
CA ARG A 219 3.31 42.84 3.38
C ARG A 219 4.72 42.81 3.96
N GLU A 220 5.05 41.68 4.58
CA GLU A 220 6.38 41.52 5.16
C GLU A 220 7.44 41.43 4.08
N MET A 221 8.56 42.10 4.32
CA MET A 221 9.69 42.14 3.39
C MET A 221 10.95 41.70 4.15
N THR A 222 11.19 40.40 4.17
CA THR A 222 12.26 39.84 5.00
C THR A 222 13.58 39.86 4.25
N VAL A 223 14.59 40.48 4.85
CA VAL A 223 15.97 40.38 4.38
C VAL A 223 16.85 40.04 5.57
N ARG A 224 17.11 38.76 5.79
CA ARG A 224 17.82 38.31 6.98
C ARG A 224 18.86 37.27 6.61
N LEU A 225 19.86 37.12 7.48
CA LEU A 225 20.87 36.09 7.32
C LEU A 225 20.29 34.76 7.79
N ASN A 226 20.07 33.85 6.85
CA ASN A 226 19.32 32.64 7.13
C ASN A 226 20.17 31.52 7.73
N GLU A 227 21.37 31.30 7.19
CA GLU A 227 22.20 30.21 7.69
C GLU A 227 23.65 30.46 7.31
N LEU A 228 24.53 29.75 8.00
CA LEU A 228 25.97 29.76 7.71
C LEU A 228 26.29 28.45 6.98
N GLY A 229 26.42 28.53 5.66
CA GLY A 229 26.64 27.35 4.84
C GLY A 229 28.07 26.89 4.84
N ALA A 230 28.32 25.84 4.05
CA ALA A 230 29.65 25.27 3.97
C ALA A 230 30.64 26.22 3.33
N SER A 231 30.24 26.91 2.26
CA SER A 231 31.13 27.82 1.56
C SER A 231 30.61 29.24 1.45
N SER A 232 29.43 29.54 2.00
CA SER A 232 28.85 30.86 1.86
C SER A 232 27.85 31.08 2.99
N ILE A 233 27.55 32.35 3.26
CA ILE A 233 26.50 32.72 4.17
C ILE A 233 25.24 33.02 3.35
N ASN A 234 24.16 32.32 3.66
CA ASN A 234 22.95 32.34 2.84
C ASN A 234 21.97 33.36 3.40
N PHE A 235 21.77 34.45 2.68
CA PHE A 235 20.72 35.40 3.00
C PHE A 235 19.40 34.94 2.39
N VAL A 236 18.30 35.30 3.06
CA VAL A 236 16.97 34.96 2.60
C VAL A 236 16.19 36.24 2.36
N VAL A 237 15.53 36.33 1.21
CA VAL A 237 14.70 37.47 0.85
C VAL A 237 13.30 36.93 0.53
N ARG A 238 12.30 37.41 1.26
CA ARG A 238 10.92 37.00 1.06
C ARG A 238 10.08 38.25 0.81
N VAL A 239 9.41 38.29 -0.34
CA VAL A 239 8.61 39.45 -0.73
C VAL A 239 7.32 38.95 -1.36
N TRP A 240 6.23 39.66 -1.10
CA TRP A 240 4.92 39.30 -1.63
C TRP A 240 4.60 40.14 -2.86
N SER A 241 3.89 39.51 -3.80
CA SER A 241 3.47 40.18 -5.02
C SER A 241 2.22 39.50 -5.54
N ASN A 242 1.53 40.18 -6.46
CA ASN A 242 0.33 39.62 -7.06
C ASN A 242 0.70 38.36 -7.85
N SER A 243 -0.22 37.40 -7.87
CA SER A 243 0.08 36.09 -8.45
C SER A 243 0.46 36.18 -9.93
N GLY A 244 0.05 37.24 -10.63
CA GLY A 244 0.39 37.39 -12.03
C GLY A 244 1.76 37.97 -12.31
N ASP A 245 2.38 38.61 -11.32
CA ASP A 245 3.70 39.22 -11.49
C ASP A 245 4.79 38.48 -10.75
N LEU A 246 4.49 37.28 -10.23
CA LEU A 246 5.44 36.58 -9.36
C LEU A 246 6.72 36.23 -10.10
N GLN A 247 6.59 35.58 -11.26
CA GLN A 247 7.78 35.11 -11.97
C GLN A 247 8.59 36.27 -12.53
N ASN A 248 7.91 37.28 -13.08
CA ASN A 248 8.62 38.45 -13.60
C ASN A 248 9.36 39.17 -12.49
N VAL A 249 8.72 39.32 -11.32
CA VAL A 249 9.40 39.94 -10.18
C VAL A 249 10.61 39.11 -9.77
N TYR A 250 10.46 37.79 -9.73
CA TYR A 250 11.60 36.94 -9.37
C TYR A 250 12.76 37.16 -10.31
N TRP A 251 12.50 37.12 -11.62
CA TRP A 251 13.58 37.27 -12.60
C TRP A 251 14.23 38.65 -12.51
N ASP A 252 13.42 39.71 -12.43
CA ASP A 252 13.96 41.06 -12.37
C ASP A 252 14.78 41.28 -11.10
N VAL A 253 14.27 40.82 -9.95
CA VAL A 253 15.00 40.98 -8.70
C VAL A 253 16.29 40.18 -8.72
N LEU A 254 16.28 38.97 -9.27
CA LEU A 254 17.51 38.18 -9.34
C LEU A 254 18.55 38.86 -10.21
N GLU A 255 18.14 39.37 -11.38
CA GLU A 255 19.09 40.05 -12.25
C GLU A 255 19.66 41.30 -11.59
N ARG A 256 18.80 42.09 -10.94
CA ARG A 256 19.28 43.29 -10.27
C ARG A 256 20.18 42.95 -9.10
N ILE A 257 19.89 41.85 -8.39
CA ILE A 257 20.75 41.42 -7.29
C ILE A 257 22.14 41.11 -7.81
N LYS A 258 22.22 40.34 -8.91
CA LYS A 258 23.52 40.01 -9.46
C LYS A 258 24.26 41.26 -9.92
N ARG A 259 23.57 42.15 -10.62
CA ARG A 259 24.23 43.36 -11.14
C ARG A 259 24.74 44.24 -10.01
N GLU A 260 23.92 44.46 -8.98
CA GLU A 260 24.35 45.33 -7.90
C GLU A 260 25.43 44.70 -7.03
N PHE A 261 25.38 43.37 -6.83
CA PHE A 261 26.45 42.73 -6.09
C PHE A 261 27.77 42.77 -6.85
N ASP A 262 27.72 42.59 -8.18
CA ASP A 262 28.94 42.73 -8.96
C ASP A 262 29.48 44.15 -8.94
N ALA A 263 28.58 45.15 -9.00
CA ALA A 263 29.03 46.53 -8.96
C ALA A 263 29.61 46.92 -7.60
N ALA A 264 29.04 46.41 -6.51
CA ALA A 264 29.45 46.80 -5.18
C ALA A 264 30.63 45.99 -4.64
N GLY A 265 31.13 45.02 -5.39
CA GLY A 265 32.24 44.22 -4.95
C GLY A 265 31.89 42.98 -4.17
N ILE A 266 30.61 42.77 -3.85
CA ILE A 266 30.20 41.54 -3.18
C ILE A 266 30.34 40.37 -4.15
N SER A 267 30.95 39.28 -3.69
CA SER A 267 31.27 38.16 -4.55
C SER A 267 30.44 36.94 -4.16
N PHE A 268 29.99 36.21 -5.19
CA PHE A 268 29.34 34.93 -4.99
C PHE A 268 30.41 33.86 -4.99
N PRO A 269 30.65 33.17 -3.87
CA PRO A 269 31.82 32.29 -3.79
C PRO A 269 31.61 30.97 -4.51
N TYR A 270 32.66 30.49 -5.12
CA TYR A 270 32.71 29.13 -5.65
C TYR A 270 32.83 28.15 -4.48
N PRO A 271 32.54 26.87 -4.71
CA PRO A 271 32.74 25.86 -3.65
C PRO A 271 34.14 25.93 -3.05
N GLN A 272 34.20 26.27 -1.77
CA GLN A 272 35.48 26.45 -1.09
C GLN A 272 36.03 25.11 -0.61
N MET A 273 37.36 25.07 -0.45
CA MET A 273 38.04 23.87 0.01
C MET A 273 39.39 24.28 0.59
N ASP A 274 39.68 23.80 1.79
CA ASP A 274 40.98 24.02 2.42
C ASP A 274 41.83 22.77 2.21
N VAL A 275 42.97 22.93 1.56
CA VAL A 275 43.86 21.82 1.25
C VAL A 275 45.08 21.93 2.14
N ASN A 276 45.26 20.93 3.00
CA ASN A 276 46.42 20.87 3.89
C ASN A 276 47.49 20.04 3.21
N PHE A 277 48.41 20.74 2.53
CA PHE A 277 49.42 20.08 1.72
C PHE A 277 50.39 19.29 2.59
N LYS A 278 50.69 18.07 2.17
CA LYS A 278 51.65 17.21 2.86
C LYS A 278 52.59 16.59 1.84
N ARG A 279 53.89 16.68 2.12
CA ARG A 279 54.92 16.12 1.27
C ARG A 279 54.83 16.63 -0.16
N ALA B 19 -67.86 -20.88 -11.32
CA ALA B 19 -68.14 -19.64 -10.60
C ALA B 19 -67.85 -19.79 -9.12
N ASN B 20 -66.58 -19.97 -8.79
CA ASN B 20 -66.17 -20.10 -7.40
C ASN B 20 -66.38 -18.79 -6.64
N GLN B 21 -66.66 -18.91 -5.35
CA GLN B 21 -66.98 -17.75 -4.52
C GLN B 21 -65.88 -17.42 -3.51
N ALA B 22 -65.05 -18.39 -3.14
CA ALA B 22 -63.99 -18.14 -2.15
C ALA B 22 -62.66 -17.81 -2.83
N LEU B 23 -62.16 -18.74 -3.64
CA LEU B 23 -60.85 -18.54 -4.28
C LEU B 23 -60.90 -17.43 -5.32
N LEU B 24 -62.00 -17.34 -6.08
CA LEU B 24 -62.13 -16.26 -7.06
C LEU B 24 -62.21 -14.91 -6.35
N LEU B 25 -62.94 -14.84 -5.23
CA LEU B 25 -62.98 -13.60 -4.46
C LEU B 25 -61.60 -13.25 -3.92
N SER B 26 -60.84 -14.25 -3.47
CA SER B 26 -59.48 -13.98 -3.00
C SER B 26 -58.60 -13.44 -4.13
N TYR B 27 -58.72 -14.02 -5.32
CA TYR B 27 -57.94 -13.54 -6.46
C TYR B 27 -58.33 -12.11 -6.83
N ALA B 28 -59.63 -11.81 -6.82
CA ALA B 28 -60.07 -10.45 -7.10
C ALA B 28 -59.56 -9.47 -6.06
N VAL B 29 -59.58 -9.86 -4.78
CA VAL B 29 -59.04 -9.01 -3.73
C VAL B 29 -57.56 -8.77 -3.96
N ASN B 30 -56.81 -9.82 -4.33
CA ASN B 30 -55.38 -9.66 -4.56
C ASN B 30 -55.09 -8.72 -5.72
N ILE B 31 -55.82 -8.86 -6.84
CA ILE B 31 -55.52 -8.01 -7.99
C ILE B 31 -55.93 -6.56 -7.72
N VAL B 32 -57.08 -6.36 -7.04
CA VAL B 32 -57.47 -5.00 -6.69
C VAL B 32 -56.48 -4.39 -5.71
N ALA B 33 -55.98 -5.18 -4.77
CA ALA B 33 -54.98 -4.69 -3.84
C ALA B 33 -53.69 -4.32 -4.55
N ALA B 34 -53.28 -5.11 -5.53
CA ALA B 34 -52.08 -4.79 -6.30
C ALA B 34 -52.25 -3.49 -7.07
N LEU B 35 -53.42 -3.30 -7.70
CA LEU B 35 -53.67 -2.05 -8.40
C LEU B 35 -53.68 -0.86 -7.44
N ALA B 36 -54.29 -1.03 -6.27
CA ALA B 36 -54.27 0.04 -5.27
C ALA B 36 -52.84 0.33 -4.81
N ILE B 37 -52.04 -0.72 -4.63
CA ILE B 37 -50.66 -0.54 -4.19
C ILE B 37 -49.87 0.25 -5.21
N ILE B 38 -50.01 -0.10 -6.50
CA ILE B 38 -49.22 0.60 -7.52
C ILE B 38 -49.71 2.05 -7.67
N ILE B 39 -51.02 2.29 -7.59
CA ILE B 39 -51.53 3.65 -7.70
C ILE B 39 -51.06 4.50 -6.53
N VAL B 40 -51.17 3.96 -5.32
CA VAL B 40 -50.73 4.70 -4.14
C VAL B 40 -49.22 4.92 -4.17
N GLY B 41 -48.46 3.94 -4.67
CA GLY B 41 -47.04 4.15 -4.81
C GLY B 41 -46.71 5.26 -5.79
N LEU B 42 -47.42 5.32 -6.91
CA LEU B 42 -47.20 6.39 -7.87
C LEU B 42 -47.51 7.75 -7.25
N ILE B 43 -48.65 7.88 -6.58
CA ILE B 43 -49.02 9.18 -6.03
C ILE B 43 -48.10 9.56 -4.87
N ILE B 44 -47.66 8.59 -4.07
CA ILE B 44 -46.74 8.89 -2.97
C ILE B 44 -45.37 9.29 -3.51
N ALA B 45 -44.92 8.66 -4.59
CA ALA B 45 -43.68 9.07 -5.23
C ALA B 45 -43.81 10.49 -5.77
N ARG B 46 -44.94 10.83 -6.37
CA ARG B 46 -45.16 12.19 -6.84
C ARG B 46 -45.13 13.19 -5.68
N MET B 47 -45.80 12.86 -4.57
CA MET B 47 -45.81 13.76 -3.42
C MET B 47 -44.42 13.93 -2.83
N ILE B 48 -43.66 12.84 -2.70
CA ILE B 48 -42.32 12.94 -2.15
C ILE B 48 -41.41 13.74 -3.06
N SER B 49 -41.51 13.52 -4.38
CA SER B 49 -40.72 14.30 -5.32
C SER B 49 -41.08 15.78 -5.26
N ASN B 50 -42.38 16.10 -5.16
CA ASN B 50 -42.80 17.50 -5.04
C ASN B 50 -42.27 18.13 -3.76
N ALA B 51 -42.34 17.40 -2.65
CA ALA B 51 -41.83 17.93 -1.38
C ALA B 51 -40.32 18.16 -1.43
N VAL B 52 -39.58 17.21 -2.01
CA VAL B 52 -38.13 17.36 -2.12
C VAL B 52 -37.79 18.53 -3.04
N ASN B 53 -38.52 18.68 -4.15
CA ASN B 53 -38.29 19.81 -5.04
C ASN B 53 -38.57 21.13 -4.34
N ARG B 54 -39.65 21.18 -3.56
CA ARG B 54 -39.97 22.40 -2.80
C ARG B 54 -38.86 22.73 -1.80
N LEU B 55 -38.37 21.71 -1.08
CA LEU B 55 -37.30 21.95 -0.13
C LEU B 55 -36.02 22.40 -0.81
N MET B 56 -35.67 21.80 -1.95
CA MET B 56 -34.48 22.21 -2.67
C MET B 56 -34.62 23.60 -3.26
N ILE B 57 -35.85 24.00 -3.61
CA ILE B 57 -36.11 25.37 -4.02
C ILE B 57 -35.94 26.33 -2.84
N SER B 58 -36.34 25.91 -1.64
CA SER B 58 -36.26 26.76 -0.46
C SER B 58 -34.83 27.11 -0.06
N ARG B 59 -33.83 26.42 -0.59
CA ARG B 59 -32.44 26.68 -0.22
C ARG B 59 -31.57 26.64 -1.48
N LYS B 60 -30.29 26.94 -1.29
CA LYS B 60 -29.35 26.92 -2.40
C LYS B 60 -29.09 25.49 -2.82
N ILE B 61 -29.12 25.26 -4.14
CA ILE B 61 -28.91 23.92 -4.70
C ILE B 61 -28.45 24.08 -6.14
N ASP B 62 -27.82 23.05 -6.68
CA ASP B 62 -27.41 23.01 -8.08
C ASP B 62 -28.46 22.25 -8.89
N ALA B 63 -28.75 22.76 -10.09
CA ALA B 63 -29.85 22.21 -10.88
C ALA B 63 -29.58 20.76 -11.27
N THR B 64 -28.39 20.48 -11.82
CA THR B 64 -28.11 19.12 -12.31
C THR B 64 -28.10 18.11 -11.18
N VAL B 65 -27.41 18.42 -10.08
CA VAL B 65 -27.35 17.49 -8.96
C VAL B 65 -28.71 17.31 -8.31
N ALA B 66 -29.48 18.40 -8.17
CA ALA B 66 -30.82 18.29 -7.60
C ALA B 66 -31.72 17.42 -8.47
N ASP B 67 -31.68 17.61 -9.79
CA ASP B 67 -32.48 16.78 -10.68
C ASP B 67 -32.05 15.33 -10.64
N PHE B 68 -30.73 15.07 -10.59
CA PHE B 68 -30.26 13.70 -10.51
C PHE B 68 -30.70 13.03 -9.21
N LEU B 69 -30.62 13.75 -8.09
CA LEU B 69 -31.03 13.18 -6.82
C LEU B 69 -32.53 12.91 -6.80
N SER B 70 -33.34 13.85 -7.29
CA SER B 70 -34.78 13.63 -7.33
C SER B 70 -35.15 12.48 -8.25
N ALA B 71 -34.47 12.38 -9.41
CA ALA B 71 -34.72 11.26 -10.32
C ALA B 71 -34.37 9.93 -9.67
N LEU B 72 -33.23 9.87 -8.97
CA LEU B 72 -32.86 8.63 -8.30
C LEU B 72 -33.86 8.26 -7.21
N VAL B 73 -34.31 9.24 -6.41
CA VAL B 73 -35.27 8.95 -5.35
C VAL B 73 -36.59 8.48 -5.94
N ARG B 74 -37.08 9.17 -6.97
CA ARG B 74 -38.35 8.77 -7.58
C ARG B 74 -38.25 7.40 -8.22
N TYR B 75 -37.14 7.11 -8.91
CA TYR B 75 -36.98 5.80 -9.51
C TYR B 75 -36.88 4.70 -8.47
N GLY B 76 -36.21 4.97 -7.34
CA GLY B 76 -36.16 4.01 -6.26
C GLY B 76 -37.54 3.73 -5.69
N ILE B 77 -38.34 4.77 -5.46
CA ILE B 77 -39.68 4.56 -4.93
C ILE B 77 -40.55 3.79 -5.94
N ILE B 78 -40.41 4.13 -7.22
CA ILE B 78 -41.18 3.44 -8.25
C ILE B 78 -40.80 1.97 -8.32
N ALA B 79 -39.50 1.67 -8.25
CA ALA B 79 -39.07 0.28 -8.24
C ALA B 79 -39.61 -0.45 -7.02
N PHE B 80 -39.55 0.19 -5.85
CA PHE B 80 -40.09 -0.42 -4.64
C PHE B 80 -41.55 -0.78 -4.81
N THR B 81 -42.36 0.18 -5.24
CA THR B 81 -43.80 -0.09 -5.34
C THR B 81 -44.11 -1.07 -6.46
N LEU B 82 -43.32 -1.08 -7.54
CA LEU B 82 -43.55 -2.04 -8.61
C LEU B 82 -43.29 -3.46 -8.13
N ILE B 83 -42.18 -3.69 -7.43
CA ILE B 83 -41.91 -5.04 -6.98
C ILE B 83 -42.85 -5.43 -5.84
N ALA B 84 -43.32 -4.46 -5.06
CA ALA B 84 -44.35 -4.75 -4.07
C ALA B 84 -45.64 -5.21 -4.73
N ALA B 85 -46.04 -4.52 -5.81
CA ALA B 85 -47.23 -4.94 -6.56
C ALA B 85 -47.03 -6.33 -7.17
N LEU B 86 -45.85 -6.60 -7.71
CA LEU B 86 -45.57 -7.93 -8.25
C LEU B 86 -45.67 -9.00 -7.17
N GLY B 87 -45.12 -8.73 -5.98
CA GLY B 87 -45.22 -9.69 -4.89
C GLY B 87 -46.65 -9.90 -4.45
N ARG B 88 -47.45 -8.83 -4.42
CA ARG B 88 -48.85 -8.98 -4.06
C ARG B 88 -49.61 -9.78 -5.10
N VAL B 89 -49.28 -9.59 -6.38
CA VAL B 89 -49.87 -10.40 -7.44
C VAL B 89 -49.50 -11.87 -7.29
N GLY B 90 -48.24 -12.16 -6.99
CA GLY B 90 -47.78 -13.52 -6.83
C GLY B 90 -46.49 -13.85 -7.55
N VAL B 91 -45.88 -12.90 -8.24
CA VAL B 91 -44.60 -13.12 -8.89
C VAL B 91 -43.49 -12.95 -7.87
N GLN B 92 -42.61 -13.94 -7.77
CA GLN B 92 -41.50 -13.86 -6.84
C GLN B 92 -40.52 -12.78 -7.28
N THR B 93 -40.08 -11.97 -6.32
CA THR B 93 -39.19 -10.84 -6.61
C THR B 93 -37.85 -10.96 -5.91
N ALA B 94 -37.48 -12.16 -5.46
CA ALA B 94 -36.23 -12.33 -4.73
C ALA B 94 -35.01 -11.99 -5.59
N SER B 95 -35.04 -12.33 -6.88
CA SER B 95 -33.93 -11.98 -7.75
C SER B 95 -33.80 -10.47 -7.92
N VAL B 96 -34.93 -9.78 -8.09
CA VAL B 96 -34.88 -8.32 -8.19
C VAL B 96 -34.33 -7.72 -6.91
N ILE B 97 -34.74 -8.26 -5.76
CA ILE B 97 -34.22 -7.77 -4.49
C ILE B 97 -32.72 -8.02 -4.37
N ALA B 98 -32.26 -9.18 -4.84
CA ALA B 98 -30.82 -9.48 -4.78
C ALA B 98 -30.02 -8.54 -5.67
N VAL B 99 -30.52 -8.25 -6.88
CA VAL B 99 -29.82 -7.34 -7.77
C VAL B 99 -29.84 -5.92 -7.21
N LEU B 100 -30.96 -5.51 -6.61
CA LEU B 100 -31.03 -4.21 -5.96
C LEU B 100 -30.06 -4.11 -4.79
N GLY B 101 -29.92 -5.19 -4.02
CA GLY B 101 -28.94 -5.20 -2.95
C GLY B 101 -27.52 -5.11 -3.47
N ALA B 102 -27.24 -5.79 -4.58
CA ALA B 102 -25.92 -5.69 -5.20
C ALA B 102 -25.64 -4.26 -5.65
N ALA B 103 -26.62 -3.60 -6.28
CA ALA B 103 -26.45 -2.22 -6.68
C ALA B 103 -26.26 -1.30 -5.48
N GLY B 104 -27.01 -1.54 -4.40
CA GLY B 104 -26.83 -0.74 -3.19
C GLY B 104 -25.46 -0.92 -2.58
N LEU B 105 -24.95 -2.15 -2.56
CA LEU B 105 -23.59 -2.39 -2.07
C LEU B 105 -22.56 -1.70 -2.95
N ALA B 106 -22.75 -1.74 -4.28
CA ALA B 106 -21.82 -1.07 -5.16
C ALA B 106 -21.81 0.44 -4.92
N VAL B 107 -22.99 1.05 -4.78
CA VAL B 107 -23.03 2.48 -4.56
C VAL B 107 -22.51 2.83 -3.16
N GLY B 108 -22.69 1.94 -2.19
CA GLY B 108 -22.11 2.17 -0.88
C GLY B 108 -20.59 2.14 -0.89
N LEU B 109 -20.02 1.17 -1.61
CA LEU B 109 -18.57 1.16 -1.78
C LEU B 109 -18.08 2.38 -2.54
N ALA B 110 -18.86 2.86 -3.51
CA ALA B 110 -18.50 4.07 -4.22
C ALA B 110 -18.49 5.28 -3.30
N LEU B 111 -19.48 5.40 -2.42
CA LEU B 111 -19.59 6.53 -1.52
C LEU B 111 -18.80 6.34 -0.23
N GLN B 112 -18.09 5.22 -0.09
CA GLN B 112 -17.29 4.99 1.11
C GLN B 112 -16.30 6.12 1.36
N GLY B 113 -15.59 6.58 0.32
CA GLY B 113 -14.59 7.62 0.53
C GLY B 113 -15.20 8.92 0.98
N SER B 114 -16.29 9.35 0.32
CA SER B 114 -16.95 10.59 0.69
C SER B 114 -17.52 10.52 2.11
N LEU B 115 -18.13 9.39 2.47
CA LEU B 115 -18.69 9.26 3.80
C LEU B 115 -17.60 9.19 4.86
N SER B 116 -16.45 8.59 4.54
CA SER B 116 -15.33 8.59 5.47
C SER B 116 -14.81 10.00 5.68
N ASN B 117 -14.74 10.80 4.61
CA ASN B 117 -14.35 12.19 4.75
C ASN B 117 -15.34 12.96 5.62
N LEU B 118 -16.64 12.68 5.44
CA LEU B 118 -17.65 13.36 6.25
C LEU B 118 -17.53 12.99 7.73
N ALA B 119 -17.34 11.71 8.03
CA ALA B 119 -17.17 11.29 9.41
C ALA B 119 -15.92 11.89 10.03
N ALA B 120 -14.81 11.91 9.28
CA ALA B 120 -13.60 12.54 9.76
C ALA B 120 -13.79 14.02 10.02
N GLY B 121 -14.54 14.71 9.16
CA GLY B 121 -14.84 16.11 9.40
C GLY B 121 -15.65 16.33 10.66
N VAL B 122 -16.62 15.44 10.90
CA VAL B 122 -17.40 15.54 12.14
C VAL B 122 -16.49 15.36 13.35
N LEU B 123 -15.58 14.38 13.29
CA LEU B 123 -14.65 14.16 14.40
C LEU B 123 -13.74 15.37 14.60
N LEU B 124 -13.24 15.96 13.51
CA LEU B 124 -12.38 17.13 13.62
C LEU B 124 -13.12 18.32 14.23
N VAL B 125 -14.39 18.50 13.86
CA VAL B 125 -15.18 19.57 14.46
C VAL B 125 -15.40 19.31 15.94
N MET B 126 -15.68 18.07 16.31
CA MET B 126 -15.99 17.76 17.71
C MET B 126 -14.75 17.89 18.60
N PHE B 127 -13.73 17.09 18.33
CA PHE B 127 -12.55 17.06 19.20
C PHE B 127 -11.67 18.29 19.06
N ARG B 128 -11.79 19.02 17.96
CA ARG B 128 -10.99 20.22 17.71
C ARG B 128 -9.49 19.98 17.87
N PRO B 129 -8.89 19.09 17.06
CA PRO B 129 -7.43 19.00 17.05
C PRO B 129 -6.76 20.30 16.62
N PHE B 130 -7.42 21.08 15.76
CA PHE B 130 -6.93 22.38 15.34
C PHE B 130 -8.11 23.28 15.08
N ARG B 131 -7.85 24.58 15.08
CA ARG B 131 -8.88 25.60 14.90
C ARG B 131 -8.48 26.54 13.79
N ALA B 132 -9.41 27.41 13.41
CA ALA B 132 -9.12 28.41 12.38
C ALA B 132 -8.06 29.38 12.89
N GLY B 133 -7.15 29.76 11.99
CA GLY B 133 -6.06 30.65 12.35
C GLY B 133 -4.96 30.01 13.17
N GLU B 134 -4.86 28.68 13.17
CA GLU B 134 -3.88 27.97 13.97
C GLU B 134 -2.92 27.24 13.04
N TYR B 135 -1.63 27.55 13.16
CA TYR B 135 -0.64 26.92 12.29
C TYR B 135 -0.49 25.45 12.64
N VAL B 136 -0.57 24.60 11.61
CA VAL B 136 -0.54 23.15 11.78
C VAL B 136 0.35 22.55 10.71
N ASP B 137 0.48 21.21 10.75
CA ASP B 137 1.22 20.45 9.74
C ASP B 137 0.46 19.13 9.54
N LEU B 138 -0.34 19.06 8.49
CA LEU B 138 -1.19 17.90 8.23
C LEU B 138 -0.53 17.01 7.19
N GLY B 139 0.29 16.07 7.66
CA GLY B 139 0.92 15.12 6.77
C GLY B 139 1.97 15.69 5.82
N GLY B 140 2.81 16.61 6.29
CA GLY B 140 3.89 17.14 5.50
C GLY B 140 3.65 18.53 4.94
N VAL B 141 2.40 18.97 4.87
CA VAL B 141 2.07 20.32 4.41
C VAL B 141 1.67 21.16 5.62
N ALA B 142 2.26 22.34 5.72
CA ALA B 142 2.05 23.19 6.88
C ALA B 142 1.51 24.55 6.44
N GLY B 143 0.56 25.06 7.19
CA GLY B 143 -0.02 26.36 6.89
C GLY B 143 -1.07 26.73 7.90
N THR B 144 -1.47 27.99 7.84
CA THR B 144 -2.50 28.49 8.74
C THR B 144 -3.87 27.99 8.30
N VAL B 145 -4.60 27.37 9.22
CA VAL B 145 -5.93 26.84 8.90
C VAL B 145 -6.90 27.99 8.72
N LEU B 146 -7.66 27.94 7.64
CA LEU B 146 -8.68 28.95 7.34
C LEU B 146 -10.07 28.53 7.79
N SER B 147 -10.51 27.33 7.42
CA SER B 147 -11.79 26.81 7.86
C SER B 147 -11.78 25.29 7.73
N VAL B 148 -12.69 24.65 8.45
CA VAL B 148 -12.84 23.20 8.41
C VAL B 148 -14.26 22.92 7.92
N GLN B 149 -14.38 22.53 6.64
CA GLN B 149 -15.67 22.16 6.10
C GLN B 149 -16.02 20.72 6.46
N ILE B 150 -17.17 20.26 5.97
CA ILE B 150 -17.61 18.90 6.26
C ILE B 150 -16.72 17.88 5.56
N PHE B 151 -16.30 18.16 4.33
CA PHE B 151 -15.55 17.20 3.54
C PHE B 151 -14.05 17.43 3.53
N SER B 152 -13.61 18.68 3.66
CA SER B 152 -12.18 18.97 3.55
C SER B 152 -11.90 20.35 4.14
N THR B 153 -10.75 20.47 4.80
CA THR B 153 -10.32 21.76 5.31
C THR B 153 -9.42 22.47 4.30
N THR B 154 -9.35 23.79 4.42
CA THR B 154 -8.53 24.62 3.54
C THR B 154 -7.61 25.46 4.40
N MET B 155 -6.33 25.48 4.04
CA MET B 155 -5.33 26.22 4.79
C MET B 155 -4.40 26.95 3.84
N ARG B 156 -3.90 28.10 4.29
CA ARG B 156 -2.98 28.91 3.50
C ARG B 156 -1.57 28.71 4.04
N THR B 157 -0.66 28.31 3.16
CA THR B 157 0.72 28.10 3.59
C THR B 157 1.44 29.44 3.74
N ALA B 158 2.65 29.38 4.31
CA ALA B 158 3.45 30.59 4.46
C ALA B 158 3.81 31.19 3.11
N ASP B 159 3.91 30.36 2.07
CA ASP B 159 4.17 30.85 0.72
C ASP B 159 3.00 31.67 0.18
N GLY B 160 1.77 31.35 0.58
CA GLY B 160 0.60 32.07 0.14
C GLY B 160 -0.38 31.26 -0.68
N LYS B 161 -0.07 30.01 -0.98
CA LYS B 161 -0.97 29.18 -1.76
C LYS B 161 -1.98 28.47 -0.85
N ILE B 162 -3.15 28.21 -1.41
CA ILE B 162 -4.25 27.58 -0.67
C ILE B 162 -4.22 26.08 -0.94
N ILE B 163 -4.29 25.29 0.14
CA ILE B 163 -4.31 23.84 0.05
C ILE B 163 -5.61 23.32 0.66
N VAL B 164 -6.28 22.44 -0.06
CA VAL B 164 -7.50 21.80 0.39
C VAL B 164 -7.17 20.34 0.67
N ILE B 165 -7.32 19.92 1.92
CA ILE B 165 -6.96 18.58 2.35
C ILE B 165 -8.22 17.84 2.75
N PRO B 166 -8.51 16.66 2.18
CA PRO B 166 -9.67 15.89 2.61
C PRO B 166 -9.56 15.50 4.08
N ASN B 167 -10.70 15.50 4.77
CA ASN B 167 -10.69 15.29 6.21
C ASN B 167 -10.27 13.88 6.59
N GLY B 168 -10.54 12.89 5.75
CA GLY B 168 -10.10 11.54 6.04
C GLY B 168 -8.59 11.43 6.12
N LYS B 169 -7.88 12.07 5.18
CA LYS B 169 -6.43 12.07 5.19
C LYS B 169 -5.87 12.93 6.31
N ILE B 170 -6.70 13.78 6.93
CA ILE B 170 -6.25 14.54 8.09
C ILE B 170 -6.39 13.71 9.36
N ILE B 171 -7.53 13.04 9.52
CA ILE B 171 -7.72 12.16 10.67
C ILE B 171 -6.70 11.03 10.64
N ALA B 172 -6.47 10.44 9.47
CA ALA B 172 -5.36 9.51 9.33
C ALA B 172 -4.04 10.27 9.34
N GLY B 173 -3.06 9.73 10.05
CA GLY B 173 -1.75 10.34 10.13
C GLY B 173 -1.68 11.40 11.21
N ASN B 174 -0.46 11.86 11.47
CA ASN B 174 -0.20 12.78 12.56
C ASN B 174 -0.73 14.17 12.24
N ILE B 175 -1.01 14.93 13.30
CA ILE B 175 -1.42 16.32 13.17
C ILE B 175 -0.49 17.18 14.02
N ILE B 176 0.60 17.66 13.41
CA ILE B 176 1.53 18.50 14.16
C ILE B 176 0.95 19.88 14.30
N ASN B 177 0.94 20.40 15.53
CA ASN B 177 0.36 21.71 15.82
C ASN B 177 1.46 22.59 16.39
N PHE B 178 1.91 23.56 15.59
CA PHE B 178 3.02 24.41 15.99
C PHE B 178 2.61 25.47 17.02
N SER B 179 1.40 26.00 16.92
CA SER B 179 0.97 27.12 17.77
C SER B 179 0.14 26.67 18.97
N ARG B 180 0.00 25.37 19.20
CA ARG B 180 -0.69 24.91 20.40
C ARG B 180 0.10 25.21 21.67
N GLU B 181 1.41 24.96 21.64
CA GLU B 181 2.27 25.20 22.80
C GLU B 181 2.83 26.60 22.74
N PRO B 182 2.66 27.42 23.78
CA PRO B 182 3.15 28.81 23.70
C PRO B 182 4.66 28.95 23.59
N VAL B 183 5.42 27.95 24.03
CA VAL B 183 6.88 28.04 24.07
C VAL B 183 7.47 26.96 23.18
N ARG B 184 8.42 27.35 22.33
CA ARG B 184 9.11 26.43 21.44
C ARG B 184 10.62 26.66 21.53
N ARG B 185 11.38 25.70 21.02
CA ARG B 185 12.82 25.66 21.18
C ARG B 185 13.53 25.85 19.83
N ASN B 186 14.58 26.66 19.84
CA ASN B 186 15.49 26.79 18.71
C ASN B 186 16.66 25.83 18.87
N GLU B 187 17.29 25.49 17.75
CA GLU B 187 18.43 24.57 17.76
C GLU B 187 19.47 25.10 16.78
N PHE B 188 20.51 25.74 17.30
CA PHE B 188 21.61 26.22 16.49
C PHE B 188 22.71 25.17 16.41
N ILE B 189 23.27 25.00 15.22
CA ILE B 189 24.38 24.07 15.00
C ILE B 189 25.54 24.90 14.46
N ILE B 190 26.46 25.27 15.34
CA ILE B 190 27.60 26.08 14.92
C ILE B 190 28.81 25.18 14.69
N GLY B 191 29.45 25.35 13.53
CA GLY B 191 30.63 24.59 13.21
C GLY B 191 31.88 25.44 13.18
N VAL B 192 32.80 25.18 14.09
CA VAL B 192 34.02 25.95 14.19
C VAL B 192 35.21 25.04 13.94
N ALA B 193 36.37 25.64 13.70
CA ALA B 193 37.56 24.88 13.37
C ALA B 193 38.06 24.09 14.57
N TYR B 194 38.83 23.03 14.30
CA TYR B 194 39.36 22.19 15.37
C TYR B 194 40.32 22.96 16.26
N ASP B 195 41.00 23.97 15.73
CA ASP B 195 41.95 24.73 16.53
C ASP B 195 41.27 25.68 17.51
N SER B 196 39.96 25.90 17.37
CA SER B 196 39.27 26.86 18.21
C SER B 196 39.22 26.39 19.65
N ASP B 197 39.31 27.34 20.58
CA ASP B 197 39.28 27.02 22.00
C ASP B 197 37.87 26.68 22.43
N ILE B 198 37.70 25.48 23.01
CA ILE B 198 36.37 25.05 23.42
C ILE B 198 35.79 25.96 24.49
N ASP B 199 36.61 26.34 25.48
CA ASP B 199 36.14 27.21 26.54
C ASP B 199 35.73 28.58 26.00
N GLN B 200 36.55 29.14 25.10
CA GLN B 200 36.22 30.45 24.53
C GLN B 200 34.94 30.39 23.72
N VAL B 201 34.78 29.33 22.90
CA VAL B 201 33.56 29.20 22.10
C VAL B 201 32.34 29.09 23.00
N LYS B 202 32.44 28.24 24.03
CA LYS B 202 31.31 28.06 24.93
C LYS B 202 30.97 29.34 25.68
N GLN B 203 31.98 30.08 26.13
CA GLN B 203 31.70 31.30 26.88
C GLN B 203 31.13 32.40 25.98
N ILE B 204 31.58 32.48 24.73
CA ILE B 204 31.03 33.46 23.81
C ILE B 204 29.57 33.13 23.51
N LEU B 205 29.27 31.85 23.23
CA LEU B 205 27.89 31.47 22.97
C LEU B 205 27.01 31.69 24.20
N THR B 206 27.53 31.40 25.38
CA THR B 206 26.76 31.63 26.60
C THR B 206 26.48 33.12 26.82
N ASN B 207 27.47 33.97 26.56
CA ASN B 207 27.23 35.41 26.68
C ASN B 207 26.19 35.89 25.67
N ILE B 208 26.26 35.38 24.43
CA ILE B 208 25.27 35.76 23.43
C ILE B 208 23.88 35.32 23.86
N ILE B 209 23.74 34.11 24.39
CA ILE B 209 22.43 33.63 24.82
C ILE B 209 21.93 34.44 26.01
N GLN B 210 22.80 34.75 26.97
CA GLN B 210 22.38 35.50 28.15
C GLN B 210 21.96 36.92 27.80
N SER B 211 22.66 37.57 26.86
CA SER B 211 22.32 38.93 26.49
C SER B 211 20.96 39.03 25.81
N GLU B 212 20.44 37.95 25.25
CA GLU B 212 19.14 37.98 24.60
C GLU B 212 18.04 38.05 25.66
N ASP B 213 17.04 38.89 25.39
CA ASP B 213 15.92 39.07 26.31
C ASP B 213 14.72 38.20 25.98
N ARG B 214 14.54 37.82 24.72
CA ARG B 214 13.41 36.99 24.32
C ARG B 214 13.66 35.51 24.52
N ILE B 215 14.83 35.13 25.01
CA ILE B 215 15.13 33.74 25.36
C ILE B 215 14.78 33.53 26.82
N LEU B 216 13.90 32.56 27.09
CA LEU B 216 13.48 32.31 28.45
C LEU B 216 14.63 31.77 29.29
N LYS B 217 14.83 32.36 30.47
CA LYS B 217 15.93 31.98 31.34
C LYS B 217 15.58 30.84 32.28
N ASP B 218 14.30 30.57 32.49
CA ASP B 218 13.90 29.46 33.36
C ASP B 218 13.93 28.12 32.65
N ARG B 219 14.07 28.10 31.33
CA ARG B 219 14.19 26.87 30.57
C ARG B 219 15.65 26.48 30.40
N GLU B 220 15.87 25.28 29.88
CA GLU B 220 17.23 24.81 29.66
C GLU B 220 17.90 25.60 28.53
N MET B 221 19.18 25.95 28.74
CA MET B 221 19.97 26.71 27.77
C MET B 221 21.25 25.92 27.49
N THR B 222 21.17 25.03 26.51
CA THR B 222 22.27 24.11 26.24
C THR B 222 23.29 24.73 25.31
N VAL B 223 24.54 24.76 25.74
CA VAL B 223 25.68 25.11 24.88
C VAL B 223 26.75 24.06 25.07
N ARG B 224 26.76 23.03 24.23
CA ARG B 224 27.65 21.89 24.39
C ARG B 224 28.27 21.52 23.06
N LEU B 225 29.40 20.83 23.13
CA LEU B 225 30.06 20.29 21.95
C LEU B 225 29.34 19.02 21.53
N ASN B 226 28.66 19.08 20.38
CA ASN B 226 27.75 18.00 20.00
C ASN B 226 28.45 16.86 19.27
N GLU B 227 29.36 17.16 18.35
CA GLU B 227 30.02 16.09 17.60
C GLU B 227 31.32 16.62 17.03
N LEU B 228 32.18 15.67 16.63
CA LEU B 228 33.42 15.97 15.93
C LEU B 228 33.21 15.64 14.45
N GLY B 229 32.98 16.66 13.64
CA GLY B 229 32.67 16.47 12.24
C GLY B 229 33.90 16.23 11.39
N ALA B 230 33.66 16.10 10.09
CA ALA B 230 34.75 15.84 9.15
C ALA B 230 35.71 17.02 9.06
N SER B 231 35.20 18.25 9.03
CA SER B 231 36.05 19.42 8.89
C SER B 231 35.85 20.44 10.01
N SER B 232 34.99 20.18 10.98
CA SER B 232 34.71 21.15 12.04
C SER B 232 34.15 20.43 13.24
N ILE B 233 34.25 21.07 14.40
CA ILE B 233 33.61 20.60 15.62
C ILE B 233 32.29 21.34 15.76
N ASN B 234 31.19 20.58 15.86
CA ASN B 234 29.84 21.14 15.81
C ASN B 234 29.34 21.37 17.22
N PHE B 235 29.20 22.63 17.60
CA PHE B 235 28.53 22.98 18.84
C PHE B 235 27.02 23.05 18.63
N VAL B 236 26.28 22.75 19.68
CA VAL B 236 24.83 22.78 19.64
C VAL B 236 24.34 23.79 20.68
N VAL B 237 23.42 24.66 20.26
CA VAL B 237 22.80 25.65 21.14
C VAL B 237 21.29 25.45 21.07
N ARG B 238 20.68 25.19 22.22
CA ARG B 238 19.24 24.99 22.31
C ARG B 238 18.68 25.97 23.33
N VAL B 239 17.75 26.80 22.90
CA VAL B 239 17.17 27.84 23.74
C VAL B 239 15.67 27.90 23.47
N TRP B 240 14.90 28.14 24.52
CA TRP B 240 13.44 28.21 24.43
C TRP B 240 12.99 29.66 24.36
N SER B 241 11.93 29.89 23.60
CA SER B 241 11.35 31.22 23.46
C SER B 241 9.87 31.08 23.12
N ASN B 242 9.13 32.17 23.27
CA ASN B 242 7.72 32.17 22.94
C ASN B 242 7.55 31.91 21.46
N SER B 243 6.45 31.23 21.10
CA SER B 243 6.25 30.78 19.72
C SER B 243 6.22 31.94 18.73
N GLY B 244 5.89 33.14 19.18
CA GLY B 244 5.85 34.29 18.29
C GLY B 244 7.18 34.96 18.02
N ASP B 245 8.19 34.71 18.87
CA ASP B 245 9.50 35.32 18.70
C ASP B 245 10.55 34.32 18.25
N LEU B 246 10.14 33.11 17.85
CA LEU B 246 11.10 32.05 17.56
C LEU B 246 12.01 32.42 16.38
N GLN B 247 11.41 32.82 15.26
CA GLN B 247 12.20 33.08 14.06
C GLN B 247 13.06 34.32 14.22
N ASN B 248 12.52 35.37 14.83
CA ASN B 248 13.31 36.58 15.07
C ASN B 248 14.48 36.30 16.00
N VAL B 249 14.25 35.51 17.06
CA VAL B 249 15.35 35.14 17.94
C VAL B 249 16.39 34.33 17.18
N TYR B 250 15.96 33.39 16.34
CA TYR B 250 16.91 32.61 15.56
C TYR B 250 17.79 33.51 14.71
N TRP B 251 17.17 34.43 13.97
CA TRP B 251 17.93 35.30 13.08
C TRP B 251 18.88 36.21 13.85
N ASP B 252 18.39 36.82 14.93
CA ASP B 252 19.24 37.73 15.71
C ASP B 252 20.41 36.98 16.34
N VAL B 253 20.15 35.81 16.92
CA VAL B 253 21.21 35.04 17.54
C VAL B 253 22.23 34.58 16.51
N LEU B 254 21.77 34.17 15.33
CA LEU B 254 22.71 33.74 14.30
C LEU B 254 23.60 34.90 13.84
N GLU B 255 23.00 36.07 13.62
CA GLU B 255 23.79 37.22 13.21
C GLU B 255 24.80 37.62 14.29
N ARG B 256 24.37 37.64 15.55
CA ARG B 256 25.30 37.98 16.63
C ARG B 256 26.39 36.93 16.78
N ILE B 257 26.06 35.66 16.58
CA ILE B 257 27.07 34.60 16.64
C ILE B 257 28.14 34.84 15.59
N LYS B 258 27.72 35.12 14.35
CA LYS B 258 28.71 35.38 13.31
C LYS B 258 29.55 36.60 13.63
N ARG B 259 28.92 37.69 14.06
CA ARG B 259 29.67 38.92 14.33
C ARG B 259 30.68 38.72 15.46
N GLU B 260 30.25 38.07 16.55
CA GLU B 260 31.15 37.89 17.68
C GLU B 260 32.26 36.88 17.39
N PHE B 261 31.97 35.83 16.60
CA PHE B 261 33.02 34.90 16.22
C PHE B 261 34.03 35.57 15.31
N ASP B 262 33.58 36.41 14.38
CA ASP B 262 34.52 37.14 13.53
C ASP B 262 35.35 38.12 14.35
N ALA B 263 34.74 38.79 15.33
CA ALA B 263 35.50 39.73 16.15
C ALA B 263 36.51 39.02 17.06
N ALA B 264 36.16 37.85 17.58
CA ALA B 264 37.02 37.16 18.53
C ALA B 264 38.07 36.28 17.88
N GLY B 265 38.10 36.19 16.56
CA GLY B 265 39.08 35.39 15.87
C GLY B 265 38.68 33.95 15.61
N ILE B 266 37.53 33.50 16.13
CA ILE B 266 37.05 32.16 15.84
C ILE B 266 36.63 32.09 14.38
N SER B 267 37.08 31.04 13.68
CA SER B 267 36.86 30.92 12.26
C SER B 267 35.91 29.77 11.94
N PHE B 268 35.04 30.00 10.97
CA PHE B 268 34.18 28.95 10.44
C PHE B 268 34.94 28.28 9.30
N PRO B 269 35.31 27.00 9.43
CA PRO B 269 36.22 26.41 8.45
C PRO B 269 35.50 26.02 7.16
N TYR B 270 36.20 26.20 6.05
CA TYR B 270 35.79 25.66 4.77
C TYR B 270 36.00 24.15 4.77
N PRO B 271 35.35 23.43 3.83
CA PRO B 271 35.60 21.99 3.72
C PRO B 271 37.09 21.66 3.63
N GLN B 272 37.59 20.95 4.64
CA GLN B 272 39.02 20.64 4.72
C GLN B 272 39.36 19.41 3.89
N MET B 273 40.61 19.34 3.48
CA MET B 273 41.10 18.22 2.68
C MET B 273 42.62 18.15 2.83
N ASP B 274 43.12 16.95 3.14
CA ASP B 274 44.56 16.71 3.21
C ASP B 274 45.00 16.06 1.91
N VAL B 275 45.91 16.70 1.19
CA VAL B 275 46.39 16.23 -0.09
C VAL B 275 47.80 15.70 0.10
N ASN B 276 47.98 14.41 -0.13
CA ASN B 276 49.30 13.78 -0.04
C ASN B 276 49.91 13.77 -1.43
N PHE B 277 50.73 14.78 -1.70
CA PHE B 277 51.29 14.98 -3.02
C PHE B 277 52.25 13.85 -3.39
N LYS B 278 52.13 13.35 -4.61
CA LYS B 278 53.01 12.31 -5.12
C LYS B 278 53.46 12.69 -6.53
N ARG B 279 54.77 12.60 -6.76
CA ARG B 279 55.35 12.90 -8.07
C ARG B 279 54.98 14.29 -8.56
N ALA C 19 -71.28 -9.13 2.71
CA ALA C 19 -71.07 -8.80 4.11
C ALA C 19 -70.43 -9.96 4.85
N ASN C 20 -69.18 -10.27 4.49
CA ASN C 20 -68.46 -11.35 5.14
C ASN C 20 -68.14 -10.99 6.59
N GLN C 21 -68.08 -12.02 7.43
CA GLN C 21 -67.88 -11.84 8.86
C GLN C 21 -66.51 -12.28 9.35
N ALA C 22 -65.85 -13.19 8.62
CA ALA C 22 -64.53 -13.69 9.05
C ALA C 22 -63.41 -12.93 8.38
N LEU C 23 -63.37 -12.96 7.04
CA LEU C 23 -62.28 -12.31 6.31
C LEU C 23 -62.35 -10.79 6.43
N LEU C 24 -63.56 -10.22 6.38
CA LEU C 24 -63.70 -8.78 6.55
C LEU C 24 -63.27 -8.35 7.95
N LEU C 25 -63.62 -9.14 8.97
CA LEU C 25 -63.17 -8.85 10.32
C LEU C 25 -61.65 -8.94 10.42
N SER C 26 -61.05 -9.93 9.75
CA SER C 26 -59.60 -10.03 9.75
C SER C 26 -58.96 -8.81 9.09
N TYR C 27 -59.52 -8.35 7.97
CA TYR C 27 -58.99 -7.17 7.30
C TYR C 27 -59.13 -5.92 8.18
N ALA C 28 -60.26 -5.77 8.85
CA ALA C 28 -60.45 -4.64 9.76
C ALA C 28 -59.45 -4.70 10.91
N VAL C 29 -59.22 -5.90 11.46
CA VAL C 29 -58.23 -6.05 12.53
C VAL C 29 -56.86 -5.65 12.02
N ASN C 30 -56.51 -6.08 10.80
CA ASN C 30 -55.19 -5.75 10.25
C ASN C 30 -55.02 -4.25 10.05
N ILE C 31 -56.03 -3.57 9.51
CA ILE C 31 -55.87 -2.14 9.25
C ILE C 31 -55.85 -1.36 10.56
N VAL C 32 -56.69 -1.74 11.53
CA VAL C 32 -56.65 -1.06 12.83
C VAL C 32 -55.31 -1.31 13.51
N ALA C 33 -54.77 -2.53 13.39
CA ALA C 33 -53.47 -2.83 13.98
C ALA C 33 -52.37 -2.00 13.31
N ALA C 34 -52.44 -1.83 11.99
CA ALA C 34 -51.45 -1.00 11.30
C ALA C 34 -51.52 0.46 11.77
N LEU C 35 -52.74 0.99 11.91
CA LEU C 35 -52.89 2.35 12.41
C LEU C 35 -52.34 2.48 13.83
N ALA C 36 -52.64 1.50 14.68
CA ALA C 36 -52.09 1.52 16.03
C ALA C 36 -50.58 1.44 16.03
N ILE C 37 -50.02 0.62 15.13
CA ILE C 37 -48.57 0.47 15.04
C ILE C 37 -47.92 1.80 14.65
N ILE C 38 -48.49 2.48 13.65
CA ILE C 38 -47.87 3.73 13.20
C ILE C 38 -48.03 4.81 14.26
N ILE C 39 -49.17 4.87 14.94
CA ILE C 39 -49.37 5.87 15.98
C ILE C 39 -48.42 5.64 17.14
N VAL C 40 -48.30 4.39 17.59
CA VAL C 40 -47.41 4.07 18.69
C VAL C 40 -45.96 4.29 18.28
N GLY C 41 -45.61 4.01 17.03
CA GLY C 41 -44.27 4.31 16.57
C GLY C 41 -43.97 5.80 16.59
N LEU C 42 -44.93 6.62 16.17
CA LEU C 42 -44.74 8.07 16.22
C LEU C 42 -44.54 8.55 17.65
N ILE C 43 -45.40 8.10 18.57
CA ILE C 43 -45.29 8.59 19.94
C ILE C 43 -44.02 8.06 20.62
N ILE C 44 -43.61 6.82 20.31
CA ILE C 44 -42.39 6.27 20.88
C ILE C 44 -41.18 7.00 20.33
N ALA C 45 -41.19 7.35 19.04
CA ALA C 45 -40.11 8.16 18.49
C ALA C 45 -40.05 9.51 19.15
N ARG C 46 -41.20 10.14 19.41
CA ARG C 46 -41.20 11.41 20.12
C ARG C 46 -40.64 11.27 21.53
N MET C 47 -41.03 10.21 22.24
CA MET C 47 -40.52 10.00 23.59
C MET C 47 -39.02 9.75 23.60
N ILE C 48 -38.53 8.93 22.67
CA ILE C 48 -37.10 8.66 22.60
C ILE C 48 -36.32 9.91 22.24
N SER C 49 -36.82 10.70 21.29
CA SER C 49 -36.15 11.96 20.95
C SER C 49 -36.14 12.92 22.13
N ASN C 50 -37.25 13.01 22.87
CA ASN C 50 -37.28 13.88 24.05
C ASN C 50 -36.30 13.41 25.11
N ALA C 51 -36.22 12.10 25.35
CA ALA C 51 -35.28 11.57 26.33
C ALA C 51 -33.84 11.82 25.92
N VAL C 52 -33.52 11.62 24.64
CA VAL C 52 -32.16 11.86 24.16
C VAL C 52 -31.82 13.34 24.25
N ASN C 53 -32.77 14.22 23.90
CA ASN C 53 -32.54 15.65 24.02
C ASN C 53 -32.31 16.05 25.48
N ARG C 54 -33.09 15.48 26.40
CA ARG C 54 -32.90 15.76 27.82
C ARG C 54 -31.52 15.31 28.28
N LEU C 55 -31.09 14.12 27.88
CA LEU C 55 -29.78 13.63 28.27
C LEU C 55 -28.66 14.48 27.68
N MET C 56 -28.79 14.90 26.42
CA MET C 56 -27.77 15.76 25.82
C MET C 56 -27.75 17.13 26.45
N ILE C 57 -28.90 17.61 26.94
CA ILE C 57 -28.93 18.85 27.71
C ILE C 57 -28.23 18.67 29.05
N SER C 58 -28.38 17.50 29.67
CA SER C 58 -27.78 17.24 30.98
C SER C 58 -26.25 17.24 30.97
N ARG C 59 -25.63 17.19 29.79
CA ARG C 59 -24.18 17.16 29.71
C ARG C 59 -23.72 18.07 28.59
N LYS C 60 -22.39 18.20 28.46
CA LYS C 60 -21.83 19.02 27.40
C LYS C 60 -22.04 18.34 26.05
N ILE C 61 -22.47 19.14 25.06
CA ILE C 61 -22.73 18.62 23.72
C ILE C 61 -22.66 19.79 22.75
N ASP C 62 -22.47 19.49 21.48
CA ASP C 62 -22.48 20.48 20.42
C ASP C 62 -23.84 20.50 19.75
N ALA C 63 -24.32 21.71 19.44
CA ALA C 63 -25.69 21.86 18.94
C ALA C 63 -25.89 21.14 17.61
N THR C 64 -24.99 21.38 16.66
CA THR C 64 -25.18 20.82 15.32
C THR C 64 -25.09 19.30 15.33
N VAL C 65 -24.08 18.75 16.01
CA VAL C 65 -23.92 17.30 16.06
C VAL C 65 -25.06 16.66 16.84
N ALA C 66 -25.49 17.28 17.94
CA ALA C 66 -26.61 16.74 18.70
C ALA C 66 -27.89 16.72 17.88
N ASP C 67 -28.16 17.82 17.15
CA ASP C 67 -29.35 17.86 16.30
C ASP C 67 -29.27 16.84 15.18
N PHE C 68 -28.10 16.68 14.57
CA PHE C 68 -27.95 15.68 13.50
C PHE C 68 -28.17 14.27 14.03
N LEU C 69 -27.61 13.96 15.21
CA LEU C 69 -27.79 12.62 15.78
C LEU C 69 -29.24 12.37 16.14
N SER C 70 -29.91 13.35 16.76
CA SER C 70 -31.32 13.17 17.09
C SER C 70 -32.18 13.03 15.84
N ALA C 71 -31.88 13.81 14.80
CA ALA C 71 -32.62 13.68 13.56
C ALA C 71 -32.43 12.30 12.94
N LEU C 72 -31.19 11.80 12.93
CA LEU C 72 -30.94 10.48 12.38
C LEU C 72 -31.67 9.40 13.17
N VAL C 73 -31.64 9.49 14.51
CA VAL C 73 -32.31 8.49 15.32
C VAL C 73 -33.82 8.52 15.10
N ARG C 74 -34.39 9.73 15.09
CA ARG C 74 -35.83 9.85 14.88
C ARG C 74 -36.25 9.36 13.50
N TYR C 75 -35.47 9.70 12.47
CA TYR C 75 -35.78 9.24 11.13
C TYR C 75 -35.65 7.72 11.01
N GLY C 76 -34.65 7.13 11.68
CA GLY C 76 -34.55 5.69 11.69
C GLY C 76 -35.74 5.02 12.34
N ILE C 77 -36.17 5.54 13.49
CA ILE C 77 -37.34 4.96 14.16
C ILE C 77 -38.59 5.13 13.31
N ILE C 78 -38.74 6.30 12.67
CA ILE C 78 -39.91 6.53 11.81
C ILE C 78 -39.91 5.57 10.63
N ALA C 79 -38.74 5.37 10.01
CA ALA C 79 -38.66 4.42 8.90
C ALA C 79 -39.00 3.01 9.37
N PHE C 80 -38.48 2.62 10.54
CA PHE C 80 -38.78 1.30 11.08
C PHE C 80 -40.29 1.11 11.26
N THR C 81 -40.94 2.07 11.93
CA THR C 81 -42.37 1.89 12.18
C THR C 81 -43.20 2.01 10.92
N LEU C 82 -42.76 2.81 9.94
CA LEU C 82 -43.49 2.90 8.67
C LEU C 82 -43.44 1.59 7.92
N ILE C 83 -42.26 0.97 7.81
CA ILE C 83 -42.20 -0.28 7.08
C ILE C 83 -42.85 -1.41 7.88
N ALA C 84 -42.85 -1.32 9.21
CA ALA C 84 -43.62 -2.28 10.00
C ALA C 84 -45.11 -2.16 9.73
N ALA C 85 -45.62 -0.93 9.64
CA ALA C 85 -47.02 -0.72 9.31
C ALA C 85 -47.34 -1.24 7.91
N LEU C 86 -46.44 -0.99 6.95
CA LEU C 86 -46.64 -1.51 5.60
C LEU C 86 -46.68 -3.03 5.59
N GLY C 87 -45.78 -3.68 6.33
CA GLY C 87 -45.80 -5.12 6.41
C GLY C 87 -47.06 -5.65 7.06
N ARG C 88 -47.55 -4.97 8.10
CA ARG C 88 -48.80 -5.39 8.72
C ARG C 88 -49.98 -5.21 7.78
N VAL C 89 -49.98 -4.15 6.97
CA VAL C 89 -51.01 -3.97 5.95
C VAL C 89 -50.95 -5.08 4.91
N GLY C 90 -49.76 -5.44 4.45
CA GLY C 90 -49.61 -6.49 3.46
C GLY C 90 -48.67 -6.15 2.32
N VAL C 91 -48.07 -4.96 2.32
CA VAL C 91 -47.11 -4.60 1.30
C VAL C 91 -45.75 -5.17 1.67
N GLN C 92 -45.13 -5.90 0.74
CA GLN C 92 -43.82 -6.47 0.99
C GLN C 92 -42.78 -5.36 1.10
N THR C 93 -41.92 -5.47 2.11
CA THR C 93 -40.90 -4.45 2.38
C THR C 93 -39.49 -4.99 2.27
N ALA C 94 -39.29 -6.13 1.59
CA ALA C 94 -37.96 -6.72 1.51
C ALA C 94 -36.99 -5.82 0.76
N SER C 95 -37.45 -5.13 -0.28
CA SER C 95 -36.57 -4.22 -1.00
C SER C 95 -36.14 -3.05 -0.12
N VAL C 96 -37.08 -2.49 0.66
CA VAL C 96 -36.72 -1.41 1.56
C VAL C 96 -35.72 -1.90 2.59
N ILE C 97 -35.91 -3.11 3.11
CA ILE C 97 -34.97 -3.67 4.08
C ILE C 97 -33.60 -3.87 3.44
N ALA C 98 -33.56 -4.31 2.18
CA ALA C 98 -32.28 -4.51 1.51
C ALA C 98 -31.55 -3.17 1.30
N VAL C 99 -32.28 -2.13 0.90
CA VAL C 99 -31.65 -0.82 0.71
C VAL C 99 -31.20 -0.25 2.05
N LEU C 100 -31.98 -0.45 3.10
CA LEU C 100 -31.57 -0.02 4.43
C LEU C 100 -30.33 -0.76 4.89
N GLY C 101 -30.23 -2.06 4.60
CA GLY C 101 -29.03 -2.79 4.93
C GLY C 101 -27.82 -2.30 4.14
N ALA C 102 -28.03 -1.95 2.88
CA ALA C 102 -26.93 -1.37 2.09
C ALA C 102 -26.46 -0.06 2.68
N ALA C 103 -27.41 0.81 3.08
CA ALA C 103 -27.03 2.06 3.71
C ALA C 103 -26.30 1.83 5.04
N GLY C 104 -26.77 0.86 5.83
CA GLY C 104 -26.09 0.55 7.08
C GLY C 104 -24.68 0.04 6.85
N LEU C 105 -24.49 -0.80 5.83
CA LEU C 105 -23.14 -1.26 5.51
C LEU C 105 -22.26 -0.12 5.05
N ALA C 106 -22.81 0.80 4.25
CA ALA C 106 -22.03 1.95 3.81
C ALA C 106 -21.60 2.81 4.99
N VAL C 107 -22.52 3.09 5.92
CA VAL C 107 -22.17 3.91 7.06
C VAL C 107 -21.22 3.17 8.00
N GLY C 108 -21.32 1.85 8.08
CA GLY C 108 -20.37 1.08 8.86
C GLY C 108 -18.97 1.13 8.29
N LEU C 109 -18.86 1.00 6.97
CA LEU C 109 -17.56 1.16 6.34
C LEU C 109 -17.02 2.58 6.51
N ALA C 110 -17.90 3.58 6.50
CA ALA C 110 -17.48 4.95 6.75
C ALA C 110 -16.94 5.12 8.16
N LEU C 111 -17.59 4.54 9.15
CA LEU C 111 -17.19 4.66 10.54
C LEU C 111 -16.15 3.63 10.95
N GLN C 112 -15.70 2.78 10.02
CA GLN C 112 -14.68 1.79 10.34
C GLN C 112 -13.42 2.43 10.92
N GLY C 113 -12.94 3.51 10.32
CA GLY C 113 -11.72 4.14 10.80
C GLY C 113 -11.86 4.69 12.21
N SER C 114 -12.96 5.41 12.47
CA SER C 114 -13.19 5.97 13.79
C SER C 114 -13.34 4.88 14.83
N LEU C 115 -14.08 3.81 14.51
CA LEU C 115 -14.27 2.74 15.46
C LEU C 115 -12.97 1.98 15.72
N SER C 116 -12.14 1.83 14.69
CA SER C 116 -10.83 1.20 14.89
C SER C 116 -9.96 2.06 15.80
N ASN C 117 -10.00 3.37 15.63
CA ASN C 117 -9.27 4.26 16.55
C ASN C 117 -9.79 4.12 17.97
N LEU C 118 -11.11 4.02 18.13
CA LEU C 118 -11.68 3.85 19.47
C LEU C 118 -11.24 2.54 20.12
N ALA C 119 -11.28 1.44 19.36
CA ALA C 119 -10.85 0.16 19.90
C ALA C 119 -9.37 0.18 20.26
N ALA C 120 -8.55 0.79 19.40
CA ALA C 120 -7.13 0.91 19.71
C ALA C 120 -6.90 1.75 20.95
N GLY C 121 -7.67 2.82 21.14
CA GLY C 121 -7.56 3.60 22.36
C GLY C 121 -7.92 2.81 23.60
N VAL C 122 -8.97 1.98 23.50
CA VAL C 122 -9.33 1.13 24.63
C VAL C 122 -8.19 0.17 24.95
N LEU C 123 -7.60 -0.43 23.91
CA LEU C 123 -6.47 -1.34 24.15
C LEU C 123 -5.28 -0.62 24.77
N LEU C 124 -4.98 0.59 24.31
CA LEU C 124 -3.88 1.35 24.87
C LEU C 124 -4.13 1.72 26.33
N VAL C 125 -5.37 2.05 26.68
CA VAL C 125 -5.70 2.33 28.07
C VAL C 125 -5.56 1.07 28.92
N MET C 126 -6.01 -0.07 28.40
CA MET C 126 -5.98 -1.30 29.19
C MET C 126 -4.56 -1.79 29.40
N PHE C 127 -3.85 -2.11 28.32
CA PHE C 127 -2.53 -2.72 28.43
C PHE C 127 -1.46 -1.74 28.87
N ARG C 128 -1.70 -0.44 28.72
CA ARG C 128 -0.75 0.60 29.09
C ARG C 128 0.65 0.39 28.49
N PRO C 129 0.77 0.38 27.17
CA PRO C 129 2.12 0.37 26.57
C PRO C 129 2.92 1.60 26.96
N PHE C 130 2.26 2.73 27.17
CA PHE C 130 2.90 3.95 27.62
C PHE C 130 1.93 4.74 28.49
N ARG C 131 2.49 5.64 29.29
CA ARG C 131 1.71 6.43 30.23
C ARG C 131 1.99 7.91 30.02
N ALA C 132 1.21 8.75 30.70
CA ALA C 132 1.44 10.18 30.64
C ALA C 132 2.79 10.53 31.25
N GLY C 133 3.49 11.47 30.61
CA GLY C 133 4.81 11.87 31.06
C GLY C 133 5.91 10.88 30.77
N GLU C 134 5.70 9.97 29.82
CA GLU C 134 6.66 8.93 29.48
C GLU C 134 7.14 9.13 28.05
N TYR C 135 8.45 9.31 27.88
CA TYR C 135 8.99 9.55 26.56
C TYR C 135 8.88 8.29 25.71
N VAL C 136 8.34 8.44 24.50
CA VAL C 136 8.07 7.31 23.61
C VAL C 136 8.47 7.70 22.19
N ASP C 137 8.29 6.76 21.26
CA ASP C 137 8.54 6.99 19.82
C ASP C 137 7.47 6.18 19.07
N LEU C 138 6.42 6.87 18.63
CA LEU C 138 5.28 6.21 17.99
C LEU C 138 5.41 6.38 16.48
N GLY C 139 6.08 5.42 15.84
CA GLY C 139 6.22 5.43 14.39
C GLY C 139 7.06 6.54 13.82
N GLY C 140 8.18 6.88 14.44
CA GLY C 140 9.11 7.87 13.92
C GLY C 140 9.05 9.21 14.60
N VAL C 141 7.97 9.52 15.29
CA VAL C 141 7.84 10.77 16.05
C VAL C 141 7.99 10.46 17.52
N ALA C 142 8.85 11.23 18.20
CA ALA C 142 9.17 10.98 19.60
C ALA C 142 8.86 12.21 20.43
N GLY C 143 8.29 11.99 21.60
CA GLY C 143 7.98 13.08 22.50
C GLY C 143 7.35 12.57 23.77
N THR C 144 7.25 13.47 24.74
CA THR C 144 6.65 13.13 26.02
C THR C 144 5.14 13.04 25.88
N VAL C 145 4.56 11.91 26.30
CA VAL C 145 3.12 11.73 26.21
C VAL C 145 2.42 12.61 27.23
N LEU C 146 1.40 13.34 26.78
CA LEU C 146 0.61 14.20 27.64
C LEU C 146 -0.66 13.53 28.14
N SER C 147 -1.45 12.95 27.23
CA SER C 147 -2.65 12.23 27.61
C SER C 147 -3.03 11.28 26.48
N VAL C 148 -3.83 10.28 26.82
CA VAL C 148 -4.32 9.30 25.86
C VAL C 148 -5.85 9.40 25.87
N GLN C 149 -6.39 10.05 24.84
CA GLN C 149 -7.84 10.13 24.70
C GLN C 149 -8.39 8.86 24.06
N ILE C 150 -9.71 8.85 23.83
CA ILE C 150 -10.35 7.69 23.26
C ILE C 150 -9.96 7.52 21.79
N PHE C 151 -9.83 8.62 21.05
CA PHE C 151 -9.58 8.55 19.62
C PHE C 151 -8.11 8.78 19.24
N SER C 152 -7.38 9.57 20.01
CA SER C 152 -6.01 9.90 19.64
C SER C 152 -5.26 10.44 20.85
N THR C 153 -3.98 10.09 20.95
CA THR C 153 -3.15 10.64 22.01
C THR C 153 -2.42 11.88 21.53
N THR C 154 -2.01 12.72 22.49
CA THR C 154 -1.30 13.96 22.20
C THR C 154 -0.01 13.96 22.99
N MET C 155 1.09 14.28 22.33
CA MET C 155 2.40 14.28 22.96
C MET C 155 3.18 15.52 22.53
N ARG C 156 4.04 16.01 23.41
CA ARG C 156 4.87 17.17 23.14
C ARG C 156 6.29 16.70 22.84
N THR C 157 6.82 17.09 21.69
CA THR C 157 8.16 16.69 21.32
C THR C 157 9.18 17.54 22.08
N ALA C 158 10.45 17.14 21.97
CA ALA C 158 11.52 17.90 22.61
C ALA C 158 11.62 19.30 22.03
N ASP C 159 11.25 19.47 20.77
CA ASP C 159 11.24 20.80 20.16
C ASP C 159 10.19 21.71 20.78
N GLY C 160 9.07 21.15 21.26
CA GLY C 160 8.02 21.92 21.89
C GLY C 160 6.70 21.90 21.16
N LYS C 161 6.63 21.28 19.99
CA LYS C 161 5.37 21.22 19.26
C LYS C 161 4.52 20.05 19.71
N ILE C 162 3.21 20.21 19.59
CA ILE C 162 2.25 19.21 20.01
C ILE C 162 1.85 18.36 18.82
N ILE C 163 1.88 17.04 18.99
CA ILE C 163 1.51 16.10 17.95
C ILE C 163 0.36 15.25 18.44
N VAL C 164 -0.68 15.13 17.61
CA VAL C 164 -1.84 14.31 17.90
C VAL C 164 -1.80 13.12 16.97
N ILE C 165 -1.70 11.92 17.53
CA ILE C 165 -1.54 10.69 16.76
C ILE C 165 -2.79 9.85 16.95
N PRO C 166 -3.48 9.44 15.89
CA PRO C 166 -4.64 8.54 16.06
C PRO C 166 -4.22 7.22 16.68
N ASN C 167 -5.10 6.68 17.52
CA ASN C 167 -4.75 5.50 18.30
C ASN C 167 -4.57 4.26 17.42
N GLY C 168 -5.29 4.18 16.29
CA GLY C 168 -5.11 3.04 15.40
C GLY C 168 -3.70 2.97 14.84
N LYS C 169 -3.16 4.12 14.43
CA LYS C 169 -1.79 4.17 13.92
C LYS C 169 -0.76 3.98 15.02
N ILE C 170 -1.17 4.08 16.29
CA ILE C 170 -0.26 3.80 17.39
C ILE C 170 -0.23 2.30 17.68
N ILE C 171 -1.41 1.67 17.74
CA ILE C 171 -1.47 0.23 17.93
C ILE C 171 -0.80 -0.49 16.77
N ALA C 172 -1.03 -0.06 15.54
CA ALA C 172 -0.26 -0.55 14.43
C ALA C 172 1.16 0.03 14.48
N GLY C 173 2.14 -0.83 14.22
CA GLY C 173 3.53 -0.41 14.23
C GLY C 173 4.13 -0.45 15.61
N ASN C 174 5.45 -0.28 15.66
CA ASN C 174 6.21 -0.42 16.89
C ASN C 174 5.94 0.76 17.82
N ILE C 175 6.15 0.52 19.12
CA ILE C 175 6.05 1.56 20.13
C ILE C 175 7.34 1.57 20.93
N ILE C 176 8.32 2.37 20.48
CA ILE C 176 9.57 2.46 21.19
C ILE C 176 9.39 3.30 22.45
N ASN C 177 9.85 2.77 23.58
CA ASN C 177 9.68 3.44 24.87
C ASN C 177 11.07 3.68 25.44
N PHE C 178 11.50 4.94 25.44
CA PHE C 178 12.84 5.29 25.89
C PHE C 178 12.97 5.26 27.40
N SER C 179 11.94 5.66 28.14
CA SER C 179 12.03 5.80 29.59
C SER C 179 11.49 4.60 30.35
N ARG C 180 11.12 3.52 29.66
CA ARG C 180 10.69 2.31 30.35
C ARG C 180 11.84 1.64 31.09
N GLU C 181 13.00 1.54 30.43
CA GLU C 181 14.16 0.89 31.03
C GLU C 181 15.01 1.93 31.75
N PRO C 182 15.33 1.74 33.03
CA PRO C 182 16.08 2.78 33.76
C PRO C 182 17.49 3.01 33.24
N VAL C 183 18.09 2.03 32.57
CA VAL C 183 19.48 2.12 32.13
C VAL C 183 19.54 2.03 30.62
N ARG C 184 20.30 2.96 30.01
CA ARG C 184 20.48 2.99 28.56
C ARG C 184 21.96 3.15 28.25
N ARG C 185 22.31 2.88 26.99
CA ARG C 185 23.70 2.80 26.55
C ARG C 185 24.03 3.92 25.58
N ASN C 186 25.20 4.52 25.77
CA ASN C 186 25.77 5.46 24.81
C ASN C 186 26.69 4.72 23.84
N GLU C 187 26.89 5.31 22.67
CA GLU C 187 27.75 4.73 21.64
C GLU C 187 28.58 5.85 21.01
N PHE C 188 29.84 5.95 21.42
CA PHE C 188 30.75 6.91 20.83
C PHE C 188 31.51 6.28 19.67
N ILE C 189 31.67 7.04 18.59
CA ILE C 189 32.43 6.61 17.43
C ILE C 189 33.56 7.61 17.23
N ILE C 190 34.75 7.27 17.73
CA ILE C 190 35.88 8.17 17.60
C ILE C 190 36.74 7.77 16.41
N GLY C 191 37.06 8.75 15.57
CA GLY C 191 37.90 8.50 14.42
C GLY C 191 39.25 9.15 14.54
N VAL C 192 40.31 8.35 14.61
CA VAL C 192 41.65 8.86 14.77
C VAL C 192 42.49 8.46 13.56
N ALA C 193 43.64 9.09 13.41
CA ALA C 193 44.49 8.85 12.26
C ALA C 193 45.10 7.46 12.30
N TYR C 194 45.50 6.96 11.12
CA TYR C 194 46.09 5.63 11.05
C TYR C 194 47.41 5.54 11.80
N ASP C 195 48.13 6.66 11.91
CA ASP C 195 49.41 6.64 12.61
C ASP C 195 49.26 6.56 14.12
N SER C 196 48.05 6.77 14.64
CA SER C 196 47.87 6.81 16.09
C SER C 196 48.10 5.44 16.69
N ASP C 197 48.66 5.42 17.90
CA ASP C 197 48.95 4.18 18.60
C ASP C 197 47.66 3.57 19.14
N ILE C 198 47.39 2.32 18.76
CA ILE C 198 46.15 1.67 19.19
C ILE C 198 46.12 1.52 20.70
N ASP C 199 47.24 1.09 21.30
CA ASP C 199 47.29 0.91 22.75
C ASP C 199 47.09 2.23 23.48
N GLN C 200 47.73 3.30 23.00
CA GLN C 200 47.57 4.59 23.65
C GLN C 200 46.14 5.10 23.54
N VAL C 201 45.52 4.95 22.36
CA VAL C 201 44.14 5.39 22.19
C VAL C 201 43.22 4.61 23.12
N LYS C 202 43.39 3.29 23.17
CA LYS C 202 42.53 2.46 24.02
C LYS C 202 42.72 2.81 25.48
N GLN C 203 43.95 3.04 25.92
CA GLN C 203 44.19 3.32 27.33
C GLN C 203 43.67 4.71 27.71
N ILE C 204 43.77 5.68 26.81
CA ILE C 204 43.22 7.00 27.09
C ILE C 204 41.69 6.93 27.19
N LEU C 205 41.05 6.24 26.24
CA LEU C 205 39.60 6.11 26.32
C LEU C 205 39.16 5.34 27.56
N THR C 206 39.91 4.30 27.94
CA THR C 206 39.57 3.56 29.15
C THR C 206 39.70 4.42 30.39
N ASN C 207 40.77 5.23 30.47
CA ASN C 207 40.91 6.14 31.61
C ASN C 207 39.77 7.15 31.66
N ILE C 208 39.38 7.69 30.50
CA ILE C 208 38.27 8.64 30.48
C ILE C 208 36.98 7.98 30.95
N ILE C 209 36.72 6.76 30.50
CA ILE C 209 35.51 6.05 30.91
C ILE C 209 35.55 5.74 32.40
N GLN C 210 36.70 5.30 32.91
CA GLN C 210 36.80 4.95 34.33
C GLN C 210 36.64 6.18 35.23
N SER C 211 37.18 7.32 34.82
CA SER C 211 37.09 8.52 35.64
C SER C 211 35.65 9.03 35.77
N GLU C 212 34.77 8.66 34.84
CA GLU C 212 33.38 9.09 34.92
C GLU C 212 32.65 8.34 36.03
N ASP C 213 31.84 9.07 36.80
CA ASP C 213 31.09 8.49 37.90
C ASP C 213 29.67 8.08 37.52
N ARG C 214 29.08 8.72 36.52
CA ARG C 214 27.73 8.39 36.10
C ARG C 214 27.67 7.22 35.13
N ILE C 215 28.82 6.65 34.75
CA ILE C 215 28.86 5.46 33.92
C ILE C 215 28.88 4.25 34.83
N LEU C 216 27.92 3.35 34.66
CA LEU C 216 27.83 2.17 35.51
C LEU C 216 29.02 1.25 35.26
N LYS C 217 29.65 0.81 36.34
CA LYS C 217 30.83 -0.04 36.25
C LYS C 217 30.51 -1.52 36.20
N ASP C 218 29.30 -1.91 36.60
CA ASP C 218 28.91 -3.32 36.54
C ASP C 218 28.43 -3.74 35.15
N ARG C 219 28.20 -2.79 34.25
CA ARG C 219 27.81 -3.10 32.89
C ARG C 219 29.05 -3.17 31.99
N GLU C 220 28.83 -3.62 30.76
CA GLU C 220 29.94 -3.73 29.81
C GLU C 220 30.43 -2.36 29.40
N MET C 221 31.76 -2.22 29.31
CA MET C 221 32.40 -0.96 28.93
C MET C 221 33.35 -1.25 27.76
N THR C 222 32.79 -1.16 26.55
CA THR C 222 33.53 -1.56 25.37
C THR C 222 34.38 -0.41 24.83
N VAL C 223 35.68 -0.67 24.69
CA VAL C 223 36.58 0.25 23.97
C VAL C 223 37.40 -0.57 23.00
N ARG C 224 36.93 -0.68 21.75
CA ARG C 224 37.54 -1.55 20.76
C ARG C 224 37.67 -0.82 19.43
N LEU C 225 38.59 -1.31 18.60
CA LEU C 225 38.77 -0.80 17.25
C LEU C 225 37.68 -1.40 16.36
N ASN C 226 36.74 -0.57 15.92
CA ASN C 226 35.54 -1.06 15.26
C ASN C 226 35.73 -1.31 13.77
N GLU C 227 36.40 -0.41 13.06
CA GLU C 227 36.57 -0.57 11.62
C GLU C 227 37.75 0.25 11.14
N LEU C 228 38.22 -0.07 9.95
CA LEU C 228 39.26 0.68 9.26
C LEU C 228 38.58 1.50 8.17
N GLY C 229 38.38 2.79 8.43
CA GLY C 229 37.66 3.66 7.52
C GLY C 229 38.53 4.16 6.38
N ALA C 230 37.92 4.99 5.54
CA ALA C 230 38.62 5.53 4.38
C ALA C 230 39.76 6.45 4.78
N SER C 231 39.56 7.31 5.79
CA SER C 231 40.58 8.25 6.21
C SER C 231 40.94 8.14 7.68
N SER C 232 40.34 7.22 8.44
CA SER C 232 40.59 7.13 9.86
C SER C 232 40.24 5.73 10.33
N ILE C 233 40.79 5.35 11.48
CA ILE C 233 40.42 4.11 12.16
C ILE C 233 39.39 4.47 13.23
N ASN C 234 38.23 3.84 13.17
CA ASN C 234 37.08 4.20 13.99
C ASN C 234 37.04 3.32 15.23
N PHE C 235 37.32 3.92 16.39
CA PHE C 235 37.10 3.24 17.66
C PHE C 235 35.66 3.39 18.10
N VAL C 236 35.18 2.38 18.83
CA VAL C 236 33.82 2.38 19.34
C VAL C 236 33.87 2.31 20.87
N VAL C 237 33.12 3.19 21.52
CA VAL C 237 33.00 3.20 22.97
C VAL C 237 31.53 3.05 23.33
N ARG C 238 31.21 2.02 24.11
CA ARG C 238 29.85 1.76 24.54
C ARG C 238 29.83 1.68 26.06
N VAL C 239 29.03 2.54 26.69
CA VAL C 239 28.95 2.62 28.14
C VAL C 239 27.49 2.80 28.54
N TRP C 240 27.11 2.18 29.65
CA TRP C 240 25.75 2.24 30.15
C TRP C 240 25.65 3.27 31.26
N SER C 241 24.50 3.94 31.32
CA SER C 241 24.22 4.94 32.34
C SER C 241 22.72 5.03 32.54
N ASN C 242 22.33 5.64 33.66
CA ASN C 242 20.91 5.82 33.95
C ASN C 242 20.28 6.72 32.89
N SER C 243 19.01 6.45 32.58
CA SER C 243 18.35 7.13 31.47
C SER C 243 18.32 8.64 31.63
N GLY C 244 18.41 9.14 32.87
CA GLY C 244 18.39 10.57 33.10
C GLY C 244 19.72 11.28 32.92
N ASP C 245 20.82 10.55 32.92
CA ASP C 245 22.15 11.13 32.77
C ASP C 245 22.78 10.80 31.42
N LEU C 246 22.01 10.25 30.48
CA LEU C 246 22.58 9.76 29.24
C LEU C 246 23.18 10.89 28.42
N GLN C 247 22.42 11.95 28.18
CA GLN C 247 22.88 13.03 27.32
C GLN C 247 24.03 13.80 27.97
N ASN C 248 23.93 14.08 29.27
CA ASN C 248 25.01 14.78 29.96
C ASN C 248 26.29 13.95 29.95
N VAL C 249 26.19 12.64 30.16
CA VAL C 249 27.36 11.79 30.07
C VAL C 249 27.94 11.81 28.67
N TYR C 250 27.09 11.76 27.65
CA TYR C 250 27.59 11.80 26.28
C TYR C 250 28.38 13.09 26.04
N TRP C 251 27.82 14.23 26.42
CA TRP C 251 28.49 15.51 26.18
C TRP C 251 29.80 15.61 26.95
N ASP C 252 29.78 15.24 28.24
CA ASP C 252 30.99 15.34 29.04
C ASP C 252 32.09 14.41 28.53
N VAL C 253 31.73 13.18 28.18
CA VAL C 253 32.71 12.23 27.68
C VAL C 253 33.27 12.70 26.34
N LEU C 254 32.43 13.24 25.47
CA LEU C 254 32.92 13.74 24.19
C LEU C 254 33.90 14.89 24.37
N GLU C 255 33.55 15.84 25.25
CA GLU C 255 34.45 16.97 25.49
C GLU C 255 35.77 16.50 26.09
N ARG C 256 35.72 15.59 27.06
CA ARG C 256 36.96 15.09 27.64
C ARG C 256 37.78 14.29 26.65
N ILE C 257 37.12 13.55 25.76
CA ILE C 257 37.83 12.81 24.72
C ILE C 257 38.60 13.77 23.83
N LYS C 258 37.94 14.84 23.39
CA LYS C 258 38.63 15.81 22.54
C LYS C 258 39.79 16.47 23.28
N ARG C 259 39.57 16.88 24.53
CA ARG C 259 40.63 17.56 25.28
C ARG C 259 41.82 16.64 25.49
N GLU C 260 41.58 15.40 25.90
CA GLU C 260 42.69 14.50 26.18
C GLU C 260 43.40 14.06 24.90
N PHE C 261 42.67 13.88 23.80
CA PHE C 261 43.34 13.55 22.55
C PHE C 261 44.20 14.71 22.06
N ASP C 262 43.72 15.94 22.19
CA ASP C 262 44.53 17.10 21.83
C ASP C 262 45.76 17.22 22.72
N ALA C 263 45.61 16.95 24.02
CA ALA C 263 46.76 17.03 24.92
C ALA C 263 47.78 15.93 24.64
N ALA C 264 47.32 14.74 24.31
CA ALA C 264 48.23 13.60 24.13
C ALA C 264 48.83 13.51 22.74
N GLY C 265 48.47 14.41 21.83
CA GLY C 265 49.02 14.38 20.49
C GLY C 265 48.24 13.55 19.49
N ILE C 266 47.21 12.83 19.93
CA ILE C 266 46.36 12.09 18.99
C ILE C 266 45.56 13.07 18.15
N SER C 267 45.54 12.87 16.84
CA SER C 267 44.93 13.81 15.92
C SER C 267 43.69 13.20 15.28
N PHE C 268 42.66 14.03 15.12
CA PHE C 268 41.47 13.65 14.37
C PHE C 268 41.72 14.04 12.91
N PRO C 269 41.80 13.08 12.00
CA PRO C 269 42.24 13.42 10.64
C PRO C 269 41.14 14.05 9.82
N TYR C 270 41.53 14.99 8.98
CA TYR C 270 40.67 15.53 7.94
C TYR C 270 40.51 14.49 6.83
N PRO C 271 39.49 14.65 5.97
CA PRO C 271 39.36 13.74 4.82
C PRO C 271 40.65 13.62 4.02
N GLN C 272 41.23 12.44 3.99
CA GLN C 272 42.50 12.22 3.33
C GLN C 272 42.31 11.98 1.84
N MET C 273 43.36 12.27 1.08
CA MET C 273 43.34 12.10 -0.37
C MET C 273 44.78 12.00 -0.86
N ASP C 274 45.06 10.97 -1.66
CA ASP C 274 46.36 10.80 -2.29
C ASP C 274 46.25 11.30 -3.72
N VAL C 275 47.07 12.29 -4.06
CA VAL C 275 47.05 12.92 -5.38
C VAL C 275 48.30 12.48 -6.11
N ASN C 276 48.11 11.76 -7.21
CA ASN C 276 49.22 11.30 -8.06
C ASN C 276 49.41 12.33 -9.15
N PHE C 277 50.35 13.24 -8.93
CA PHE C 277 50.54 14.36 -9.84
C PHE C 277 51.09 13.88 -11.18
N LYS C 278 50.52 14.41 -12.27
CA LYS C 278 50.96 14.10 -13.61
C LYS C 278 51.08 15.39 -14.41
N ARG C 279 52.22 15.55 -15.09
CA ARG C 279 52.48 16.72 -15.93
C ARG C 279 52.32 18.03 -15.15
N ALA D 19 -67.92 -11.29 20.83
CA ALA D 19 -67.26 -12.08 21.87
C ALA D 19 -66.72 -13.38 21.30
N ASN D 20 -65.74 -13.28 20.41
CA ASN D 20 -65.12 -14.46 19.81
C ASN D 20 -64.36 -15.25 20.86
N GLN D 21 -64.30 -16.57 20.66
CA GLN D 21 -63.69 -17.48 21.63
C GLN D 21 -62.37 -18.08 21.12
N ALA D 22 -62.16 -18.14 19.81
CA ALA D 22 -60.94 -18.74 19.26
C ALA D 22 -59.89 -17.67 18.97
N LEU D 23 -60.23 -16.72 18.09
CA LEU D 23 -59.26 -15.70 17.69
C LEU D 23 -58.95 -14.76 18.83
N LEU D 24 -59.96 -14.39 19.63
CA LEU D 24 -59.70 -13.53 20.78
C LEU D 24 -58.83 -14.22 21.80
N LEU D 25 -59.06 -15.52 22.02
CA LEU D 25 -58.19 -16.29 22.92
C LEU D 25 -56.77 -16.35 22.39
N SER D 26 -56.62 -16.52 21.06
CA SER D 26 -55.29 -16.52 20.47
C SER D 26 -54.59 -15.19 20.67
N TYR D 27 -55.32 -14.08 20.48
CA TYR D 27 -54.73 -12.76 20.69
C TYR D 27 -54.32 -12.55 22.14
N ALA D 28 -55.17 -12.99 23.08
CA ALA D 28 -54.83 -12.88 24.50
C ALA D 28 -53.59 -13.71 24.82
N VAL D 29 -53.50 -14.92 24.27
CA VAL D 29 -52.32 -15.75 24.48
C VAL D 29 -51.08 -15.06 23.94
N ASN D 30 -51.19 -14.45 22.76
CA ASN D 30 -50.05 -13.77 22.16
C ASN D 30 -49.59 -12.58 23.01
N ILE D 31 -50.53 -11.77 23.50
CA ILE D 31 -50.13 -10.60 24.27
C ILE D 31 -49.55 -11.00 25.63
N VAL D 32 -50.16 -12.01 26.27
CA VAL D 32 -49.61 -12.49 27.54
C VAL D 32 -48.23 -13.10 27.32
N ALA D 33 -48.04 -13.83 26.22
CA ALA D 33 -46.73 -14.39 25.91
C ALA D 33 -45.70 -13.30 25.68
N ALA D 34 -46.09 -12.22 24.98
CA ALA D 34 -45.16 -11.12 24.78
C ALA D 34 -44.77 -10.45 26.09
N LEU D 35 -45.74 -10.25 26.99
CA LEU D 35 -45.42 -9.68 28.29
C LEU D 35 -44.49 -10.60 29.09
N ALA D 36 -44.76 -11.91 29.05
CA ALA D 36 -43.89 -12.86 29.73
C ALA D 36 -42.49 -12.83 29.12
N ILE D 37 -42.40 -12.73 27.80
CA ILE D 37 -41.11 -12.70 27.12
C ILE D 37 -40.31 -11.49 27.55
N ILE D 38 -40.95 -10.31 27.59
CA ILE D 38 -40.21 -9.11 27.95
C ILE D 38 -39.81 -9.13 29.42
N ILE D 39 -40.68 -9.64 30.30
CA ILE D 39 -40.34 -9.71 31.72
C ILE D 39 -39.19 -10.67 31.95
N VAL D 40 -39.25 -11.86 31.32
CA VAL D 40 -38.19 -12.83 31.48
C VAL D 40 -36.90 -12.33 30.86
N GLY D 41 -36.97 -11.59 29.75
CA GLY D 41 -35.78 -10.99 29.18
C GLY D 41 -35.15 -9.98 30.13
N LEU D 42 -35.98 -9.14 30.76
CA LEU D 42 -35.45 -8.18 31.73
C LEU D 42 -34.75 -8.88 32.89
N ILE D 43 -35.41 -9.89 33.47
CA ILE D 43 -34.81 -10.54 34.63
C ILE D 43 -33.58 -11.35 34.23
N ILE D 44 -33.57 -11.96 33.04
CA ILE D 44 -32.39 -12.70 32.59
C ILE D 44 -31.24 -11.75 32.31
N ALA D 45 -31.53 -10.57 31.75
CA ALA D 45 -30.49 -9.57 31.56
C ALA D 45 -29.93 -9.12 32.90
N ARG D 46 -30.79 -8.92 33.89
CA ARG D 46 -30.31 -8.57 35.23
C ARG D 46 -29.42 -9.67 35.81
N MET D 47 -29.84 -10.93 35.68
CA MET D 47 -29.04 -12.04 36.21
C MET D 47 -27.70 -12.15 35.50
N ILE D 48 -27.68 -12.00 34.17
CA ILE D 48 -26.43 -12.09 33.43
C ILE D 48 -25.51 -10.93 33.79
N SER D 49 -26.06 -9.72 33.91
CA SER D 49 -25.24 -8.59 34.33
C SER D 49 -24.68 -8.78 35.72
N ASN D 50 -25.48 -9.30 36.66
CA ASN D 50 -24.99 -9.56 38.00
C ASN D 50 -23.88 -10.61 37.99
N ALA D 51 -24.06 -11.68 37.22
CA ALA D 51 -23.04 -12.72 37.15
C ALA D 51 -21.73 -12.18 36.55
N VAL D 52 -21.85 -11.38 35.48
CA VAL D 52 -20.65 -10.81 34.86
C VAL D 52 -19.96 -9.84 35.81
N ASN D 53 -20.74 -9.03 36.54
CA ASN D 53 -20.16 -8.13 37.53
C ASN D 53 -19.46 -8.90 38.63
N ARG D 54 -20.05 -10.00 39.10
CA ARG D 54 -19.43 -10.83 40.12
C ARG D 54 -18.11 -11.42 39.61
N LEU D 55 -18.11 -11.92 38.38
CA LEU D 55 -16.88 -12.48 37.82
C LEU D 55 -15.81 -11.43 37.63
N MET D 56 -16.17 -10.22 37.17
CA MET D 56 -15.20 -9.15 37.02
C MET D 56 -14.69 -8.67 38.36
N ILE D 57 -15.51 -8.74 39.41
CA ILE D 57 -15.04 -8.46 40.76
C ILE D 57 -14.07 -9.53 41.24
N SER D 58 -14.30 -10.79 40.87
CA SER D 58 -13.44 -11.88 41.30
C SER D 58 -12.03 -11.81 40.75
N ARG D 59 -11.76 -10.97 39.76
CA ARG D 59 -10.44 -10.87 39.16
C ARG D 59 -10.11 -9.41 38.91
N LYS D 60 -8.89 -9.17 38.45
CA LYS D 60 -8.45 -7.81 38.14
C LYS D 60 -9.17 -7.30 36.91
N ILE D 61 -9.66 -6.06 36.97
CA ILE D 61 -10.40 -5.45 35.88
C ILE D 61 -10.33 -3.94 36.05
N ASP D 62 -10.56 -3.22 34.96
CA ASP D 62 -10.64 -1.76 34.98
C ASP D 62 -12.09 -1.32 35.08
N ALA D 63 -12.34 -0.29 35.88
CA ALA D 63 -13.72 0.12 36.16
C ALA D 63 -14.44 0.59 34.90
N THR D 64 -13.81 1.48 34.13
CA THR D 64 -14.47 2.06 32.97
C THR D 64 -14.75 1.01 31.89
N VAL D 65 -13.74 0.19 31.58
CA VAL D 65 -13.92 -0.84 30.57
C VAL D 65 -14.93 -1.89 31.02
N ALA D 66 -14.87 -2.28 32.30
CA ALA D 66 -15.84 -3.26 32.81
C ALA D 66 -17.26 -2.73 32.72
N ASP D 67 -17.46 -1.46 33.12
CA ASP D 67 -18.79 -0.87 33.04
C ASP D 67 -19.26 -0.75 31.59
N PHE D 68 -18.36 -0.36 30.67
CA PHE D 68 -18.74 -0.27 29.28
C PHE D 68 -19.14 -1.63 28.72
N LEU D 69 -18.37 -2.68 29.04
CA LEU D 69 -18.69 -4.01 28.54
C LEU D 69 -20.01 -4.51 29.11
N SER D 70 -20.23 -4.32 30.42
CA SER D 70 -21.50 -4.75 31.00
C SER D 70 -22.67 -3.96 30.43
N ALA D 71 -22.51 -2.66 30.21
CA ALA D 71 -23.57 -1.88 29.59
C ALA D 71 -23.87 -2.35 28.19
N LEU D 72 -22.84 -2.64 27.40
CA LEU D 72 -23.06 -3.15 26.04
C LEU D 72 -23.78 -4.49 26.07
N VAL D 73 -23.36 -5.40 26.95
CA VAL D 73 -24.00 -6.71 27.02
C VAL D 73 -25.46 -6.58 27.44
N ARG D 74 -25.73 -5.78 28.46
CA ARG D 74 -27.10 -5.61 28.93
C ARG D 74 -27.97 -4.96 27.88
N TYR D 75 -27.44 -3.94 27.19
CA TYR D 75 -28.21 -3.30 26.13
C TYR D 75 -28.47 -4.25 24.96
N GLY D 76 -27.49 -5.09 24.62
CA GLY D 76 -27.73 -6.08 23.59
C GLY D 76 -28.83 -7.07 23.97
N ILE D 77 -28.79 -7.56 25.21
CA ILE D 77 -29.83 -8.50 25.65
C ILE D 77 -31.19 -7.81 25.67
N ILE D 78 -31.24 -6.55 26.12
CA ILE D 78 -32.51 -5.83 26.16
C ILE D 78 -33.05 -5.62 24.76
N ALA D 79 -32.18 -5.26 23.81
CA ALA D 79 -32.62 -5.11 22.43
C ALA D 79 -33.15 -6.43 21.87
N PHE D 80 -32.43 -7.53 22.16
CA PHE D 80 -32.87 -8.84 21.69
C PHE D 80 -34.27 -9.15 22.21
N THR D 81 -34.48 -9.02 23.53
CA THR D 81 -35.77 -9.38 24.09
C THR D 81 -36.87 -8.42 23.65
N LEU D 82 -36.54 -7.13 23.44
CA LEU D 82 -37.54 -6.19 22.97
C LEU D 82 -38.01 -6.53 21.57
N ILE D 83 -37.09 -6.83 20.66
CA ILE D 83 -37.53 -7.16 19.31
C ILE D 83 -38.18 -8.54 19.27
N ALA D 84 -37.79 -9.44 20.17
CA ALA D 84 -38.51 -10.71 20.28
C ALA D 84 -39.94 -10.50 20.72
N ALA D 85 -40.15 -9.61 21.70
CA ALA D 85 -41.52 -9.29 22.13
C ALA D 85 -42.31 -8.63 21.00
N LEU D 86 -41.67 -7.74 20.24
CA LEU D 86 -42.35 -7.12 19.11
C LEU D 86 -42.75 -8.16 18.06
N GLY D 87 -41.85 -9.10 17.77
CA GLY D 87 -42.19 -10.15 16.83
C GLY D 87 -43.32 -11.03 17.32
N ARG D 88 -43.32 -11.34 18.62
CA ARG D 88 -44.42 -12.13 19.17
C ARG D 88 -45.74 -11.38 19.12
N VAL D 89 -45.71 -10.07 19.35
CA VAL D 89 -46.91 -9.25 19.20
C VAL D 89 -47.40 -9.24 17.75
N GLY D 90 -46.50 -9.11 16.78
CA GLY D 90 -46.87 -9.10 15.38
C GLY D 90 -46.23 -8.01 14.57
N VAL D 91 -45.40 -7.17 15.18
CA VAL D 91 -44.69 -6.13 14.43
C VAL D 91 -43.45 -6.73 13.79
N GLN D 92 -43.31 -6.53 12.49
CA GLN D 92 -42.14 -7.05 11.78
C GLN D 92 -40.88 -6.33 12.24
N THR D 93 -39.82 -7.10 12.49
CA THR D 93 -38.58 -6.55 13.00
C THR D 93 -37.40 -6.78 12.06
N ALA D 94 -37.67 -7.06 10.78
CA ALA D 94 -36.59 -7.35 9.84
C ALA D 94 -35.68 -6.15 9.64
N SER D 95 -36.24 -4.93 9.62
CA SER D 95 -35.40 -3.74 9.49
C SER D 95 -34.49 -3.57 10.70
N VAL D 96 -35.01 -3.79 11.90
CA VAL D 96 -34.19 -3.69 13.10
C VAL D 96 -33.08 -4.73 13.05
N ILE D 97 -33.41 -5.95 12.61
CA ILE D 97 -32.39 -6.98 12.50
C ILE D 97 -31.34 -6.61 11.47
N ALA D 98 -31.74 -6.00 10.36
CA ALA D 98 -30.77 -5.58 9.34
C ALA D 98 -29.84 -4.49 9.87
N VAL D 99 -30.39 -3.51 10.59
CA VAL D 99 -29.55 -2.45 11.15
C VAL D 99 -28.63 -3.00 12.22
N LEU D 100 -29.13 -3.94 13.04
CA LEU D 100 -28.28 -4.60 14.03
C LEU D 100 -27.16 -5.39 13.36
N GLY D 101 -27.45 -6.07 12.25
CA GLY D 101 -26.40 -6.76 11.52
C GLY D 101 -25.38 -5.80 10.93
N ALA D 102 -25.84 -4.64 10.45
CA ALA D 102 -24.90 -3.63 9.96
C ALA D 102 -23.99 -3.13 11.07
N ALA D 103 -24.56 -2.87 12.24
CA ALA D 103 -23.75 -2.46 13.38
C ALA D 103 -22.76 -3.54 13.81
N GLY D 104 -23.21 -4.81 13.81
CA GLY D 104 -22.30 -5.89 14.13
C GLY D 104 -21.17 -6.03 13.13
N LEU D 105 -21.46 -5.85 11.84
CA LEU D 105 -20.40 -5.88 10.83
C LEU D 105 -19.44 -4.72 11.01
N ALA D 106 -19.95 -3.53 11.34
CA ALA D 106 -19.08 -2.39 11.58
C ALA D 106 -18.16 -2.64 12.77
N VAL D 107 -18.70 -3.16 13.87
CA VAL D 107 -17.86 -3.41 15.04
C VAL D 107 -16.89 -4.56 14.78
N GLY D 108 -17.27 -5.53 13.95
CA GLY D 108 -16.35 -6.59 13.58
C GLY D 108 -15.19 -6.07 12.75
N LEU D 109 -15.47 -5.20 11.78
CA LEU D 109 -14.40 -4.57 11.03
C LEU D 109 -13.51 -3.71 11.94
N ALA D 110 -14.11 -3.05 12.94
CA ALA D 110 -13.33 -2.27 13.88
C ALA D 110 -12.39 -3.16 14.69
N LEU D 111 -12.88 -4.31 15.14
CA LEU D 111 -12.09 -5.22 15.97
C LEU D 111 -11.23 -6.18 15.14
N GLN D 112 -11.28 -6.07 13.81
CA GLN D 112 -10.47 -6.93 12.97
C GLN D 112 -8.98 -6.86 13.33
N GLY D 113 -8.45 -5.65 13.52
CA GLY D 113 -7.03 -5.53 13.82
C GLY D 113 -6.65 -6.18 15.14
N SER D 114 -7.44 -5.92 16.18
CA SER D 114 -7.16 -6.50 17.49
C SER D 114 -7.27 -8.01 17.46
N LEU D 115 -8.30 -8.54 16.78
CA LEU D 115 -8.46 -9.99 16.71
C LEU D 115 -7.36 -10.63 15.87
N SER D 116 -6.89 -9.96 14.82
CA SER D 116 -5.76 -10.46 14.06
C SER D 116 -4.50 -10.51 14.90
N ASN D 117 -4.28 -9.49 15.73
CA ASN D 117 -3.14 -9.51 16.65
C ASN D 117 -3.27 -10.67 17.63
N LEU D 118 -4.48 -10.91 18.13
CA LEU D 118 -4.69 -12.01 19.07
C LEU D 118 -4.40 -13.37 18.42
N ALA D 119 -4.90 -13.57 17.20
CA ALA D 119 -4.65 -14.82 16.50
C ALA D 119 -3.17 -15.01 16.21
N ALA D 120 -2.49 -13.94 15.79
CA ALA D 120 -1.05 -14.01 15.57
C ALA D 120 -0.30 -14.33 16.84
N GLY D 121 -0.73 -13.77 17.98
CA GLY D 121 -0.11 -14.11 19.25
C GLY D 121 -0.29 -15.56 19.61
N VAL D 122 -1.48 -16.11 19.35
CA VAL D 122 -1.71 -17.52 19.60
C VAL D 122 -0.79 -18.38 18.74
N LEU D 123 -0.65 -18.01 17.46
CA LEU D 123 0.25 -18.75 16.58
C LEU D 123 1.70 -18.67 17.05
N LEU D 124 2.13 -17.48 17.48
CA LEU D 124 3.50 -17.32 17.97
C LEU D 124 3.75 -18.14 19.22
N VAL D 125 2.76 -18.21 20.12
CA VAL D 125 2.91 -19.06 21.31
C VAL D 125 2.97 -20.53 20.93
N MET D 126 2.14 -20.95 19.97
CA MET D 126 2.10 -22.37 19.61
C MET D 126 3.37 -22.80 18.89
N PHE D 127 3.66 -22.21 17.73
CA PHE D 127 4.79 -22.65 16.92
C PHE D 127 6.14 -22.24 17.49
N ARG D 128 6.17 -21.25 18.38
CA ARG D 128 7.40 -20.77 18.98
C ARG D 128 8.49 -20.42 17.97
N PRO D 129 8.24 -19.46 17.08
CA PRO D 129 9.33 -18.97 16.23
C PRO D 129 10.47 -18.37 17.02
N PHE D 130 10.17 -17.77 18.17
CA PHE D 130 11.19 -17.24 19.07
C PHE D 130 10.70 -17.39 20.50
N ARG D 131 11.64 -17.32 21.44
CA ARG D 131 11.35 -17.51 22.85
C ARG D 131 11.91 -16.32 23.63
N ALA D 132 11.57 -16.28 24.92
CA ALA D 132 12.10 -15.23 25.79
C ALA D 132 13.60 -15.37 25.93
N GLY D 133 14.30 -14.24 25.93
CA GLY D 133 15.74 -14.24 26.02
C GLY D 133 16.46 -14.64 24.75
N GLU D 134 15.79 -14.60 23.61
CA GLU D 134 16.35 -15.03 22.33
C GLU D 134 16.46 -13.83 21.40
N TYR D 135 17.67 -13.52 20.95
CA TYR D 135 17.88 -12.37 20.08
C TYR D 135 17.25 -12.62 18.72
N VAL D 136 16.44 -11.67 18.26
CA VAL D 136 15.69 -11.81 17.01
C VAL D 136 15.76 -10.49 16.24
N ASP D 137 15.12 -10.47 15.07
CA ASP D 137 15.00 -9.26 14.25
C ASP D 137 13.63 -9.32 13.59
N LEU D 138 12.68 -8.57 14.16
CA LEU D 138 11.29 -8.60 13.71
C LEU D 138 11.03 -7.38 12.83
N GLY D 139 11.27 -7.54 11.53
CA GLY D 139 10.99 -6.48 10.58
C GLY D 139 11.88 -5.26 10.67
N GLY D 140 13.18 -5.44 10.90
CA GLY D 140 14.12 -4.35 10.92
C GLY D 140 14.57 -3.92 12.30
N VAL D 141 13.81 -4.25 13.34
CA VAL D 141 14.20 -3.95 14.72
C VAL D 141 14.67 -5.23 15.39
N ALA D 142 15.83 -5.17 16.03
CA ALA D 142 16.46 -6.33 16.62
C ALA D 142 16.69 -6.10 18.10
N GLY D 143 16.43 -7.13 18.90
CA GLY D 143 16.63 -7.05 20.33
C GLY D 143 16.27 -8.35 21.00
N THR D 144 16.66 -8.44 22.26
CA THR D 144 16.37 -9.64 23.05
C THR D 144 14.90 -9.65 23.45
N VAL D 145 14.21 -10.76 23.14
CA VAL D 145 12.80 -10.87 23.46
C VAL D 145 12.64 -11.04 24.97
N LEU D 146 11.72 -10.27 25.55
CA LEU D 146 11.43 -10.33 26.97
C LEU D 146 10.22 -11.20 27.27
N SER D 147 9.10 -10.98 26.58
CA SER D 147 7.92 -11.80 26.76
C SER D 147 7.04 -11.65 25.52
N VAL D 148 6.15 -12.62 25.34
CA VAL D 148 5.20 -12.62 24.23
C VAL D 148 3.81 -12.61 24.85
N GLN D 149 3.15 -11.44 24.83
CA GLN D 149 1.80 -11.34 25.33
C GLN D 149 0.81 -11.78 24.24
N ILE D 150 -0.48 -11.67 24.57
CA ILE D 150 -1.52 -12.08 23.62
C ILE D 150 -1.58 -11.12 22.45
N PHE D 151 -1.42 -9.82 22.69
CA PHE D 151 -1.59 -8.82 21.65
C PHE D 151 -0.28 -8.32 21.06
N SER D 152 0.81 -8.31 21.82
CA SER D 152 2.06 -7.74 21.33
C SER D 152 3.21 -8.24 22.20
N THR D 153 4.36 -8.48 21.57
CA THR D 153 5.56 -8.85 22.31
C THR D 153 6.39 -7.61 22.60
N THR D 154 7.22 -7.72 23.64
CA THR D 154 8.10 -6.64 24.06
C THR D 154 9.52 -7.15 24.09
N MET D 155 10.44 -6.39 23.50
CA MET D 155 11.84 -6.79 23.44
C MET D 155 12.73 -5.60 23.74
N ARG D 156 13.89 -5.87 24.32
CA ARG D 156 14.86 -4.85 24.66
C ARG D 156 16.00 -4.89 23.64
N THR D 157 16.25 -3.76 22.99
CA THR D 157 17.32 -3.71 22.01
C THR D 157 18.68 -3.63 22.71
N ALA D 158 19.74 -3.78 21.90
CA ALA D 158 21.09 -3.67 22.46
C ALA D 158 21.35 -2.29 23.02
N ASP D 159 20.69 -1.26 22.48
CA ASP D 159 20.82 0.09 23.01
C ASP D 159 20.23 0.21 24.41
N GLY D 160 19.19 -0.56 24.73
CA GLY D 160 18.57 -0.54 26.02
C GLY D 160 17.13 -0.08 26.03
N LYS D 161 16.59 0.34 24.89
CA LYS D 161 15.21 0.79 24.83
C LYS D 161 14.26 -0.39 24.62
N ILE D 162 13.04 -0.24 25.12
CA ILE D 162 12.03 -1.29 25.04
C ILE D 162 11.13 -1.02 23.83
N ILE D 163 10.90 -2.05 23.02
CA ILE D 163 10.05 -1.95 21.85
C ILE D 163 8.91 -2.93 21.99
N VAL D 164 7.69 -2.46 21.76
CA VAL D 164 6.50 -3.29 21.79
C VAL D 164 6.00 -3.42 20.35
N ILE D 165 5.98 -4.65 19.85
CA ILE D 165 5.62 -4.93 18.46
C ILE D 165 4.31 -5.70 18.45
N PRO D 166 3.28 -5.23 17.74
CA PRO D 166 2.05 -6.01 17.63
C PRO D 166 2.29 -7.36 16.97
N ASN D 167 1.58 -8.38 17.44
CA ASN D 167 1.85 -9.74 16.99
C ASN D 167 1.48 -9.95 15.52
N GLY D 168 0.49 -9.22 15.01
CA GLY D 168 0.15 -9.34 13.61
C GLY D 168 1.29 -8.92 12.70
N LYS D 169 1.95 -7.81 13.04
CA LYS D 169 3.10 -7.35 12.26
C LYS D 169 4.31 -8.24 12.46
N ILE D 170 4.31 -9.10 13.47
CA ILE D 170 5.39 -10.06 13.64
C ILE D 170 5.14 -11.29 12.79
N ILE D 171 3.92 -11.81 12.81
CA ILE D 171 3.57 -12.94 11.97
C ILE D 171 3.72 -12.58 10.49
N ALA D 172 3.27 -11.39 10.11
CA ALA D 172 3.57 -10.89 8.78
C ALA D 172 5.04 -10.47 8.70
N GLY D 173 5.69 -10.82 7.59
CA GLY D 173 7.08 -10.48 7.40
C GLY D 173 8.02 -11.50 8.03
N ASN D 174 9.30 -11.35 7.70
CA ASN D 174 10.31 -12.30 8.12
C ASN D 174 10.59 -12.19 9.61
N ILE D 175 11.08 -13.28 10.17
CA ILE D 175 11.51 -13.32 11.57
C ILE D 175 12.94 -13.83 11.62
N ILE D 176 13.91 -12.91 11.56
CA ILE D 176 15.30 -13.32 11.61
C ILE D 176 15.67 -13.66 13.05
N ASN D 177 16.29 -14.83 13.23
CA ASN D 177 16.64 -15.32 14.56
C ASN D 177 18.15 -15.50 14.60
N PHE D 178 18.84 -14.61 15.31
CA PHE D 178 20.29 -14.65 15.35
C PHE D 178 20.83 -15.76 16.25
N SER D 179 20.15 -16.08 17.35
CA SER D 179 20.67 -17.02 18.32
C SER D 179 20.09 -18.42 18.17
N ARG D 180 19.30 -18.67 17.12
CA ARG D 180 18.82 -20.03 16.87
C ARG D 180 19.94 -20.97 16.47
N GLU D 181 20.82 -20.51 15.57
CA GLU D 181 21.92 -21.34 15.08
C GLU D 181 23.15 -21.11 15.96
N PRO D 182 23.75 -22.16 16.51
CA PRO D 182 24.89 -21.95 17.42
C PRO D 182 26.12 -21.36 16.75
N VAL D 183 26.28 -21.51 15.44
CA VAL D 183 27.47 -21.08 14.73
C VAL D 183 27.09 -20.02 13.70
N ARG D 184 27.84 -18.91 13.68
CA ARG D 184 27.62 -17.84 12.73
C ARG D 184 28.95 -17.44 12.11
N ARG D 185 28.87 -16.69 11.01
CA ARG D 185 30.03 -16.37 10.18
C ARG D 185 30.33 -14.88 10.22
N ASN D 186 31.62 -14.55 10.33
CA ASN D 186 32.11 -13.19 10.17
C ASN D 186 32.53 -12.95 8.73
N GLU D 187 32.53 -11.68 8.33
CA GLU D 187 32.92 -11.30 6.97
C GLU D 187 33.77 -10.04 7.04
N PHE D 188 35.07 -10.22 6.93
CA PHE D 188 35.99 -9.09 6.89
C PHE D 188 36.24 -8.65 5.45
N ILE D 189 36.26 -7.34 5.24
CA ILE D 189 36.56 -6.75 3.94
C ILE D 189 37.79 -5.88 4.10
N ILE D 190 38.95 -6.42 3.76
CA ILE D 190 40.19 -5.66 3.90
C ILE D 190 40.57 -5.03 2.57
N GLY D 191 40.86 -3.74 2.60
CA GLY D 191 41.27 -3.04 1.40
C GLY D 191 42.72 -2.62 1.44
N VAL D 192 43.54 -3.18 0.56
CA VAL D 192 44.96 -2.89 0.53
C VAL D 192 45.31 -2.25 -0.81
N ALA D 193 46.49 -1.66 -0.89
CA ALA D 193 46.91 -0.94 -2.08
C ALA D 193 47.17 -1.91 -3.23
N TYR D 194 47.10 -1.38 -4.46
CA TYR D 194 47.33 -2.21 -5.64
C TYR D 194 48.74 -2.76 -5.69
N ASP D 195 49.70 -2.04 -5.10
CA ASP D 195 51.09 -2.50 -5.14
C ASP D 195 51.35 -3.66 -4.18
N SER D 196 50.41 -3.94 -3.28
CA SER D 196 50.64 -4.98 -2.27
C SER D 196 50.71 -6.36 -2.93
N ASP D 197 51.55 -7.22 -2.36
CA ASP D 197 51.73 -8.56 -2.90
C ASP D 197 50.53 -9.44 -2.51
N ILE D 198 49.88 -10.02 -3.51
CA ILE D 198 48.70 -10.84 -3.26
C ILE D 198 49.05 -12.04 -2.39
N ASP D 199 50.16 -12.71 -2.71
CA ASP D 199 50.56 -13.89 -1.94
C ASP D 199 50.88 -13.52 -0.50
N GLN D 200 51.59 -12.42 -0.29
CA GLN D 200 51.92 -12.01 1.07
C GLN D 200 50.67 -11.65 1.85
N VAL D 201 49.75 -10.91 1.24
CA VAL D 201 48.51 -10.55 1.93
C VAL D 201 47.72 -11.80 2.30
N LYS D 202 47.58 -12.73 1.36
CA LYS D 202 46.84 -13.94 1.63
C LYS D 202 47.48 -14.78 2.72
N GLN D 203 48.81 -14.88 2.72
CA GLN D 203 49.48 -15.70 3.72
C GLN D 203 49.42 -15.05 5.10
N ILE D 204 49.50 -13.72 5.17
CA ILE D 204 49.36 -13.04 6.45
C ILE D 204 47.96 -13.23 7.01
N LEU D 205 46.94 -13.05 6.17
CA LEU D 205 45.57 -13.25 6.63
C LEU D 205 45.33 -14.69 7.05
N THR D 206 45.89 -15.65 6.30
CA THR D 206 45.72 -17.06 6.67
C THR D 206 46.40 -17.36 8.00
N ASN D 207 47.59 -16.81 8.24
CA ASN D 207 48.25 -17.01 9.53
C ASN D 207 47.44 -16.41 10.66
N ILE D 208 46.88 -15.22 10.45
CA ILE D 208 46.06 -14.59 11.48
C ILE D 208 44.83 -15.44 11.78
N ILE D 209 44.17 -15.96 10.74
CA ILE D 209 43.00 -16.80 10.95
C ILE D 209 43.37 -18.09 11.67
N GLN D 210 44.47 -18.73 11.27
CA GLN D 210 44.89 -19.99 11.89
C GLN D 210 45.27 -19.80 13.35
N SER D 211 45.93 -18.70 13.70
CA SER D 211 46.34 -18.48 15.07
C SER D 211 45.16 -18.28 16.01
N GLU D 212 44.00 -17.91 15.50
CA GLU D 212 42.82 -17.72 16.33
C GLU D 212 42.27 -19.07 16.78
N ASP D 213 41.89 -19.16 18.05
CA ASP D 213 41.36 -20.39 18.62
C ASP D 213 39.84 -20.46 18.60
N ARG D 214 39.16 -19.32 18.62
CA ARG D 214 37.71 -19.30 18.61
C ARG D 214 37.11 -19.39 17.21
N ILE D 215 37.95 -19.47 16.18
CA ILE D 215 37.48 -19.67 14.82
C ILE D 215 37.47 -21.17 14.54
N LEU D 216 36.31 -21.71 14.16
CA LEU D 216 36.19 -23.13 13.92
C LEU D 216 37.02 -23.53 12.70
N LYS D 217 37.81 -24.59 12.86
CA LYS D 217 38.69 -25.05 11.78
C LYS D 217 38.03 -26.05 10.85
N ASP D 218 36.91 -26.66 11.26
CA ASP D 218 36.21 -27.60 10.39
C ASP D 218 35.28 -26.89 9.40
N ARG D 219 35.05 -25.60 9.57
CA ARG D 219 34.24 -24.84 8.63
C ARG D 219 35.13 -24.20 7.57
N GLU D 220 34.48 -23.61 6.58
CA GLU D 220 35.23 -22.95 5.50
C GLU D 220 35.90 -21.68 6.02
N MET D 221 37.13 -21.47 5.59
CA MET D 221 37.93 -20.31 5.98
C MET D 221 38.42 -19.61 4.71
N THR D 222 37.61 -18.70 4.20
CA THR D 222 37.88 -18.08 2.91
C THR D 222 38.78 -16.87 3.07
N VAL D 223 39.90 -16.87 2.34
CA VAL D 223 40.75 -15.70 2.20
C VAL D 223 41.05 -15.51 0.72
N ARG D 224 40.25 -14.70 0.03
CA ARG D 224 40.35 -14.56 -1.41
C ARG D 224 40.27 -13.08 -1.79
N LEU D 225 40.79 -12.78 -2.98
CA LEU D 225 40.70 -11.43 -3.54
C LEU D 225 39.30 -11.26 -4.13
N ASN D 226 38.50 -10.39 -3.50
CA ASN D 226 37.08 -10.31 -3.82
C ASN D 226 36.80 -9.39 -5.01
N GLU D 227 37.43 -8.22 -5.06
CA GLU D 227 37.16 -7.29 -6.15
C GLU D 227 38.32 -6.32 -6.29
N LEU D 228 38.35 -5.66 -7.45
CA LEU D 228 39.31 -4.60 -7.72
C LEU D 228 38.57 -3.27 -7.60
N GLY D 229 38.76 -2.58 -6.48
CA GLY D 229 38.04 -1.36 -6.20
C GLY D 229 38.65 -0.15 -6.89
N ALA D 230 38.05 1.01 -6.62
CA ALA D 230 38.51 2.25 -7.23
C ALA D 230 39.90 2.63 -6.75
N SER D 231 40.18 2.48 -5.46
CA SER D 231 41.47 2.86 -4.91
C SER D 231 42.19 1.74 -4.18
N SER D 232 41.62 0.54 -4.13
CA SER D 232 42.22 -0.55 -3.39
C SER D 232 41.69 -1.87 -3.92
N ILE D 233 42.44 -2.94 -3.66
CA ILE D 233 41.99 -4.30 -3.94
C ILE D 233 41.41 -4.87 -2.66
N ASN D 234 40.15 -5.31 -2.72
CA ASN D 234 39.40 -5.71 -1.54
C ASN D 234 39.50 -7.22 -1.35
N PHE D 235 40.20 -7.63 -0.31
CA PHE D 235 40.20 -9.03 0.09
C PHE D 235 39.00 -9.32 0.99
N VAL D 236 38.52 -10.55 0.93
CA VAL D 236 37.40 -10.98 1.74
C VAL D 236 37.85 -12.14 2.63
N VAL D 237 37.53 -12.05 3.91
CA VAL D 237 37.83 -13.09 4.88
C VAL D 237 36.51 -13.52 5.53
N ARG D 238 36.19 -14.80 5.41
CA ARG D 238 34.97 -15.36 6.00
C ARG D 238 35.35 -16.52 6.91
N VAL D 239 34.98 -16.42 8.18
CA VAL D 239 35.33 -17.42 9.18
C VAL D 239 34.12 -17.65 10.07
N TRP D 240 33.92 -18.90 10.48
CA TRP D 240 32.81 -19.28 11.33
C TRP D 240 33.25 -19.39 12.78
N SER D 241 32.34 -19.01 13.69
CA SER D 241 32.60 -19.08 15.12
C SER D 241 31.27 -19.24 15.84
N ASN D 242 31.36 -19.65 17.11
CA ASN D 242 30.16 -19.79 17.92
C ASN D 242 29.49 -18.43 18.08
N SER D 243 28.16 -18.45 18.17
CA SER D 243 27.39 -17.21 18.17
C SER D 243 27.75 -16.29 19.33
N GLY D 244 28.30 -16.84 20.42
CA GLY D 244 28.68 -16.03 21.56
C GLY D 244 30.02 -15.35 21.46
N ASP D 245 30.90 -15.81 20.55
CA ASP D 245 32.22 -15.23 20.39
C ASP D 245 32.37 -14.46 19.10
N LEU D 246 31.26 -14.20 18.40
CA LEU D 246 31.34 -13.59 17.07
C LEU D 246 31.94 -12.19 17.11
N GLN D 247 31.40 -11.34 17.98
CA GLN D 247 31.86 -9.95 18.01
C GLN D 247 33.28 -9.84 18.55
N ASN D 248 33.60 -10.60 19.59
CA ASN D 248 34.96 -10.58 20.12
C ASN D 248 35.97 -11.07 19.09
N VAL D 249 35.62 -12.14 18.35
CA VAL D 249 36.50 -12.62 17.29
C VAL D 249 36.67 -11.55 16.22
N TYR D 250 35.58 -10.88 15.84
CA TYR D 250 35.68 -9.83 14.83
C TYR D 250 36.65 -8.74 15.28
N TRP D 251 36.49 -8.26 16.51
CA TRP D 251 37.34 -7.17 17.00
C TRP D 251 38.80 -7.61 17.09
N ASP D 252 39.05 -8.80 17.65
CA ASP D 252 40.42 -9.27 17.80
C ASP D 252 41.09 -9.48 16.44
N VAL D 253 40.38 -10.10 15.49
CA VAL D 253 40.94 -10.34 14.17
C VAL D 253 41.21 -9.02 13.47
N LEU D 254 40.30 -8.04 13.59
CA LEU D 254 40.52 -6.75 12.94
C LEU D 254 41.75 -6.05 13.50
N GLU D 255 41.90 -6.06 14.83
CA GLU D 255 43.06 -5.43 15.45
C GLU D 255 44.36 -6.12 15.03
N ARG D 256 44.35 -7.45 15.03
CA ARG D 256 45.56 -8.17 14.61
C ARG D 256 45.86 -7.96 13.14
N ILE D 257 44.82 -7.85 12.30
CA ILE D 257 45.04 -7.57 10.89
C ILE D 257 45.74 -6.23 10.71
N LYS D 258 45.25 -5.20 11.42
CA LYS D 258 45.88 -3.89 11.30
C LYS D 258 47.32 -3.93 11.80
N ARG D 259 47.56 -4.57 12.95
CA ARG D 259 48.91 -4.60 13.51
C ARG D 259 49.87 -5.33 12.59
N GLU D 260 49.47 -6.49 12.07
CA GLU D 260 50.37 -7.27 11.23
C GLU D 260 50.58 -6.61 9.87
N PHE D 261 49.56 -5.96 9.31
CA PHE D 261 49.76 -5.24 8.06
C PHE D 261 50.69 -4.06 8.24
N ASP D 262 50.56 -3.33 9.36
CA ASP D 262 51.49 -2.24 9.63
C ASP D 262 52.91 -2.75 9.83
N ALA D 263 53.07 -3.88 10.52
CA ALA D 263 54.40 -4.43 10.73
C ALA D 263 55.03 -4.94 9.44
N ALA D 264 54.23 -5.54 8.56
CA ALA D 264 54.77 -6.15 7.35
C ALA D 264 54.92 -5.18 6.20
N GLY D 265 54.55 -3.92 6.37
CA GLY D 265 54.68 -2.94 5.31
C GLY D 265 53.48 -2.81 4.38
N ILE D 266 52.47 -3.67 4.53
CA ILE D 266 51.26 -3.53 3.73
C ILE D 266 50.51 -2.28 4.18
N SER D 267 50.09 -1.48 3.21
CA SER D 267 49.48 -0.19 3.50
C SER D 267 48.01 -0.19 3.11
N PHE D 268 47.20 0.44 3.96
CA PHE D 268 45.80 0.69 3.64
C PHE D 268 45.71 2.01 2.90
N PRO D 269 45.31 2.03 1.64
CA PRO D 269 45.43 3.26 0.85
C PRO D 269 44.32 4.25 1.16
N TYR D 270 44.68 5.53 1.15
CA TYR D 270 43.71 6.61 1.18
C TYR D 270 43.03 6.70 -0.18
N PRO D 271 41.87 7.38 -0.26
CA PRO D 271 41.23 7.59 -1.56
C PRO D 271 42.18 8.15 -2.60
N GLN D 272 42.43 7.37 -3.64
CA GLN D 272 43.39 7.77 -4.67
C GLN D 272 42.75 8.68 -5.71
N MET D 273 43.59 9.47 -6.36
CA MET D 273 43.14 10.41 -7.38
C MET D 273 44.31 10.75 -8.28
N ASP D 274 44.12 10.64 -9.59
CA ASP D 274 45.12 11.05 -10.56
C ASP D 274 44.75 12.43 -11.08
N VAL D 275 45.65 13.38 -10.90
CA VAL D 275 45.41 14.77 -11.29
C VAL D 275 46.28 15.05 -12.51
N ASN D 276 45.63 15.34 -13.63
CA ASN D 276 46.32 15.69 -14.88
C ASN D 276 46.44 17.20 -14.93
N PHE D 277 47.58 17.72 -14.48
CA PHE D 277 47.78 19.15 -14.35
C PHE D 277 47.81 19.82 -15.72
N LYS D 278 47.10 20.94 -15.84
CA LYS D 278 47.08 21.72 -17.07
C LYS D 278 47.27 23.20 -16.72
N ARG D 279 48.18 23.84 -17.44
CA ARG D 279 48.47 25.26 -17.25
C ARG D 279 48.84 25.59 -15.81
N ALA E 19 -60.32 -25.80 29.44
CA ALA E 19 -59.60 -27.06 29.31
C ALA E 19 -59.56 -27.52 27.86
N ASN E 20 -58.86 -26.76 27.02
CA ASN E 20 -58.73 -27.11 25.61
C ASN E 20 -57.90 -28.38 25.45
N GLN E 21 -58.21 -29.13 24.40
CA GLN E 21 -57.58 -30.42 24.16
C GLN E 21 -56.63 -30.42 22.96
N ALA E 22 -56.81 -29.50 22.01
CA ALA E 22 -55.96 -29.46 20.82
C ALA E 22 -54.81 -28.46 21.00
N LEU E 23 -55.15 -27.19 21.22
CA LEU E 23 -54.12 -26.16 21.34
C LEU E 23 -53.29 -26.33 22.61
N LEU E 24 -53.93 -26.69 23.72
CA LEU E 24 -53.18 -26.94 24.94
C LEU E 24 -52.24 -28.12 24.79
N LEU E 25 -52.70 -29.17 24.12
CA LEU E 25 -51.82 -30.31 23.85
C LEU E 25 -50.66 -29.90 22.96
N SER E 26 -50.92 -29.06 21.96
CA SER E 26 -49.83 -28.57 21.11
C SER E 26 -48.82 -27.77 21.91
N TYR E 27 -49.29 -26.91 22.82
CA TYR E 27 -48.38 -26.13 23.65
C TYR E 27 -47.56 -27.03 24.57
N ALA E 28 -48.19 -28.04 25.15
CA ALA E 28 -47.46 -28.98 25.99
C ALA E 28 -46.42 -29.74 25.19
N VAL E 29 -46.77 -30.16 23.97
CA VAL E 29 -45.80 -30.83 23.12
C VAL E 29 -44.63 -29.91 22.81
N ASN E 30 -44.91 -28.64 22.53
CA ASN E 30 -43.84 -27.69 22.21
C ASN E 30 -42.91 -27.48 23.40
N ILE E 31 -43.46 -27.31 24.61
CA ILE E 31 -42.60 -27.05 25.77
C ILE E 31 -41.80 -28.29 26.13
N VAL E 32 -42.42 -29.48 26.06
CA VAL E 32 -41.67 -30.70 26.32
C VAL E 32 -40.58 -30.91 25.28
N ALA E 33 -40.88 -30.59 24.02
CA ALA E 33 -39.87 -30.70 22.97
C ALA E 33 -38.72 -29.73 23.21
N ALA E 34 -39.02 -28.51 23.66
CA ALA E 34 -37.96 -27.56 23.97
C ALA E 34 -37.07 -28.05 25.10
N LEU E 35 -37.69 -28.60 26.15
CA LEU E 35 -36.90 -29.15 27.25
C LEU E 35 -36.04 -30.31 26.78
N ALA E 36 -36.59 -31.20 25.96
CA ALA E 36 -35.81 -32.30 25.42
C ALA E 36 -34.67 -31.78 24.55
N ILE E 37 -34.93 -30.73 23.76
CA ILE E 37 -33.89 -30.18 22.90
C ILE E 37 -32.75 -29.62 23.73
N ILE E 38 -33.06 -28.87 24.80
CA ILE E 38 -32.00 -28.28 25.58
C ILE E 38 -31.22 -29.35 26.36
N ILE E 39 -31.92 -30.37 26.87
CA ILE E 39 -31.23 -31.44 27.59
C ILE E 39 -30.31 -32.22 26.66
N VAL E 40 -30.82 -32.57 25.47
CA VAL E 40 -30.00 -33.31 24.51
C VAL E 40 -28.85 -32.45 24.03
N GLY E 41 -29.06 -31.15 23.86
CA GLY E 41 -27.96 -30.28 23.49
C GLY E 41 -26.89 -30.24 24.55
N LEU E 42 -27.28 -30.17 25.83
CA LEU E 42 -26.30 -30.18 26.91
C LEU E 42 -25.50 -31.49 26.92
N ILE E 43 -26.19 -32.62 26.81
CA ILE E 43 -25.46 -33.89 26.88
C ILE E 43 -24.60 -34.10 25.63
N ILE E 44 -25.07 -33.64 24.46
CA ILE E 44 -24.26 -33.78 23.25
C ILE E 44 -23.04 -32.86 23.32
N ALA E 45 -23.20 -31.67 23.88
CA ALA E 45 -22.05 -30.80 24.09
C ALA E 45 -21.04 -31.44 25.04
N ARG E 46 -21.53 -32.07 26.11
CA ARG E 46 -20.64 -32.78 27.02
C ARG E 46 -19.91 -33.91 26.31
N MET E 47 -20.62 -34.70 25.50
CA MET E 47 -19.99 -35.81 24.79
C MET E 47 -18.95 -35.30 23.79
N ILE E 48 -19.27 -34.24 23.05
CA ILE E 48 -18.32 -33.70 22.08
C ILE E 48 -17.09 -33.14 22.78
N SER E 49 -17.29 -32.43 23.89
CA SER E 49 -16.16 -31.91 24.65
C SER E 49 -15.29 -33.04 25.19
N ASN E 50 -15.91 -34.10 25.70
CA ASN E 50 -15.14 -35.24 26.19
C ASN E 50 -14.35 -35.91 25.07
N ALA E 51 -14.98 -36.08 23.90
CA ALA E 51 -14.28 -36.69 22.77
C ALA E 51 -13.11 -35.83 22.31
N VAL E 52 -13.31 -34.51 22.23
CA VAL E 52 -12.24 -33.62 21.81
C VAL E 52 -11.11 -33.62 22.84
N ASN E 53 -11.46 -33.63 24.13
CA ASN E 53 -10.43 -33.70 25.16
C ASN E 53 -9.65 -35.00 25.09
N ARG E 54 -10.35 -36.12 24.83
CA ARG E 54 -9.66 -37.41 24.67
C ARG E 54 -8.71 -37.39 23.48
N LEU E 55 -9.16 -36.83 22.35
CA LEU E 55 -8.30 -36.75 21.18
C LEU E 55 -7.10 -35.85 21.42
N MET E 56 -7.29 -34.71 22.09
CA MET E 56 -6.18 -33.82 22.38
C MET E 56 -5.22 -34.45 23.39
N ILE E 57 -5.73 -35.29 24.28
CA ILE E 57 -4.85 -36.06 25.16
C ILE E 57 -4.05 -37.09 24.37
N SER E 58 -4.66 -37.70 23.35
CA SER E 58 -3.99 -38.73 22.56
C SER E 58 -2.80 -38.22 21.76
N ARG E 59 -2.65 -36.91 21.63
CA ARG E 59 -1.54 -36.34 20.86
C ARG E 59 -0.96 -35.15 21.59
N LYS E 60 0.11 -34.60 21.02
CA LYS E 60 0.74 -33.43 21.62
C LYS E 60 -0.15 -32.21 21.45
N ILE E 61 -0.30 -31.44 22.52
CA ILE E 61 -1.15 -30.25 22.52
C ILE E 61 -0.70 -29.34 23.64
N ASP E 62 -1.04 -28.06 23.54
CA ASP E 62 -0.76 -27.08 24.59
C ASP E 62 -1.99 -26.91 25.46
N ALA E 63 -1.77 -26.80 26.77
CA ALA E 63 -2.88 -26.78 27.72
C ALA E 63 -3.79 -25.58 27.50
N THR E 64 -3.21 -24.38 27.41
CA THR E 64 -4.01 -23.16 27.32
C THR E 64 -4.80 -23.12 26.02
N VAL E 65 -4.14 -23.41 24.89
CA VAL E 65 -4.82 -23.37 23.61
C VAL E 65 -5.88 -24.47 23.52
N ALA E 66 -5.57 -25.67 24.04
CA ALA E 66 -6.56 -26.75 24.03
C ALA E 66 -7.78 -26.38 24.85
N ASP E 67 -7.58 -25.82 26.04
CA ASP E 67 -8.70 -25.41 26.87
C ASP E 67 -9.50 -24.30 26.21
N PHE E 68 -8.84 -23.33 25.59
CA PHE E 68 -9.55 -22.26 24.91
C PHE E 68 -10.38 -22.80 23.75
N LEU E 69 -9.81 -23.72 22.96
CA LEU E 69 -10.56 -24.28 21.83
C LEU E 69 -11.75 -25.10 22.32
N SER E 70 -11.57 -25.93 23.35
CA SER E 70 -12.69 -26.70 23.88
C SER E 70 -13.76 -25.80 24.46
N ALA E 71 -13.37 -24.74 25.17
CA ALA E 71 -14.33 -23.80 25.71
C ALA E 71 -15.12 -23.12 24.60
N LEU E 72 -14.43 -22.70 23.54
CA LEU E 72 -15.13 -22.06 22.41
C LEU E 72 -16.10 -23.04 21.76
N VAL E 73 -15.68 -24.29 21.54
CA VAL E 73 -16.56 -25.25 20.89
C VAL E 73 -17.78 -25.54 21.77
N ARG E 74 -17.56 -25.74 23.07
CA ARG E 74 -18.67 -26.03 23.97
C ARG E 74 -19.63 -24.85 24.06
N TYR E 75 -19.09 -23.63 24.14
CA TYR E 75 -19.95 -22.45 24.19
C TYR E 75 -20.73 -22.27 22.89
N GLY E 76 -20.10 -22.55 21.75
CA GLY E 76 -20.84 -22.50 20.50
C GLY E 76 -21.97 -23.50 20.45
N ILE E 77 -21.73 -24.73 20.88
CA ILE E 77 -22.78 -25.74 20.88
C ILE E 77 -23.90 -25.34 21.84
N ILE E 78 -23.53 -24.81 23.01
CA ILE E 78 -24.53 -24.40 23.99
C ILE E 78 -25.38 -23.26 23.45
N ALA E 79 -24.74 -22.29 22.79
CA ALA E 79 -25.50 -21.19 22.18
C ALA E 79 -26.44 -21.71 21.10
N PHE E 80 -25.95 -22.64 20.27
CA PHE E 80 -26.80 -23.23 19.23
C PHE E 80 -28.03 -23.88 19.83
N THR E 81 -27.84 -24.75 20.83
CA THR E 81 -28.98 -25.46 21.38
C THR E 81 -29.90 -24.53 22.17
N LEU E 82 -29.35 -23.49 22.80
CA LEU E 82 -30.19 -22.54 23.52
C LEU E 82 -31.10 -21.78 22.56
N ILE E 83 -30.55 -21.28 21.45
CA ILE E 83 -31.40 -20.53 20.54
C ILE E 83 -32.34 -21.49 19.79
N ALA E 84 -31.95 -22.74 19.59
CA ALA E 84 -32.88 -23.71 19.04
C ALA E 84 -34.05 -23.95 19.98
N ALA E 85 -33.78 -24.08 21.28
CA ALA E 85 -34.85 -24.22 22.26
C ALA E 85 -35.75 -22.99 22.29
N LEU E 86 -35.15 -21.80 22.21
CA LEU E 86 -35.96 -20.57 22.16
C LEU E 86 -36.85 -20.54 20.92
N GLY E 87 -36.31 -20.93 19.76
CA GLY E 87 -37.13 -20.99 18.57
C GLY E 87 -38.24 -22.00 18.67
N ARG E 88 -37.97 -23.15 19.28
CA ARG E 88 -39.02 -24.15 19.47
C ARG E 88 -40.10 -23.65 20.42
N VAL E 89 -39.71 -22.91 21.46
CA VAL E 89 -40.68 -22.30 22.35
C VAL E 89 -41.53 -21.27 21.63
N GLY E 90 -40.92 -20.44 20.79
CA GLY E 90 -41.65 -19.43 20.05
C GLY E 90 -41.03 -18.05 20.07
N VAL E 91 -39.88 -17.88 20.73
CA VAL E 91 -39.19 -16.60 20.73
C VAL E 91 -38.35 -16.49 19.47
N GLN E 92 -38.52 -15.40 18.73
CA GLN E 92 -37.74 -15.19 17.52
C GLN E 92 -36.27 -14.97 17.86
N THR E 93 -35.40 -15.64 17.11
CA THR E 93 -33.96 -15.58 17.36
C THR E 93 -33.19 -15.00 16.19
N ALA E 94 -33.85 -14.27 15.28
CA ALA E 94 -33.16 -13.74 14.11
C ALA E 94 -32.09 -12.74 14.50
N SER E 95 -32.33 -11.92 15.52
CA SER E 95 -31.31 -10.97 15.96
C SER E 95 -30.08 -11.68 16.52
N VAL E 96 -30.30 -12.74 17.32
CA VAL E 96 -29.18 -13.50 17.84
C VAL E 96 -28.40 -14.13 16.70
N ILE E 97 -29.10 -14.66 15.70
CA ILE E 97 -28.43 -15.24 14.55
C ILE E 97 -27.63 -14.19 13.79
N ALA E 98 -28.18 -12.98 13.65
CA ALA E 98 -27.45 -11.91 12.96
C ALA E 98 -26.19 -11.51 13.71
N VAL E 99 -26.28 -11.39 15.04
CA VAL E 99 -25.10 -11.04 15.82
C VAL E 99 -24.07 -12.16 15.79
N LEU E 100 -24.52 -13.41 15.83
CA LEU E 100 -23.61 -14.55 15.70
C LEU E 100 -22.94 -14.55 14.34
N GLY E 101 -23.67 -14.22 13.27
CA GLY E 101 -23.05 -14.12 11.97
C GLY E 101 -22.04 -12.99 11.90
N ALA E 102 -22.33 -11.86 12.55
CA ALA E 102 -21.35 -10.77 12.60
C ALA E 102 -20.08 -11.20 13.33
N ALA E 103 -20.24 -11.91 14.46
CA ALA E 103 -19.07 -12.42 15.17
C ALA E 103 -18.29 -13.42 14.33
N GLY E 104 -18.99 -14.30 13.61
CA GLY E 104 -18.31 -15.25 12.74
C GLY E 104 -17.55 -14.56 11.62
N LEU E 105 -18.14 -13.52 11.04
CA LEU E 105 -17.43 -12.77 10.01
C LEU E 105 -16.21 -12.05 10.58
N ALA E 106 -16.33 -11.50 11.79
CA ALA E 106 -15.19 -10.85 12.42
C ALA E 106 -14.06 -11.85 12.67
N VAL E 107 -14.38 -13.03 13.19
CA VAL E 107 -13.33 -14.02 13.46
C VAL E 107 -12.77 -14.57 12.15
N GLY E 108 -13.58 -14.65 11.10
CA GLY E 108 -13.07 -15.06 9.81
C GLY E 108 -12.09 -14.06 9.23
N LEU E 109 -12.41 -12.77 9.33
CA LEU E 109 -11.46 -11.74 8.91
C LEU E 109 -10.20 -11.78 9.75
N ALA E 110 -10.34 -12.08 11.05
CA ALA E 110 -9.17 -12.20 11.91
C ALA E 110 -8.27 -13.35 11.48
N LEU E 111 -8.86 -14.50 11.14
CA LEU E 111 -8.11 -15.68 10.74
C LEU E 111 -7.76 -15.69 9.26
N GLN E 112 -8.14 -14.66 8.51
CA GLN E 112 -7.81 -14.59 7.09
C GLN E 112 -6.32 -14.75 6.85
N GLY E 113 -5.49 -14.04 7.61
CA GLY E 113 -4.05 -14.11 7.38
C GLY E 113 -3.48 -15.49 7.62
N SER E 114 -3.87 -16.11 8.74
CA SER E 114 -3.38 -17.45 9.07
C SER E 114 -3.86 -18.47 8.03
N LEU E 115 -5.12 -18.38 7.62
CA LEU E 115 -5.62 -19.32 6.62
C LEU E 115 -4.97 -19.11 5.26
N SER E 116 -4.67 -17.86 4.91
CA SER E 116 -3.94 -17.61 3.66
C SER E 116 -2.54 -18.20 3.73
N ASN E 117 -1.87 -18.08 4.86
CA ASN E 117 -0.57 -18.72 5.03
C ASN E 117 -0.69 -20.24 4.90
N LEU E 118 -1.73 -20.83 5.47
CA LEU E 118 -1.93 -22.27 5.37
C LEU E 118 -2.15 -22.71 3.92
N ALA E 119 -2.99 -21.99 3.19
CA ALA E 119 -3.25 -22.32 1.79
C ALA E 119 -1.98 -22.17 0.96
N ALA E 120 -1.21 -21.10 1.19
CA ALA E 120 0.05 -20.93 0.49
C ALA E 120 1.03 -22.05 0.81
N GLY E 121 1.07 -22.50 2.06
CA GLY E 121 1.92 -23.63 2.40
C GLY E 121 1.51 -24.91 1.70
N VAL E 122 0.20 -25.13 1.58
CA VAL E 122 -0.28 -26.30 0.84
C VAL E 122 0.16 -26.21 -0.62
N LEU E 123 0.03 -25.03 -1.22
CA LEU E 123 0.45 -24.85 -2.61
C LEU E 123 1.95 -25.08 -2.77
N LEU E 124 2.75 -24.56 -1.84
CA LEU E 124 4.19 -24.75 -1.90
C LEU E 124 4.57 -26.21 -1.76
N VAL E 125 3.88 -26.96 -0.90
CA VAL E 125 4.15 -28.38 -0.78
C VAL E 125 3.77 -29.11 -2.08
N MET E 126 2.63 -28.74 -2.67
CA MET E 126 2.16 -29.45 -3.86
C MET E 126 3.06 -29.18 -5.06
N PHE E 127 3.15 -27.91 -5.47
CA PHE E 127 3.87 -27.57 -6.70
C PHE E 127 5.39 -27.65 -6.53
N ARG E 128 5.89 -27.62 -5.31
CA ARG E 128 7.32 -27.68 -5.02
C ARG E 128 8.13 -26.65 -5.82
N PRO E 129 7.88 -25.35 -5.62
CA PRO E 129 8.78 -24.36 -6.21
C PRO E 129 10.20 -24.48 -5.70
N PHE E 130 10.38 -24.92 -4.45
CA PHE E 130 11.69 -25.15 -3.88
C PHE E 130 11.59 -26.32 -2.90
N ARG E 131 12.74 -26.92 -2.61
CA ARG E 131 12.83 -28.08 -1.74
C ARG E 131 13.83 -27.82 -0.63
N ALA E 132 13.88 -28.74 0.33
CA ALA E 132 14.83 -28.63 1.42
C ALA E 132 16.25 -28.76 0.88
N GLY E 133 17.17 -27.96 1.41
CA GLY E 133 18.54 -27.96 0.95
C GLY E 133 18.77 -27.29 -0.39
N GLU E 134 17.84 -26.44 -0.83
CA GLU E 134 17.93 -25.79 -2.13
C GLU E 134 18.04 -24.29 -1.92
N TYR E 135 19.12 -23.70 -2.43
CA TYR E 135 19.33 -22.27 -2.26
C TYR E 135 18.31 -21.48 -3.06
N VAL E 136 17.66 -20.52 -2.41
CA VAL E 136 16.58 -19.75 -3.01
C VAL E 136 16.74 -18.29 -2.62
N ASP E 137 15.84 -17.44 -3.11
CA ASP E 137 15.78 -16.02 -2.76
C ASP E 137 14.30 -15.63 -2.71
N LEU E 138 13.75 -15.58 -1.51
CA LEU E 138 12.32 -15.34 -1.32
C LEU E 138 12.12 -13.88 -0.94
N GLY E 139 11.95 -13.03 -1.96
CA GLY E 139 11.67 -11.63 -1.72
C GLY E 139 12.81 -10.82 -1.13
N GLY E 140 14.05 -11.04 -1.58
CA GLY E 140 15.18 -10.27 -1.14
C GLY E 140 16.09 -10.97 -0.13
N VAL E 141 15.58 -11.98 0.55
CA VAL E 141 16.39 -12.76 1.49
C VAL E 141 16.72 -14.10 0.86
N ALA E 142 17.99 -14.47 0.90
CA ALA E 142 18.47 -15.67 0.24
C ALA E 142 19.13 -16.59 1.25
N GLY E 143 18.87 -17.88 1.13
CA GLY E 143 19.47 -18.85 2.02
C GLY E 143 19.02 -20.25 1.66
N THR E 144 19.71 -21.22 2.27
CA THR E 144 19.37 -22.62 2.04
C THR E 144 18.11 -22.99 2.80
N VAL E 145 17.13 -23.55 2.09
CA VAL E 145 15.87 -23.93 2.71
C VAL E 145 16.08 -25.14 3.61
N LEU E 146 15.57 -25.07 4.83
CA LEU E 146 15.67 -26.16 5.79
C LEU E 146 14.43 -27.03 5.80
N SER E 147 13.25 -26.43 5.92
CA SER E 147 11.99 -27.17 5.88
C SER E 147 10.87 -26.21 5.52
N VAL E 148 9.77 -26.77 5.05
CA VAL E 148 8.58 -26.01 4.69
C VAL E 148 7.45 -26.51 5.58
N GLN E 149 7.11 -25.73 6.61
CA GLN E 149 6.00 -26.08 7.47
C GLN E 149 4.68 -25.63 6.84
N ILE E 150 3.58 -25.85 7.57
CA ILE E 150 2.27 -25.49 7.07
C ILE E 150 2.10 -23.97 7.02
N PHE E 151 2.62 -23.26 8.01
CA PHE E 151 2.42 -21.83 8.10
C PHE E 151 3.59 -20.99 7.61
N SER E 152 4.82 -21.49 7.71
CA SER E 152 5.97 -20.70 7.34
C SER E 152 7.18 -21.61 7.14
N THR E 153 8.02 -21.26 6.17
CA THR E 153 9.26 -22.01 5.96
C THR E 153 10.40 -21.34 6.71
N THR E 154 11.43 -22.13 6.99
CA THR E 154 12.62 -21.66 7.69
C THR E 154 13.85 -21.98 6.85
N MET E 155 14.72 -20.99 6.67
CA MET E 155 15.91 -21.15 5.86
C MET E 155 17.10 -20.52 6.55
N ARG E 156 18.27 -21.08 6.33
CA ARG E 156 19.52 -20.58 6.91
C ARG E 156 20.28 -19.82 5.83
N THR E 157 20.61 -18.56 6.11
CA THR E 157 21.35 -17.77 5.15
C THR E 157 22.82 -18.16 5.15
N ALA E 158 23.57 -17.63 4.17
CA ALA E 158 25.00 -17.90 4.11
C ALA E 158 25.72 -17.35 5.33
N ASP E 159 25.20 -16.29 5.93
CA ASP E 159 25.77 -15.75 7.16
C ASP E 159 25.63 -16.70 8.33
N GLY E 160 24.57 -17.50 8.35
CA GLY E 160 24.34 -18.46 9.41
C GLY E 160 23.11 -18.21 10.25
N LYS E 161 22.38 -17.12 10.01
CA LYS E 161 21.18 -16.83 10.78
C LYS E 161 19.97 -17.52 10.17
N ILE E 162 19.01 -17.84 11.01
CA ILE E 162 17.79 -18.54 10.60
C ILE E 162 16.69 -17.52 10.36
N ILE E 163 16.02 -17.64 9.21
CA ILE E 163 14.93 -16.75 8.84
C ILE E 163 13.67 -17.58 8.66
N VAL E 164 12.58 -17.14 9.27
CA VAL E 164 11.27 -17.78 9.14
C VAL E 164 10.40 -16.85 8.33
N ILE E 165 9.95 -17.33 7.17
CA ILE E 165 9.17 -16.52 6.23
C ILE E 165 7.76 -17.10 6.14
N PRO E 166 6.72 -16.31 6.39
CA PRO E 166 5.36 -16.83 6.22
C PRO E 166 5.09 -17.25 4.79
N ASN E 167 4.32 -18.32 4.63
CA ASN E 167 4.13 -18.92 3.30
C ASN E 167 3.34 -18.00 2.38
N GLY E 168 2.44 -17.17 2.91
CA GLY E 168 1.72 -16.25 2.06
C GLY E 168 2.63 -15.26 1.37
N LYS E 169 3.59 -14.70 2.12
CA LYS E 169 4.55 -13.79 1.54
C LYS E 169 5.55 -14.48 0.62
N ILE E 170 5.62 -15.81 0.67
CA ILE E 170 6.46 -16.54 -0.27
C ILE E 170 5.71 -16.78 -1.57
N ILE E 171 4.45 -17.20 -1.49
CA ILE E 171 3.63 -17.38 -2.68
C ILE E 171 3.45 -16.05 -3.40
N ALA E 172 3.19 -14.97 -2.66
CA ALA E 172 3.24 -13.65 -3.26
C ALA E 172 4.68 -13.24 -3.54
N GLY E 173 4.90 -12.65 -4.71
CA GLY E 173 6.23 -12.22 -5.10
C GLY E 173 7.05 -13.33 -5.73
N ASN E 174 8.19 -12.93 -6.29
CA ASN E 174 9.01 -13.85 -7.04
C ASN E 174 9.72 -14.84 -6.13
N ILE E 175 10.07 -15.98 -6.70
CA ILE E 175 10.85 -17.00 -6.00
C ILE E 175 12.08 -17.32 -6.84
N ILE E 176 13.18 -16.61 -6.58
CA ILE E 176 14.41 -16.87 -7.32
C ILE E 176 15.05 -18.13 -6.79
N ASN E 177 15.41 -19.03 -7.70
CA ASN E 177 15.99 -20.32 -7.32
C ASN E 177 17.37 -20.42 -7.96
N PHE E 178 18.41 -20.29 -7.14
CA PHE E 178 19.78 -20.29 -7.66
C PHE E 178 20.26 -21.67 -8.06
N SER E 179 19.86 -22.72 -7.35
CA SER E 179 20.39 -24.05 -7.56
C SER E 179 19.49 -24.93 -8.43
N ARG E 180 18.41 -24.37 -8.98
CA ARG E 180 17.57 -25.14 -9.89
C ARG E 180 18.29 -25.44 -11.20
N GLU E 181 18.97 -24.44 -11.76
CA GLU E 181 19.67 -24.60 -13.03
C GLU E 181 21.11 -25.02 -12.76
N PRO E 182 21.59 -26.12 -13.35
CA PRO E 182 22.95 -26.59 -13.04
C PRO E 182 24.04 -25.64 -13.48
N VAL E 183 23.80 -24.79 -14.47
CA VAL E 183 24.82 -23.92 -15.05
C VAL E 183 24.43 -22.47 -14.83
N ARG E 184 25.38 -21.66 -14.35
CA ARG E 184 25.16 -20.25 -14.13
C ARG E 184 26.34 -19.46 -14.70
N ARG E 185 26.13 -18.16 -14.86
CA ARG E 185 27.06 -17.28 -15.56
C ARG E 185 27.70 -16.27 -14.62
N ASN E 186 29.00 -16.08 -14.78
CA ASN E 186 29.73 -15.01 -14.11
C ASN E 186 29.78 -13.78 -15.00
N GLU E 187 29.96 -12.62 -14.38
CA GLU E 187 30.04 -11.35 -15.12
C GLU E 187 31.16 -10.51 -14.50
N PHE E 188 32.30 -10.48 -15.16
CA PHE E 188 33.41 -9.64 -14.72
C PHE E 188 33.35 -8.28 -15.41
N ILE E 189 33.62 -7.23 -14.65
CA ILE E 189 33.67 -5.87 -15.17
C ILE E 189 35.07 -5.33 -14.90
N ILE E 190 35.94 -5.40 -15.91
CA ILE E 190 37.30 -4.93 -15.73
C ILE E 190 37.44 -3.52 -16.27
N GLY E 191 38.03 -2.64 -15.46
CA GLY E 191 38.23 -1.27 -15.88
C GLY E 191 39.71 -0.95 -16.07
N VAL E 192 40.10 -0.66 -17.30
CA VAL E 192 41.47 -0.38 -17.62
C VAL E 192 41.58 1.05 -18.16
N ALA E 193 42.81 1.57 -18.21
CA ALA E 193 43.04 2.94 -18.62
C ALA E 193 42.74 3.12 -20.10
N TYR E 194 42.47 4.37 -20.48
CA TYR E 194 42.16 4.68 -21.87
C TYR E 194 43.34 4.40 -22.79
N ASP E 195 44.56 4.50 -22.27
CA ASP E 195 45.75 4.27 -23.10
C ASP E 195 45.98 2.80 -23.39
N SER E 196 45.29 1.90 -22.69
CA SER E 196 45.53 0.47 -22.86
C SER E 196 45.10 0.01 -24.24
N ASP E 197 45.84 -0.95 -24.78
CA ASP E 197 45.55 -1.48 -26.11
C ASP E 197 44.34 -2.41 -26.04
N ILE E 198 43.33 -2.12 -26.85
CA ILE E 198 42.10 -2.91 -26.83
C ILE E 198 42.39 -4.35 -27.24
N ASP E 199 43.17 -4.53 -28.31
CA ASP E 199 43.49 -5.87 -28.78
C ASP E 199 44.27 -6.66 -27.73
N GLN E 200 45.25 -6.02 -27.08
CA GLN E 200 46.02 -6.71 -26.06
C GLN E 200 45.15 -7.09 -24.87
N VAL E 201 44.28 -6.18 -24.43
CA VAL E 201 43.40 -6.48 -23.31
C VAL E 201 42.48 -7.65 -23.65
N LYS E 202 41.88 -7.61 -24.85
CA LYS E 202 40.97 -8.67 -25.25
C LYS E 202 41.69 -10.00 -25.36
N GLN E 203 42.90 -10.02 -25.91
CA GLN E 203 43.61 -11.28 -26.08
C GLN E 203 44.08 -11.83 -24.74
N ILE E 204 44.47 -10.97 -23.81
CA ILE E 204 44.86 -11.45 -22.48
C ILE E 204 43.66 -12.05 -21.76
N LEU E 205 42.52 -11.35 -21.80
CA LEU E 205 41.32 -11.89 -21.16
C LEU E 205 40.87 -13.19 -21.82
N THR E 206 40.97 -13.28 -23.14
CA THR E 206 40.60 -14.51 -23.82
C THR E 206 41.52 -15.66 -23.44
N ASN E 207 42.83 -15.40 -23.34
CA ASN E 207 43.75 -16.45 -22.90
C ASN E 207 43.44 -16.89 -21.48
N ILE E 208 43.14 -15.95 -20.59
CA ILE E 208 42.79 -16.31 -19.22
C ILE E 208 41.53 -17.16 -19.18
N ILE E 209 40.52 -16.80 -19.96
CA ILE E 209 39.29 -17.58 -19.98
C ILE E 209 39.53 -18.97 -20.56
N GLN E 210 40.30 -19.06 -21.64
CA GLN E 210 40.56 -20.35 -22.27
C GLN E 210 41.36 -21.28 -21.36
N SER E 211 42.33 -20.74 -20.61
CA SER E 211 43.14 -21.57 -19.74
C SER E 211 42.34 -22.17 -18.59
N GLU E 212 41.20 -21.59 -18.25
CA GLU E 212 40.37 -22.12 -17.17
C GLU E 212 39.66 -23.40 -17.63
N ASP E 213 39.64 -24.40 -16.75
CA ASP E 213 39.01 -25.68 -17.06
C ASP E 213 37.58 -25.78 -16.58
N ARG E 214 37.21 -25.04 -15.53
CA ARG E 214 35.85 -25.08 -15.01
C ARG E 214 34.89 -24.16 -15.74
N ILE E 215 35.37 -23.43 -16.74
CA ILE E 215 34.52 -22.59 -17.58
C ILE E 215 34.09 -23.41 -18.79
N LEU E 216 32.78 -23.55 -18.98
CA LEU E 216 32.27 -24.36 -20.08
C LEU E 216 32.61 -23.71 -21.41
N LYS E 217 33.15 -24.52 -22.33
CA LYS E 217 33.57 -24.01 -23.63
C LYS E 217 32.47 -24.05 -24.67
N ASP E 218 31.41 -24.81 -24.45
CA ASP E 218 30.29 -24.84 -25.39
C ASP E 218 29.32 -23.69 -25.19
N ARG E 219 29.44 -22.94 -24.11
CA ARG E 219 28.61 -21.77 -23.89
C ARG E 219 29.29 -20.52 -24.42
N GLU E 220 28.56 -19.41 -24.42
CA GLU E 220 29.12 -18.16 -24.90
C GLU E 220 30.17 -17.63 -23.95
N MET E 221 31.26 -17.11 -24.50
CA MET E 221 32.38 -16.58 -23.74
C MET E 221 32.65 -15.15 -24.23
N THR E 222 31.96 -14.20 -23.63
CA THR E 222 32.00 -12.82 -24.11
C THR E 222 33.18 -12.07 -23.50
N VAL E 223 34.00 -11.49 -24.36
CA VAL E 223 35.04 -10.54 -23.93
C VAL E 223 34.96 -9.33 -24.84
N ARG E 224 34.21 -8.31 -24.43
CA ARG E 224 33.94 -7.16 -25.27
C ARG E 224 34.11 -5.88 -24.47
N LEU E 225 34.34 -4.78 -25.19
CA LEU E 225 34.41 -3.45 -24.58
C LEU E 225 33.00 -2.97 -24.33
N ASN E 226 32.61 -2.87 -23.06
CA ASN E 226 31.22 -2.63 -22.70
C ASN E 226 30.84 -1.16 -22.70
N GLU E 227 31.69 -0.29 -22.17
CA GLU E 227 31.35 1.13 -22.10
C GLU E 227 32.62 1.95 -21.93
N LEU E 228 32.49 3.24 -22.21
CA LEU E 228 33.55 4.21 -22.00
C LEU E 228 33.21 5.01 -20.74
N GLY E 229 33.84 4.66 -19.62
CA GLY E 229 33.53 5.27 -18.35
C GLY E 229 34.19 6.62 -18.16
N ALA E 230 33.96 7.19 -16.98
CA ALA E 230 34.52 8.51 -16.67
C ALA E 230 36.04 8.47 -16.59
N SER E 231 36.61 7.44 -15.99
CA SER E 231 38.07 7.37 -15.84
C SER E 231 38.67 6.09 -16.41
N SER E 232 37.88 5.21 -17.01
CA SER E 232 38.39 3.94 -17.50
C SER E 232 37.45 3.41 -18.56
N ILE E 233 37.97 2.52 -19.40
CA ILE E 233 37.15 1.78 -20.35
C ILE E 233 36.83 0.44 -19.74
N ASN E 234 35.54 0.12 -19.64
CA ASN E 234 35.08 -1.04 -18.90
C ASN E 234 34.86 -2.21 -19.86
N PHE E 235 35.71 -3.23 -19.75
CA PHE E 235 35.50 -4.47 -20.46
C PHE E 235 34.56 -5.37 -19.67
N VAL E 236 33.81 -6.20 -20.39
CA VAL E 236 32.87 -7.14 -19.78
C VAL E 236 33.28 -8.55 -20.18
N VAL E 237 33.35 -9.44 -19.19
CA VAL E 237 33.64 -10.84 -19.40
C VAL E 237 32.50 -11.67 -18.83
N ARG E 238 31.87 -12.48 -19.67
CA ARG E 238 30.77 -13.33 -19.25
C ARG E 238 31.11 -14.77 -19.61
N VAL E 239 31.12 -15.64 -18.61
CA VAL E 239 31.49 -17.04 -18.80
C VAL E 239 30.55 -17.90 -17.97
N TRP E 240 30.19 -19.06 -18.51
CA TRP E 240 29.29 -19.99 -17.84
C TRP E 240 30.08 -21.10 -17.16
N SER E 241 29.57 -21.54 -16.01
CA SER E 241 30.18 -22.61 -15.25
C SER E 241 29.11 -23.30 -14.43
N ASN E 242 29.43 -24.50 -13.95
CA ASN E 242 28.50 -25.24 -13.10
C ASN E 242 28.24 -24.47 -11.82
N SER E 243 27.01 -24.60 -11.31
CA SER E 243 26.58 -23.77 -10.18
C SER E 243 27.46 -23.98 -8.94
N GLY E 244 28.14 -25.13 -8.83
CA GLY E 244 28.99 -25.39 -7.69
C GLY E 244 30.37 -24.78 -7.77
N ASP E 245 30.83 -24.40 -8.95
CA ASP E 245 32.16 -23.83 -9.14
C ASP E 245 32.12 -22.35 -9.46
N LEU E 246 30.96 -21.71 -9.33
CA LEU E 246 30.81 -20.33 -9.78
C LEU E 246 31.70 -19.38 -9.00
N GLN E 247 31.64 -19.44 -7.66
CA GLN E 247 32.39 -18.49 -6.85
C GLN E 247 33.89 -18.74 -6.94
N ASN E 248 34.30 -20.01 -6.93
CA ASN E 248 35.73 -20.33 -7.06
C ASN E 248 36.26 -19.88 -8.42
N VAL E 249 35.49 -20.08 -9.48
CA VAL E 249 35.91 -19.60 -10.79
C VAL E 249 36.02 -18.08 -10.79
N TYR E 250 35.05 -17.39 -10.19
CA TYR E 250 35.12 -15.93 -10.12
C TYR E 250 36.40 -15.48 -9.44
N TRP E 251 36.69 -16.05 -8.26
CA TRP E 251 37.87 -15.63 -7.52
C TRP E 251 39.16 -15.93 -8.28
N ASP E 252 39.28 -17.14 -8.83
CA ASP E 252 40.49 -17.50 -9.56
C ASP E 252 40.69 -16.63 -10.80
N VAL E 253 39.62 -16.40 -11.56
CA VAL E 253 39.73 -15.58 -12.76
C VAL E 253 40.09 -14.15 -12.40
N LEU E 254 39.51 -13.61 -11.32
CA LEU E 254 39.83 -12.24 -10.91
C LEU E 254 41.30 -12.12 -10.51
N GLU E 255 41.79 -13.09 -9.73
CA GLU E 255 43.19 -13.05 -9.32
C GLU E 255 44.12 -13.17 -10.52
N ARG E 256 43.82 -14.08 -11.44
CA ARG E 256 44.66 -14.22 -12.63
C ARG E 256 44.59 -12.98 -13.51
N ILE E 257 43.42 -12.34 -13.60
CA ILE E 257 43.30 -11.12 -14.37
C ILE E 257 44.22 -10.04 -13.80
N LYS E 258 44.18 -9.87 -12.48
CA LYS E 258 45.05 -8.86 -11.87
C LYS E 258 46.52 -9.19 -12.10
N ARG E 259 46.91 -10.45 -11.89
CA ARG E 259 48.31 -10.82 -12.04
C ARG E 259 48.80 -10.61 -13.46
N GLU E 260 48.01 -11.05 -14.46
CA GLU E 260 48.44 -10.92 -15.83
C GLU E 260 48.42 -9.47 -16.31
N PHE E 261 47.46 -8.67 -15.85
CA PHE E 261 47.47 -7.26 -16.22
C PHE E 261 48.67 -6.54 -15.62
N ASP E 262 49.02 -6.86 -14.36
CA ASP E 262 50.21 -6.26 -13.77
C ASP E 262 51.47 -6.71 -14.50
N ALA E 263 51.55 -7.98 -14.91
CA ALA E 263 52.73 -8.45 -15.62
C ALA E 263 52.84 -7.83 -17.01
N ALA E 264 51.72 -7.63 -17.70
CA ALA E 264 51.75 -7.15 -19.08
C ALA E 264 51.80 -5.64 -19.19
N GLY E 265 51.79 -4.91 -18.07
CA GLY E 265 51.85 -3.47 -18.11
C GLY E 265 50.51 -2.76 -18.18
N ILE E 266 49.41 -3.50 -18.31
CA ILE E 266 48.08 -2.87 -18.29
C ILE E 266 47.80 -2.38 -16.88
N SER E 267 47.33 -1.14 -16.79
CA SER E 267 47.13 -0.49 -15.50
C SER E 267 45.66 -0.27 -15.22
N PHE E 268 45.27 -0.49 -13.96
CA PHE E 268 43.94 -0.16 -13.49
C PHE E 268 43.96 1.28 -13.01
N PRO E 269 43.24 2.20 -13.66
CA PRO E 269 43.43 3.62 -13.34
C PRO E 269 42.70 4.02 -12.07
N TYR E 270 43.34 4.92 -11.32
CA TYR E 270 42.68 5.60 -10.22
C TYR E 270 41.69 6.62 -10.76
N PRO E 271 40.75 7.09 -9.93
CA PRO E 271 39.84 8.15 -10.37
C PRO E 271 40.58 9.33 -10.98
N GLN E 272 40.36 9.58 -12.27
CA GLN E 272 41.06 10.63 -12.98
C GLN E 272 40.38 11.98 -12.77
N MET E 273 41.17 13.04 -12.93
CA MET E 273 40.68 14.40 -12.77
C MET E 273 41.62 15.34 -13.51
N ASP E 274 41.05 16.21 -14.34
CA ASP E 274 41.82 17.24 -15.03
C ASP E 274 41.65 18.54 -14.27
N VAL E 275 42.76 19.11 -13.82
CA VAL E 275 42.75 20.34 -13.03
C VAL E 275 43.29 21.45 -13.91
N ASN E 276 42.45 22.44 -14.18
CA ASN E 276 42.84 23.61 -14.97
C ASN E 276 43.28 24.70 -13.99
N PHE E 277 44.58 24.76 -13.77
CA PHE E 277 45.14 25.67 -12.77
C PHE E 277 44.94 27.13 -13.18
N LYS E 278 44.51 27.93 -12.22
CA LYS E 278 44.33 29.36 -12.44
C LYS E 278 44.95 30.14 -11.27
N ARG E 279 45.76 31.14 -11.60
CA ARG E 279 46.41 31.99 -10.61
C ARG E 279 47.22 31.18 -9.60
N ALA F 19 -54.20 -41.74 22.19
CA ALA F 19 -53.85 -42.49 20.99
C ALA F 19 -54.31 -41.74 19.74
N ASN F 20 -53.71 -40.58 19.48
CA ASN F 20 -54.06 -39.79 18.31
C ASN F 20 -53.63 -40.51 17.03
N GLN F 21 -54.39 -40.27 15.97
CA GLN F 21 -54.16 -40.96 14.69
C GLN F 21 -53.60 -40.04 13.62
N ALA F 22 -53.82 -38.73 13.71
CA ALA F 22 -53.34 -37.80 12.69
C ALA F 22 -51.99 -37.19 13.08
N LEU F 23 -51.95 -36.50 14.22
CA LEU F 23 -50.72 -35.83 14.63
C LEU F 23 -49.64 -36.82 15.02
N LEU F 24 -50.01 -37.91 15.70
CA LEU F 24 -49.03 -38.94 16.04
C LEU F 24 -48.47 -39.60 14.79
N LEU F 25 -49.32 -39.86 13.79
CA LEU F 25 -48.84 -40.39 12.52
C LEU F 25 -47.90 -39.41 11.83
N SER F 26 -48.23 -38.12 11.88
CA SER F 26 -47.34 -37.12 11.30
C SER F 26 -45.98 -37.12 12.00
N TYR F 27 -45.98 -37.20 13.33
CA TYR F 27 -44.72 -37.24 14.08
C TYR F 27 -43.91 -38.48 13.74
N ALA F 28 -44.57 -39.63 13.62
CA ALA F 28 -43.88 -40.85 13.24
C ALA F 28 -43.30 -40.75 11.84
N VAL F 29 -44.06 -40.16 10.91
CA VAL F 29 -43.55 -39.95 9.56
C VAL F 29 -42.32 -39.05 9.59
N ASN F 30 -42.37 -37.98 10.39
CA ASN F 30 -41.24 -37.06 10.47
C ASN F 30 -40.00 -37.73 11.03
N ILE F 31 -40.14 -38.53 12.10
CA ILE F 31 -38.96 -39.15 12.69
C ILE F 31 -38.40 -40.23 11.78
N VAL F 32 -39.27 -41.02 11.14
CA VAL F 32 -38.78 -42.02 10.19
C VAL F 32 -38.10 -41.35 9.01
N ALA F 33 -38.64 -40.23 8.53
CA ALA F 33 -38.02 -39.50 7.44
C ALA F 33 -36.65 -38.95 7.85
N ALA F 34 -36.53 -38.46 9.09
CA ALA F 34 -35.24 -37.98 9.56
C ALA F 34 -34.21 -39.10 9.63
N LEU F 35 -34.63 -40.28 10.13
CA LEU F 35 -33.72 -41.42 10.16
C LEU F 35 -33.30 -41.84 8.75
N ALA F 36 -34.26 -41.86 7.82
CA ALA F 36 -33.93 -42.19 6.44
C ALA F 36 -32.99 -41.15 5.84
N ILE F 37 -33.19 -39.88 6.15
CA ILE F 37 -32.34 -38.82 5.64
C ILE F 37 -30.92 -39.00 6.13
N ILE F 38 -30.75 -39.27 7.43
CA ILE F 38 -29.39 -39.38 7.96
C ILE F 38 -28.71 -40.65 7.43
N ILE F 39 -29.45 -41.76 7.29
CA ILE F 39 -28.87 -42.98 6.76
C ILE F 39 -28.45 -42.79 5.31
N VAL F 40 -29.32 -42.19 4.49
CA VAL F 40 -29.00 -41.96 3.09
C VAL F 40 -27.86 -40.97 2.97
N GLY F 41 -27.80 -39.96 3.83
CA GLY F 41 -26.67 -39.05 3.82
C GLY F 41 -25.36 -39.76 4.13
N LEU F 42 -25.37 -40.65 5.12
CA LEU F 42 -24.16 -41.41 5.44
C LEU F 42 -23.72 -42.27 4.26
N ILE F 43 -24.65 -43.00 3.65
CA ILE F 43 -24.25 -43.88 2.56
C ILE F 43 -23.83 -43.08 1.33
N ILE F 44 -24.48 -41.95 1.07
CA ILE F 44 -24.10 -41.11 -0.07
C ILE F 44 -22.72 -40.49 0.16
N ALA F 45 -22.43 -40.08 1.41
CA ALA F 45 -21.10 -39.59 1.72
C ALA F 45 -20.05 -40.68 1.52
N ARG F 46 -20.37 -41.91 1.93
CA ARG F 46 -19.45 -43.01 1.70
C ARG F 46 -19.22 -43.25 0.21
N MET F 47 -20.29 -43.23 -0.59
CA MET F 47 -20.16 -43.43 -2.02
C MET F 47 -19.34 -42.32 -2.68
N ILE F 48 -19.59 -41.07 -2.30
CA ILE F 48 -18.86 -39.95 -2.88
C ILE F 48 -17.38 -40.02 -2.49
N SER F 49 -17.10 -40.35 -1.22
CA SER F 49 -15.72 -40.49 -0.79
C SER F 49 -15.02 -41.62 -1.54
N ASN F 50 -15.70 -42.75 -1.74
CA ASN F 50 -15.11 -43.86 -2.48
C ASN F 50 -14.85 -43.46 -3.93
N ALA F 51 -15.78 -42.75 -4.56
CA ALA F 51 -15.58 -42.32 -5.94
C ALA F 51 -14.42 -41.35 -6.06
N VAL F 52 -14.32 -40.40 -5.13
CA VAL F 52 -13.23 -39.43 -5.16
C VAL F 52 -11.90 -40.13 -4.91
N ASN F 53 -11.87 -41.09 -3.98
CA ASN F 53 -10.64 -41.85 -3.75
C ASN F 53 -10.24 -42.65 -4.98
N ARG F 54 -11.21 -43.25 -5.66
CA ARG F 54 -10.92 -43.98 -6.89
C ARG F 54 -10.35 -43.06 -7.95
N LEU F 55 -10.96 -41.89 -8.13
CA LEU F 55 -10.46 -40.94 -9.13
C LEU F 55 -9.06 -40.44 -8.78
N MET F 56 -8.79 -40.15 -7.50
CA MET F 56 -7.46 -39.71 -7.11
C MET F 56 -6.44 -40.83 -7.24
N ILE F 57 -6.86 -42.08 -7.08
CA ILE F 57 -5.98 -43.21 -7.38
C ILE F 57 -5.69 -43.31 -8.86
N SER F 58 -6.68 -43.01 -9.71
CA SER F 58 -6.51 -43.12 -11.15
C SER F 58 -5.51 -42.13 -11.73
N ARG F 59 -5.09 -41.12 -10.96
CA ARG F 59 -4.15 -40.13 -11.46
C ARG F 59 -3.13 -39.82 -10.37
N LYS F 60 -2.16 -38.99 -10.72
CA LYS F 60 -1.13 -38.59 -9.77
C LYS F 60 -1.73 -37.66 -8.71
N ILE F 61 -1.39 -37.92 -7.45
CA ILE F 61 -1.91 -37.15 -6.34
C ILE F 61 -0.96 -37.32 -5.17
N ASP F 62 -1.02 -36.39 -4.21
CA ASP F 62 -0.25 -36.47 -2.98
C ASP F 62 -1.11 -37.04 -1.88
N ALA F 63 -0.52 -37.91 -1.05
CA ALA F 63 -1.30 -38.63 -0.06
C ALA F 63 -1.92 -37.69 0.97
N THR F 64 -1.13 -36.79 1.54
CA THR F 64 -1.62 -35.93 2.61
C THR F 64 -2.70 -34.98 2.10
N VAL F 65 -2.46 -34.32 0.95
CA VAL F 65 -3.44 -33.40 0.41
C VAL F 65 -4.71 -34.13 -0.02
N ALA F 66 -4.56 -35.31 -0.63
CA ALA F 66 -5.72 -36.09 -1.04
C ALA F 66 -6.57 -36.49 0.17
N ASP F 67 -5.91 -36.96 1.23
CA ASP F 67 -6.64 -37.34 2.44
C ASP F 67 -7.31 -36.13 3.09
N PHE F 68 -6.63 -34.99 3.12
CA PHE F 68 -7.24 -33.79 3.69
C PHE F 68 -8.46 -33.35 2.88
N LEU F 69 -8.36 -33.38 1.55
CA LEU F 69 -9.49 -32.99 0.72
C LEU F 69 -10.67 -33.94 0.88
N SER F 70 -10.39 -35.25 0.89
CA SER F 70 -11.48 -36.21 1.09
C SER F 70 -12.11 -36.08 2.46
N ALA F 71 -11.30 -35.84 3.50
CA ALA F 71 -11.84 -35.64 4.83
C ALA F 71 -12.73 -34.40 4.89
N LEU F 72 -12.28 -33.30 4.26
CA LEU F 72 -13.09 -32.09 4.25
C LEU F 72 -14.40 -32.31 3.50
N VAL F 73 -14.36 -32.99 2.35
CA VAL F 73 -15.57 -33.23 1.59
C VAL F 73 -16.55 -34.11 2.38
N ARG F 74 -16.03 -35.18 2.98
CA ARG F 74 -16.89 -36.09 3.74
C ARG F 74 -17.48 -35.39 4.96
N TYR F 75 -16.67 -34.59 5.66
CA TYR F 75 -17.19 -33.85 6.82
C TYR F 75 -18.23 -32.82 6.40
N GLY F 76 -18.02 -32.16 5.26
CA GLY F 76 -19.04 -31.24 4.77
C GLY F 76 -20.35 -31.94 4.46
N ILE F 77 -20.28 -33.07 3.78
CA ILE F 77 -21.50 -33.82 3.47
C ILE F 77 -22.19 -34.30 4.74
N ILE F 78 -21.40 -34.78 5.72
CA ILE F 78 -21.97 -35.25 6.97
C ILE F 78 -22.64 -34.11 7.72
N ALA F 79 -22.00 -32.93 7.75
CA ALA F 79 -22.63 -31.78 8.40
C ALA F 79 -23.92 -31.40 7.69
N PHE F 80 -23.91 -31.40 6.36
CA PHE F 80 -25.12 -31.08 5.60
C PHE F 80 -26.25 -32.02 5.96
N THR F 81 -26.00 -33.32 5.92
CA THR F 81 -27.08 -34.28 6.18
C THR F 81 -27.50 -34.25 7.65
N LEU F 82 -26.58 -33.97 8.57
CA LEU F 82 -26.95 -33.88 9.98
C LEU F 82 -27.88 -32.70 10.24
N ILE F 83 -27.55 -31.53 9.68
CA ILE F 83 -28.44 -30.39 9.92
C ILE F 83 -29.73 -30.54 9.13
N ALA F 84 -29.70 -31.24 8.00
CA ALA F 84 -30.96 -31.55 7.30
C ALA F 84 -31.85 -32.45 8.16
N ALA F 85 -31.27 -33.46 8.79
CA ALA F 85 -32.04 -34.32 9.68
C ALA F 85 -32.58 -33.54 10.88
N LEU F 86 -31.77 -32.64 11.43
CA LEU F 86 -32.25 -31.80 12.53
C LEU F 86 -33.41 -30.92 12.10
N GLY F 87 -33.32 -30.32 10.91
CA GLY F 87 -34.42 -29.51 10.42
C GLY F 87 -35.67 -30.33 10.17
N ARG F 88 -35.52 -31.55 9.67
CA ARG F 88 -36.68 -32.42 9.47
C ARG F 88 -37.30 -32.82 10.80
N VAL F 89 -36.48 -33.06 11.82
CA VAL F 89 -37.00 -33.33 13.15
C VAL F 89 -37.75 -32.13 13.72
N GLY F 90 -37.22 -30.92 13.54
CA GLY F 90 -37.88 -29.73 14.04
C GLY F 90 -36.96 -28.77 14.77
N VAL F 91 -35.68 -29.09 14.91
CA VAL F 91 -34.74 -28.18 15.55
C VAL F 91 -34.26 -27.15 14.52
N GLN F 92 -34.38 -25.87 14.88
CA GLN F 92 -33.94 -24.81 13.99
C GLN F 92 -32.43 -24.84 13.82
N THR F 93 -31.97 -24.73 12.57
CA THR F 93 -30.54 -24.81 12.27
C THR F 93 -30.01 -23.51 11.65
N ALA F 94 -30.70 -22.40 11.82
CA ALA F 94 -30.26 -21.15 11.21
C ALA F 94 -28.92 -20.69 11.76
N SER F 95 -28.67 -20.89 13.05
CA SER F 95 -27.39 -20.51 13.63
C SER F 95 -26.26 -21.35 13.04
N VAL F 96 -26.48 -22.67 12.90
CA VAL F 96 -25.47 -23.52 12.30
C VAL F 96 -25.20 -23.09 10.87
N ILE F 97 -26.25 -22.75 10.12
CA ILE F 97 -26.08 -22.28 8.75
C ILE F 97 -25.30 -20.97 8.73
N ALA F 98 -25.57 -20.07 9.67
CA ALA F 98 -24.83 -18.80 9.71
C ALA F 98 -23.35 -19.02 10.02
N VAL F 99 -23.04 -19.90 10.95
CA VAL F 99 -21.64 -20.18 11.28
C VAL F 99 -20.96 -20.88 10.11
N LEU F 100 -21.66 -21.79 9.44
CA LEU F 100 -21.11 -22.43 8.24
C LEU F 100 -20.85 -21.42 7.14
N GLY F 101 -21.74 -20.45 6.96
CA GLY F 101 -21.50 -19.39 6.00
C GLY F 101 -20.32 -18.53 6.36
N ALA F 102 -20.15 -18.24 7.66
CA ALA F 102 -18.98 -17.50 8.11
C ALA F 102 -17.68 -18.26 7.81
N ALA F 103 -17.68 -19.57 8.08
CA ALA F 103 -16.52 -20.38 7.76
C ALA F 103 -16.25 -20.43 6.26
N GLY F 104 -17.30 -20.54 5.45
CA GLY F 104 -17.13 -20.52 4.01
C GLY F 104 -16.57 -19.21 3.51
N LEU F 105 -17.04 -18.09 4.07
CA LEU F 105 -16.49 -16.79 3.70
C LEU F 105 -15.03 -16.66 4.11
N ALA F 106 -14.67 -17.18 5.29
CA ALA F 106 -13.29 -17.14 5.73
C ALA F 106 -12.40 -17.96 4.80
N VAL F 107 -12.83 -19.16 4.43
CA VAL F 107 -12.01 -19.98 3.54
C VAL F 107 -11.97 -19.39 2.13
N GLY F 108 -13.04 -18.71 1.70
CA GLY F 108 -13.00 -18.03 0.42
C GLY F 108 -12.01 -16.88 0.40
N LEU F 109 -11.99 -16.08 1.47
CA LEU F 109 -10.98 -15.03 1.58
C LEU F 109 -9.58 -15.61 1.65
N ALA F 110 -9.42 -16.77 2.29
CA ALA F 110 -8.12 -17.43 2.33
C ALA F 110 -7.67 -17.86 0.94
N LEU F 111 -8.58 -18.42 0.15
CA LEU F 111 -8.26 -18.91 -1.18
C LEU F 111 -8.35 -17.83 -2.25
N GLN F 112 -8.66 -16.58 -1.86
CA GLN F 112 -8.73 -15.50 -2.83
C GLN F 112 -7.45 -15.36 -3.62
N GLY F 113 -6.30 -15.39 -2.95
CA GLY F 113 -5.04 -15.21 -3.66
C GLY F 113 -4.76 -16.31 -4.66
N SER F 114 -4.95 -17.57 -4.25
CA SER F 114 -4.72 -18.70 -5.15
C SER F 114 -5.68 -18.67 -6.33
N LEU F 115 -6.95 -18.35 -6.08
CA LEU F 115 -7.91 -18.29 -7.18
C LEU F 115 -7.63 -17.13 -8.12
N SER F 116 -7.15 -16.01 -7.59
CA SER F 116 -6.76 -14.90 -8.45
C SER F 116 -5.58 -15.29 -9.32
N ASN F 117 -4.61 -16.01 -8.76
CA ASN F 117 -3.50 -16.51 -9.57
C ASN F 117 -4.00 -17.45 -10.66
N LEU F 118 -4.95 -18.32 -10.33
CA LEU F 118 -5.49 -19.24 -11.33
C LEU F 118 -6.20 -18.50 -12.46
N ALA F 119 -7.02 -17.50 -12.11
CA ALA F 119 -7.72 -16.73 -13.13
C ALA F 119 -6.73 -15.97 -14.01
N ALA F 120 -5.70 -15.37 -13.39
CA ALA F 120 -4.68 -14.69 -14.17
C ALA F 120 -3.93 -15.64 -15.09
N GLY F 121 -3.66 -16.86 -14.63
CA GLY F 121 -3.03 -17.84 -15.49
C GLY F 121 -3.91 -18.22 -16.67
N VAL F 122 -5.21 -18.35 -16.44
CA VAL F 122 -6.13 -18.63 -17.54
C VAL F 122 -6.10 -17.49 -18.55
N LEU F 123 -6.12 -16.24 -18.07
CA LEU F 123 -6.07 -15.09 -18.97
C LEU F 123 -4.76 -15.06 -19.76
N LEU F 124 -3.64 -15.37 -19.09
CA LEU F 124 -2.35 -15.38 -19.78
C LEU F 124 -2.30 -16.46 -20.85
N VAL F 125 -2.88 -17.63 -20.58
CA VAL F 125 -2.92 -18.68 -21.59
C VAL F 125 -3.81 -18.26 -22.76
N MET F 126 -4.94 -17.62 -22.47
CA MET F 126 -5.87 -17.26 -23.55
C MET F 126 -5.30 -16.16 -24.43
N PHE F 127 -5.04 -14.99 -23.85
CA PHE F 127 -4.62 -13.84 -24.64
C PHE F 127 -3.18 -13.94 -25.14
N ARG F 128 -2.37 -14.79 -24.52
CA ARG F 128 -0.97 -14.97 -24.89
C ARG F 128 -0.19 -13.66 -24.97
N PRO F 129 -0.07 -12.92 -23.86
CA PRO F 129 0.84 -11.77 -23.86
C PRO F 129 2.28 -12.17 -24.13
N PHE F 130 2.68 -13.37 -23.72
CA PHE F 130 4.00 -13.88 -23.99
C PHE F 130 3.91 -15.39 -24.14
N ARG F 131 4.92 -15.97 -24.78
CA ARG F 131 4.97 -17.40 -25.06
C ARG F 131 6.27 -17.97 -24.54
N ALA F 132 6.36 -19.31 -24.58
CA ALA F 132 7.59 -19.98 -24.18
C ALA F 132 8.73 -19.61 -25.12
N GLY F 133 9.92 -19.41 -24.55
CA GLY F 133 11.07 -19.01 -25.33
C GLY F 133 11.07 -17.58 -25.79
N GLU F 134 10.28 -16.71 -25.15
CA GLU F 134 10.15 -15.32 -25.55
C GLU F 134 10.67 -14.44 -24.42
N TYR F 135 11.68 -13.62 -24.72
CA TYR F 135 12.26 -12.76 -23.69
C TYR F 135 11.26 -11.67 -23.30
N VAL F 136 11.06 -11.52 -21.98
CA VAL F 136 10.06 -10.60 -21.45
C VAL F 136 10.66 -9.88 -20.24
N ASP F 137 9.87 -8.99 -19.64
CA ASP F 137 10.25 -8.27 -18.42
C ASP F 137 8.98 -8.11 -17.61
N LEU F 138 8.79 -8.97 -16.61
CA LEU F 138 7.57 -9.00 -15.81
C LEU F 138 7.82 -8.29 -14.50
N GLY F 139 7.59 -6.98 -14.49
CA GLY F 139 7.72 -6.19 -13.27
C GLY F 139 9.12 -6.02 -12.75
N GLY F 140 10.11 -5.80 -13.62
CA GLY F 140 11.47 -5.54 -13.21
C GLY F 140 12.43 -6.70 -13.38
N VAL F 141 11.91 -7.93 -13.48
CA VAL F 141 12.74 -9.10 -13.72
C VAL F 141 12.56 -9.54 -15.16
N ALA F 142 13.68 -9.78 -15.84
CA ALA F 142 13.66 -10.10 -17.25
C ALA F 142 14.35 -11.43 -17.49
N GLY F 143 13.77 -12.24 -18.37
CA GLY F 143 14.35 -13.53 -18.70
C GLY F 143 13.51 -14.24 -19.73
N THR F 144 14.09 -15.31 -20.26
CA THR F 144 13.39 -16.12 -21.25
C THR F 144 12.33 -16.98 -20.57
N VAL F 145 11.09 -16.89 -21.06
CA VAL F 145 10.00 -17.66 -20.49
C VAL F 145 10.18 -19.13 -20.84
N LEU F 146 10.04 -19.99 -19.83
CA LEU F 146 10.14 -21.43 -20.02
C LEU F 146 8.78 -22.10 -20.17
N SER F 147 7.86 -21.82 -19.26
CA SER F 147 6.50 -22.35 -19.35
C SER F 147 5.58 -21.47 -18.51
N VAL F 148 4.29 -21.57 -18.81
CA VAL F 148 3.26 -20.85 -18.08
C VAL F 148 2.33 -21.88 -17.46
N GLN F 149 2.47 -22.11 -16.16
CA GLN F 149 1.59 -23.02 -15.45
C GLN F 149 0.30 -22.32 -15.07
N ILE F 150 -0.58 -23.05 -14.38
CA ILE F 150 -1.86 -22.49 -13.97
C ILE F 150 -1.69 -21.43 -12.90
N PHE F 151 -0.75 -21.64 -11.97
CA PHE F 151 -0.59 -20.73 -10.84
C PHE F 151 0.56 -19.75 -11.00
N SER F 152 1.62 -20.11 -11.72
CA SER F 152 2.79 -19.25 -11.82
C SER F 152 3.64 -19.68 -13.00
N THR F 153 4.24 -18.71 -13.67
CA THR F 153 5.16 -18.99 -14.76
C THR F 153 6.60 -19.03 -14.24
N THR F 154 7.45 -19.73 -14.98
CA THR F 154 8.86 -19.87 -14.63
C THR F 154 9.70 -19.42 -15.81
N MET F 155 10.70 -18.58 -15.55
CA MET F 155 11.54 -18.05 -16.60
C MET F 155 12.99 -18.06 -16.14
N ARG F 156 13.90 -18.23 -17.10
CA ARG F 156 15.33 -18.25 -16.83
C ARG F 156 15.93 -16.92 -17.26
N THR F 157 16.60 -16.25 -16.33
CA THR F 157 17.21 -14.97 -16.65
C THR F 157 18.49 -15.18 -17.44
N ALA F 158 19.04 -14.07 -17.95
CA ALA F 158 20.30 -14.14 -18.69
C ALA F 158 21.44 -14.63 -17.81
N ASP F 159 21.36 -14.35 -16.50
CA ASP F 159 22.35 -14.85 -15.56
C ASP F 159 22.32 -16.36 -15.44
N GLY F 160 21.16 -16.98 -15.59
CA GLY F 160 21.02 -18.42 -15.51
C GLY F 160 20.15 -18.91 -14.38
N LYS F 161 19.66 -18.02 -13.51
CA LYS F 161 18.82 -18.43 -12.41
C LYS F 161 17.36 -18.51 -12.83
N ILE F 162 16.62 -19.39 -12.17
CA ILE F 162 15.21 -19.62 -12.48
C ILE F 162 14.35 -18.79 -11.55
N ILE F 163 13.38 -18.07 -12.11
CA ILE F 163 12.47 -17.25 -11.33
C ILE F 163 11.04 -17.73 -11.58
N VAL F 164 10.30 -17.93 -10.49
CA VAL F 164 8.90 -18.33 -10.56
C VAL F 164 8.07 -17.13 -10.11
N ILE F 165 7.23 -16.64 -11.01
CA ILE F 165 6.43 -15.44 -10.76
C ILE F 165 4.96 -15.84 -10.71
N PRO F 166 4.23 -15.52 -9.64
CA PRO F 166 2.80 -15.82 -9.62
C PRO F 166 2.06 -15.07 -10.72
N ASN F 167 1.05 -15.73 -11.29
CA ASN F 167 0.37 -15.18 -12.45
C ASN F 167 -0.41 -13.91 -12.14
N GLY F 168 -0.91 -13.77 -10.90
CA GLY F 168 -1.60 -12.55 -10.53
C GLY F 168 -0.71 -11.34 -10.60
N LYS F 169 0.52 -11.46 -10.10
CA LYS F 169 1.47 -10.36 -10.17
C LYS F 169 1.98 -10.13 -11.59
N ILE F 170 1.75 -11.07 -12.50
CA ILE F 170 2.11 -10.84 -13.91
C ILE F 170 0.99 -10.09 -14.61
N ILE F 171 -0.25 -10.50 -14.40
CA ILE F 171 -1.38 -9.79 -14.98
C ILE F 171 -1.44 -8.37 -14.46
N ALA F 172 -1.23 -8.18 -13.15
CA ALA F 172 -1.04 -6.83 -12.64
C ALA F 172 0.32 -6.29 -13.05
N GLY F 173 0.34 -5.03 -13.45
CA GLY F 173 1.56 -4.38 -13.86
C GLY F 173 1.89 -4.64 -15.32
N ASN F 174 2.91 -3.92 -15.80
CA ASN F 174 3.26 -3.96 -17.21
C ASN F 174 3.93 -5.28 -17.57
N ILE F 175 3.85 -5.63 -18.85
CA ILE F 175 4.53 -6.80 -19.39
C ILE F 175 5.38 -6.36 -20.57
N ILE F 176 6.63 -6.00 -20.31
CA ILE F 176 7.52 -5.58 -21.39
C ILE F 176 7.97 -6.81 -22.16
N ASN F 177 7.85 -6.75 -23.48
CA ASN F 177 8.19 -7.88 -24.34
C ASN F 177 9.28 -7.42 -25.30
N PHE F 178 10.51 -7.88 -25.08
CA PHE F 178 11.64 -7.44 -25.88
C PHE F 178 11.67 -8.08 -27.26
N SER F 179 11.25 -9.33 -27.39
CA SER F 179 11.37 -10.06 -28.65
C SER F 179 10.09 -10.07 -29.47
N ARG F 180 9.06 -9.34 -29.04
CA ARG F 180 7.85 -9.24 -29.85
C ARG F 180 8.09 -8.46 -31.13
N GLU F 181 8.81 -7.34 -31.04
CA GLU F 181 9.07 -6.49 -32.20
C GLU F 181 10.39 -6.91 -32.83
N PRO F 182 10.42 -7.23 -34.13
CA PRO F 182 11.67 -7.71 -34.75
C PRO F 182 12.79 -6.69 -34.76
N VAL F 183 12.48 -5.39 -34.71
CA VAL F 183 13.49 -4.34 -34.83
C VAL F 183 13.51 -3.51 -33.56
N ARG F 184 14.72 -3.28 -33.04
CA ARG F 184 14.90 -2.47 -31.83
C ARG F 184 16.02 -1.47 -32.08
N ARG F 185 16.09 -0.46 -31.19
CA ARG F 185 16.97 0.69 -31.37
C ARG F 185 18.05 0.72 -30.31
N ASN F 186 19.27 1.02 -30.74
CA ASN F 186 20.38 1.31 -29.83
C ASN F 186 20.47 2.80 -29.56
N GLU F 187 21.08 3.15 -28.44
CA GLU F 187 21.24 4.55 -28.05
C GLU F 187 22.64 4.73 -27.47
N PHE F 188 23.55 5.28 -28.28
CA PHE F 188 24.89 5.59 -27.83
C PHE F 188 24.96 7.01 -27.29
N ILE F 189 25.67 7.18 -26.18
CA ILE F 189 25.89 8.50 -25.59
C ILE F 189 27.39 8.73 -25.55
N ILE F 190 27.91 9.46 -26.54
CA ILE F 190 29.34 9.71 -26.59
C ILE F 190 29.65 11.08 -26.01
N GLY F 191 30.61 11.12 -25.09
CA GLY F 191 31.02 12.37 -24.49
C GLY F 191 32.41 12.79 -24.91
N VAL F 192 32.51 13.91 -25.62
CA VAL F 192 33.77 14.39 -26.12
C VAL F 192 34.06 15.76 -25.51
N ALA F 193 35.30 16.20 -25.62
CA ALA F 193 35.72 17.46 -25.01
C ALA F 193 35.08 18.65 -25.71
N TYR F 194 35.01 19.77 -24.99
CA TYR F 194 34.41 20.97 -25.54
C TYR F 194 35.20 21.51 -26.73
N ASP F 195 36.51 21.25 -26.77
CA ASP F 195 37.32 21.75 -27.87
C ASP F 195 37.12 20.96 -29.16
N SER F 196 36.46 19.80 -29.09
CA SER F 196 36.31 18.96 -30.27
C SER F 196 35.43 19.63 -31.30
N ASP F 197 35.75 19.40 -32.57
CA ASP F 197 34.99 19.99 -33.67
C ASP F 197 33.66 19.25 -33.84
N ILE F 198 32.56 19.99 -33.78
CA ILE F 198 31.24 19.39 -33.88
C ILE F 198 31.06 18.72 -35.24
N ASP F 199 31.46 19.41 -36.31
CA ASP F 199 31.31 18.83 -37.64
C ASP F 199 32.15 17.57 -37.81
N GLN F 200 33.38 17.58 -37.32
CA GLN F 200 34.23 16.40 -37.43
C GLN F 200 33.66 15.23 -36.63
N VAL F 201 33.18 15.49 -35.41
CA VAL F 201 32.59 14.43 -34.60
C VAL F 201 31.37 13.85 -35.29
N LYS F 202 30.49 14.72 -35.79
CA LYS F 202 29.29 14.23 -36.46
C LYS F 202 29.61 13.44 -37.71
N GLN F 203 30.58 13.89 -38.50
CA GLN F 203 30.91 13.18 -39.73
C GLN F 203 31.59 11.84 -39.45
N ILE F 204 32.42 11.77 -38.39
CA ILE F 204 33.03 10.49 -38.03
C ILE F 204 31.97 9.51 -37.56
N LEU F 205 31.05 9.97 -36.71
CA LEU F 205 29.99 9.08 -36.24
C LEU F 205 29.09 8.64 -37.40
N THR F 206 28.79 9.55 -38.33
CA THR F 206 27.98 9.19 -39.48
C THR F 206 28.67 8.16 -40.36
N ASN F 207 29.98 8.32 -40.58
CA ASN F 207 30.71 7.32 -41.35
C ASN F 207 30.72 5.97 -40.66
N ILE F 208 30.90 5.96 -39.34
CA ILE F 208 30.87 4.70 -38.60
C ILE F 208 29.51 4.04 -38.72
N ILE F 209 28.43 4.81 -38.59
CA ILE F 209 27.10 4.24 -38.71
C ILE F 209 26.83 3.72 -40.12
N GLN F 210 27.24 4.47 -41.14
CA GLN F 210 27.01 4.06 -42.52
C GLN F 210 27.79 2.79 -42.87
N SER F 211 29.03 2.67 -42.37
CA SER F 211 29.83 1.49 -42.69
C SER F 211 29.26 0.22 -42.10
N GLU F 212 28.42 0.31 -41.07
CA GLU F 212 27.82 -0.87 -40.47
C GLU F 212 26.74 -1.44 -41.38
N ASP F 213 26.73 -2.77 -41.53
CA ASP F 213 25.76 -3.45 -42.38
C ASP F 213 24.53 -3.93 -41.63
N ARG F 214 24.65 -4.20 -40.33
CA ARG F 214 23.52 -4.67 -39.54
C ARG F 214 22.63 -3.55 -39.03
N ILE F 215 22.97 -2.29 -39.32
CA ILE F 215 22.14 -1.16 -38.96
C ILE F 215 21.23 -0.86 -40.14
N LEU F 216 19.92 -0.87 -39.89
CA LEU F 216 18.95 -0.64 -40.95
C LEU F 216 19.05 0.78 -41.47
N LYS F 217 19.11 0.92 -42.79
CA LYS F 217 19.27 2.23 -43.42
C LYS F 217 17.95 2.93 -43.70
N ASP F 218 16.83 2.18 -43.70
CA ASP F 218 15.53 2.79 -43.93
C ASP F 218 14.94 3.40 -42.66
N ARG F 219 15.53 3.14 -41.50
CA ARG F 219 15.08 3.74 -40.26
C ARG F 219 15.87 5.01 -39.97
N GLU F 220 15.44 5.74 -38.95
CA GLU F 220 16.11 6.97 -38.58
C GLU F 220 17.49 6.67 -37.99
N MET F 221 18.47 7.48 -38.37
CA MET F 221 19.85 7.35 -37.92
C MET F 221 20.29 8.69 -37.34
N THR F 222 20.04 8.88 -36.05
CA THR F 222 20.26 10.17 -35.42
C THR F 222 21.69 10.30 -34.93
N VAL F 223 22.37 11.36 -35.37
CA VAL F 223 23.67 11.74 -34.82
C VAL F 223 23.63 13.23 -34.52
N ARG F 224 23.28 13.59 -33.30
CA ARG F 224 23.07 14.99 -32.93
C ARG F 224 23.74 15.28 -31.60
N LEU F 225 24.02 16.57 -31.37
CA LEU F 225 24.55 17.03 -30.10
C LEU F 225 23.41 17.13 -29.10
N ASN F 226 23.42 16.24 -28.10
CA ASN F 226 22.28 16.09 -27.21
C ASN F 226 22.27 17.08 -26.06
N GLU F 227 23.41 17.32 -25.43
CA GLU F 227 23.45 18.22 -24.28
C GLU F 227 24.86 18.73 -24.06
N LEU F 228 24.97 19.81 -23.30
CA LEU F 228 26.24 20.36 -22.87
C LEU F 228 26.44 19.98 -21.41
N GLY F 229 27.27 18.96 -21.17
CA GLY F 229 27.47 18.43 -19.84
C GLY F 229 28.44 19.25 -19.03
N ALA F 230 28.69 18.77 -17.81
CA ALA F 230 29.59 19.46 -16.91
C ALA F 230 31.03 19.46 -17.41
N SER F 231 31.50 18.34 -17.95
CA SER F 231 32.87 18.24 -18.42
C SER F 231 32.99 17.82 -19.88
N SER F 232 31.87 17.60 -20.58
CA SER F 232 31.92 17.13 -21.95
C SER F 232 30.63 17.49 -22.66
N ILE F 233 30.68 17.52 -23.99
CA ILE F 233 29.49 17.67 -24.80
C ILE F 233 29.03 16.28 -25.24
N ASN F 234 27.79 15.94 -24.92
CA ASN F 234 27.28 14.58 -25.10
C ASN F 234 26.56 14.47 -26.44
N PHE F 235 27.14 13.73 -27.37
CA PHE F 235 26.46 13.39 -28.60
C PHE F 235 25.59 12.15 -28.40
N VAL F 236 24.51 12.08 -29.15
CA VAL F 236 23.59 10.95 -29.08
C VAL F 236 23.52 10.29 -30.45
N VAL F 237 23.66 8.97 -30.47
CA VAL F 237 23.55 8.18 -31.69
C VAL F 237 22.45 7.14 -31.48
N ARG F 238 21.44 7.17 -32.35
CA ARG F 238 20.32 6.23 -32.28
C ARG F 238 20.21 5.53 -33.62
N VAL F 239 20.30 4.21 -33.61
CA VAL F 239 20.26 3.41 -34.81
C VAL F 239 19.42 2.16 -34.56
N TRP F 240 18.67 1.74 -35.57
CA TRP F 240 17.80 0.58 -35.46
C TRP F 240 18.47 -0.64 -36.08
N SER F 241 18.19 -1.80 -35.48
CA SER F 241 18.73 -3.05 -35.97
C SER F 241 17.79 -4.18 -35.55
N ASN F 242 17.95 -5.33 -36.18
CA ASN F 242 17.15 -6.49 -35.84
C ASN F 242 17.43 -6.91 -34.41
N SER F 243 16.39 -7.42 -33.73
CA SER F 243 16.50 -7.70 -32.31
C SER F 243 17.60 -8.70 -31.98
N GLY F 244 18.00 -9.53 -32.94
CA GLY F 244 19.05 -10.50 -32.71
C GLY F 244 20.46 -9.98 -32.83
N ASP F 245 20.65 -8.84 -33.48
CA ASP F 245 21.97 -8.25 -33.67
C ASP F 245 22.19 -7.00 -32.84
N LEU F 246 21.29 -6.71 -31.90
CA LEU F 246 21.34 -5.44 -31.18
C LEU F 246 22.61 -5.33 -30.34
N GLN F 247 22.90 -6.34 -29.53
CA GLN F 247 24.05 -6.25 -28.63
C GLN F 247 25.37 -6.29 -29.39
N ASN F 248 25.46 -7.14 -30.42
CA ASN F 248 26.68 -7.20 -31.21
C ASN F 248 26.91 -5.88 -31.95
N VAL F 249 25.86 -5.28 -32.48
CA VAL F 249 26.00 -3.98 -33.12
C VAL F 249 26.45 -2.94 -32.11
N TYR F 250 25.88 -2.96 -30.91
CA TYR F 250 26.28 -1.99 -29.89
C TYR F 250 27.78 -2.12 -29.60
N TRP F 251 28.25 -3.35 -29.36
CA TRP F 251 29.65 -3.56 -29.03
C TRP F 251 30.58 -3.16 -30.17
N ASP F 252 30.25 -3.57 -31.40
CA ASP F 252 31.09 -3.24 -32.54
C ASP F 252 31.14 -1.74 -32.79
N VAL F 253 29.98 -1.07 -32.73
CA VAL F 253 29.95 0.37 -32.94
C VAL F 253 30.72 1.10 -31.86
N LEU F 254 30.60 0.66 -30.60
CA LEU F 254 31.33 1.31 -29.52
C LEU F 254 32.84 1.17 -29.71
N GLU F 255 33.29 -0.04 -30.05
CA GLU F 255 34.72 -0.25 -30.27
C GLU F 255 35.23 0.58 -31.43
N ARG F 256 34.48 0.62 -32.54
CA ARG F 256 34.91 1.43 -33.68
C ARG F 256 34.89 2.91 -33.36
N ILE F 257 33.92 3.36 -32.55
CA ILE F 257 33.87 4.76 -32.14
C ILE F 257 35.14 5.11 -31.38
N LYS F 258 35.51 4.27 -30.41
CA LYS F 258 36.72 4.56 -29.64
C LYS F 258 37.95 4.56 -30.53
N ARG F 259 38.07 3.57 -31.42
CA ARG F 259 39.27 3.48 -32.27
C ARG F 259 39.37 4.68 -33.19
N GLU F 260 38.26 5.07 -33.83
CA GLU F 260 38.31 6.19 -34.77
C GLU F 260 38.50 7.52 -34.07
N PHE F 261 37.92 7.69 -32.88
CA PHE F 261 38.15 8.92 -32.13
C PHE F 261 39.61 9.03 -31.68
N ASP F 262 40.20 7.91 -31.24
CA ASP F 262 41.62 7.94 -30.89
C ASP F 262 42.49 8.22 -32.10
N ALA F 263 42.16 7.66 -33.26
CA ALA F 263 42.95 7.91 -34.46
C ALA F 263 42.82 9.35 -34.94
N ALA F 264 41.62 9.93 -34.83
CA ALA F 264 41.38 11.26 -35.38
C ALA F 264 41.75 12.39 -34.42
N GLY F 265 42.22 12.07 -33.21
CA GLY F 265 42.60 13.09 -32.26
C GLY F 265 41.50 13.56 -31.33
N ILE F 266 40.26 13.11 -31.54
CA ILE F 266 39.18 13.46 -30.63
C ILE F 266 39.41 12.77 -29.29
N SER F 267 39.28 13.52 -28.21
CA SER F 267 39.60 13.02 -26.88
C SER F 267 38.35 12.90 -26.03
N PHE F 268 38.29 11.82 -25.25
CA PHE F 268 37.25 11.65 -24.26
C PHE F 268 37.74 12.28 -22.96
N PRO F 269 37.11 13.35 -22.48
CA PRO F 269 37.70 14.09 -21.36
C PRO F 269 37.46 13.42 -20.03
N TYR F 270 38.46 13.51 -19.17
CA TYR F 270 38.32 13.15 -17.76
C TYR F 270 37.47 14.19 -17.04
N PRO F 271 36.94 13.87 -15.86
CA PRO F 271 36.21 14.89 -15.08
C PRO F 271 37.01 16.17 -14.91
N GLN F 272 36.51 17.26 -15.47
CA GLN F 272 37.20 18.53 -15.44
C GLN F 272 36.95 19.27 -14.14
N MET F 273 37.88 20.15 -13.79
CA MET F 273 37.79 20.94 -12.57
C MET F 273 38.68 22.16 -12.73
N ASP F 274 38.12 23.33 -12.45
CA ASP F 274 38.88 24.58 -12.44
C ASP F 274 39.23 24.92 -11.00
N VAL F 275 40.53 25.02 -10.72
CA VAL F 275 41.02 25.28 -9.37
C VAL F 275 41.54 26.70 -9.34
N ASN F 276 40.91 27.55 -8.53
CA ASN F 276 41.33 28.94 -8.36
C ASN F 276 42.25 28.99 -7.15
N PHE F 277 43.56 28.93 -7.43
CA PHE F 277 44.56 28.85 -6.37
C PHE F 277 44.60 30.13 -5.55
N LYS F 278 44.65 29.98 -4.23
CA LYS F 278 44.75 31.11 -3.32
C LYS F 278 45.81 30.82 -2.28
N ARG F 279 46.72 31.78 -2.08
CA ARG F 279 47.80 31.66 -1.10
C ARG F 279 48.64 30.41 -1.32
N ALA G 19 -54.16 -47.11 4.42
CA ALA G 19 -54.34 -46.71 3.04
C ALA G 19 -54.95 -45.32 2.93
N ASN G 20 -54.19 -44.32 3.36
CA ASN G 20 -54.64 -42.94 3.29
C ASN G 20 -54.76 -42.48 1.84
N GLN G 21 -55.71 -41.57 1.61
CA GLN G 21 -56.00 -41.10 0.25
C GLN G 21 -55.57 -39.66 0.01
N ALA G 22 -55.43 -38.85 1.06
CA ALA G 22 -55.05 -37.44 0.88
C ALA G 22 -53.54 -37.25 1.07
N LEU G 23 -53.03 -37.61 2.25
CA LEU G 23 -51.62 -37.40 2.53
C LEU G 23 -50.74 -38.32 1.70
N LEU G 24 -51.15 -39.57 1.51
CA LEU G 24 -50.38 -40.47 0.66
C LEU G 24 -50.35 -39.99 -0.79
N LEU G 25 -51.48 -39.48 -1.28
CA LEU G 25 -51.51 -38.91 -2.62
C LEU G 25 -50.60 -37.69 -2.72
N SER G 26 -50.58 -36.86 -1.68
CA SER G 26 -49.68 -35.71 -1.66
C SER G 26 -48.22 -36.15 -1.70
N TYR G 27 -47.87 -37.18 -0.93
CA TYR G 27 -46.50 -37.69 -0.94
C TYR G 27 -46.12 -38.26 -2.31
N ALA G 28 -47.05 -39.00 -2.93
CA ALA G 28 -46.79 -39.53 -4.27
C ALA G 28 -46.61 -38.40 -5.28
N VAL G 29 -47.43 -37.35 -5.19
CA VAL G 29 -47.28 -36.21 -6.07
C VAL G 29 -45.92 -35.56 -5.87
N ASN G 30 -45.50 -35.41 -4.60
CA ASN G 30 -44.21 -34.79 -4.33
C ASN G 30 -43.05 -35.61 -4.89
N ILE G 31 -43.07 -36.93 -4.71
CA ILE G 31 -41.95 -37.75 -5.19
C ILE G 31 -41.93 -37.79 -6.71
N VAL G 32 -43.10 -37.90 -7.35
CA VAL G 32 -43.14 -37.87 -8.80
C VAL G 32 -42.68 -36.52 -9.33
N ALA G 33 -43.06 -35.43 -8.65
CA ALA G 33 -42.60 -34.12 -9.07
C ALA G 33 -41.09 -33.98 -8.91
N ALA G 34 -40.52 -34.54 -7.84
CA ALA G 34 -39.07 -34.49 -7.67
C ALA G 34 -38.36 -35.27 -8.79
N LEU G 35 -38.88 -36.45 -9.13
CA LEU G 35 -38.29 -37.22 -10.22
C LEU G 35 -38.39 -36.46 -11.54
N ALA G 36 -39.54 -35.84 -11.80
CA ALA G 36 -39.69 -35.04 -13.02
C ALA G 36 -38.73 -33.85 -13.01
N ILE G 37 -38.55 -33.22 -11.85
CA ILE G 37 -37.64 -32.08 -11.76
C ILE G 37 -36.22 -32.50 -12.08
N ILE G 38 -35.76 -33.62 -11.51
CA ILE G 38 -34.39 -34.04 -11.74
C ILE G 38 -34.20 -34.48 -13.20
N ILE G 39 -35.18 -35.17 -13.77
CA ILE G 39 -35.05 -35.60 -15.17
C ILE G 39 -35.02 -34.39 -16.11
N VAL G 40 -35.92 -33.43 -15.89
CA VAL G 40 -35.96 -32.23 -16.72
C VAL G 40 -34.69 -31.41 -16.52
N GLY G 41 -34.17 -31.36 -15.30
CA GLY G 41 -32.90 -30.67 -15.09
C GLY G 41 -31.76 -31.32 -15.85
N LEU G 42 -31.71 -32.65 -15.84
CA LEU G 42 -30.67 -33.35 -16.59
C LEU G 42 -30.78 -33.06 -18.08
N ILE G 43 -31.98 -33.16 -18.64
CA ILE G 43 -32.12 -32.95 -20.09
C ILE G 43 -31.88 -31.48 -20.45
N ILE G 44 -32.29 -30.54 -19.60
CA ILE G 44 -32.05 -29.13 -19.87
C ILE G 44 -30.57 -28.81 -19.78
N ALA G 45 -29.86 -29.43 -18.83
CA ALA G 45 -28.41 -29.27 -18.76
C ALA G 45 -27.75 -29.81 -20.01
N ARG G 46 -28.21 -30.97 -20.50
CA ARG G 46 -27.66 -31.51 -21.74
C ARG G 46 -27.92 -30.58 -22.91
N MET G 47 -29.14 -30.03 -23.01
CA MET G 47 -29.46 -29.13 -24.11
C MET G 47 -28.62 -27.85 -24.05
N ILE G 48 -28.46 -27.28 -22.85
CA ILE G 48 -27.66 -26.07 -22.70
C ILE G 48 -26.20 -26.33 -23.03
N SER G 49 -25.67 -27.46 -22.56
CA SER G 49 -24.29 -27.81 -22.90
C SER G 49 -24.10 -28.01 -24.39
N ASN G 50 -25.06 -28.67 -25.05
CA ASN G 50 -24.98 -28.85 -26.49
C ASN G 50 -25.02 -27.52 -27.23
N ALA G 51 -25.92 -26.62 -26.80
CA ALA G 51 -26.01 -25.31 -27.44
C ALA G 51 -24.73 -24.50 -27.25
N VAL G 52 -24.16 -24.53 -26.04
CA VAL G 52 -22.93 -23.80 -25.78
C VAL G 52 -21.78 -24.40 -26.59
N ASN G 53 -21.72 -25.73 -26.68
CA ASN G 53 -20.68 -26.36 -27.50
C ASN G 53 -20.83 -26.00 -28.97
N ARG G 54 -22.07 -25.96 -29.47
CA ARG G 54 -22.30 -25.55 -30.85
C ARG G 54 -21.86 -24.12 -31.09
N LEU G 55 -22.19 -23.21 -30.16
CA LEU G 55 -21.77 -21.82 -30.31
C LEU G 55 -20.27 -21.67 -30.25
N MET G 56 -19.60 -22.39 -29.35
CA MET G 56 -18.14 -22.33 -29.26
C MET G 56 -17.49 -22.93 -30.49
N ILE G 57 -18.13 -23.93 -31.11
CA ILE G 57 -17.65 -24.45 -32.38
C ILE G 57 -17.81 -23.42 -33.49
N SER G 58 -18.90 -22.64 -33.46
CA SER G 58 -19.17 -21.65 -34.50
C SER G 58 -18.15 -20.52 -34.54
N ARG G 59 -17.32 -20.37 -33.51
CA ARG G 59 -16.35 -19.29 -33.47
C ARG G 59 -15.02 -19.82 -32.94
N LYS G 60 -14.02 -18.95 -32.94
CA LYS G 60 -12.71 -19.33 -32.42
C LYS G 60 -12.76 -19.50 -30.91
N ILE G 61 -12.17 -20.57 -30.42
CA ILE G 61 -12.15 -20.88 -29.00
C ILE G 61 -10.98 -21.81 -28.72
N ASP G 62 -10.56 -21.87 -27.47
CA ASP G 62 -9.52 -22.78 -27.01
C ASP G 62 -10.16 -24.02 -26.41
N ALA G 63 -9.58 -25.19 -26.70
CA ALA G 63 -10.20 -26.45 -26.30
C ALA G 63 -10.29 -26.57 -24.78
N THR G 64 -9.18 -26.33 -24.08
CA THR G 64 -9.14 -26.53 -22.64
C THR G 64 -10.07 -25.58 -21.92
N VAL G 65 -10.01 -24.29 -22.27
CA VAL G 65 -10.86 -23.30 -21.62
C VAL G 65 -12.33 -23.53 -21.95
N ALA G 66 -12.63 -23.89 -23.20
CA ALA G 66 -14.01 -24.18 -23.57
C ALA G 66 -14.56 -25.38 -22.79
N ASP G 67 -13.76 -26.44 -22.69
CA ASP G 67 -14.20 -27.61 -21.92
C ASP G 67 -14.37 -27.28 -20.45
N PHE G 68 -13.45 -26.50 -19.87
CA PHE G 68 -13.59 -26.11 -18.48
C PHE G 68 -14.84 -25.28 -18.24
N LEU G 69 -15.13 -24.33 -19.14
CA LEU G 69 -16.32 -23.50 -18.98
C LEU G 69 -17.59 -24.33 -19.12
N SER G 70 -17.64 -25.22 -20.11
CA SER G 70 -18.82 -26.07 -20.27
C SER G 70 -19.01 -27.01 -19.09
N ALA G 71 -17.91 -27.57 -18.57
CA ALA G 71 -18.00 -28.42 -17.39
C ALA G 71 -18.51 -27.65 -16.18
N LEU G 72 -18.02 -26.43 -15.98
CA LEU G 72 -18.50 -25.62 -14.86
C LEU G 72 -19.98 -25.29 -15.01
N VAL G 73 -20.42 -24.92 -16.21
CA VAL G 73 -21.82 -24.58 -16.42
C VAL G 73 -22.70 -25.79 -16.19
N ARG G 74 -22.31 -26.94 -16.75
CA ARG G 74 -23.11 -28.15 -16.58
C ARG G 74 -23.16 -28.59 -15.12
N TYR G 75 -22.04 -28.52 -14.41
CA TYR G 75 -22.02 -28.88 -13.01
C TYR G 75 -22.87 -27.91 -12.18
N GLY G 76 -22.84 -26.62 -12.50
CA GLY G 76 -23.70 -25.68 -11.81
C GLY G 76 -25.17 -25.99 -12.02
N ILE G 77 -25.57 -26.28 -13.26
CA ILE G 77 -26.97 -26.60 -13.53
C ILE G 77 -27.36 -27.90 -12.82
N ILE G 78 -26.47 -28.89 -12.82
CA ILE G 78 -26.77 -30.15 -12.16
C ILE G 78 -26.92 -29.95 -10.66
N ALA G 79 -26.04 -29.14 -10.05
CA ALA G 79 -26.19 -28.85 -8.63
C ALA G 79 -27.49 -28.13 -8.35
N PHE G 80 -27.85 -27.16 -9.19
CA PHE G 80 -29.11 -26.44 -9.01
C PHE G 80 -30.29 -27.40 -9.02
N THR G 81 -30.37 -28.26 -10.04
CA THR G 81 -31.52 -29.15 -10.15
C THR G 81 -31.51 -30.21 -9.07
N LEU G 82 -30.33 -30.65 -8.62
CA LEU G 82 -30.27 -31.63 -7.54
C LEU G 82 -30.79 -31.06 -6.24
N ILE G 83 -30.37 -29.84 -5.89
CA ILE G 83 -30.86 -29.27 -4.64
C ILE G 83 -32.32 -28.85 -4.77
N ALA G 84 -32.77 -28.50 -5.97
CA ALA G 84 -34.20 -28.27 -6.17
C ALA G 84 -35.01 -29.53 -5.95
N ALA G 85 -34.53 -30.67 -6.45
CA ALA G 85 -35.19 -31.95 -6.21
C ALA G 85 -35.19 -32.30 -4.73
N LEU G 86 -34.08 -32.05 -4.05
CA LEU G 86 -34.03 -32.31 -2.60
C LEU G 86 -35.02 -31.43 -1.86
N GLY G 87 -35.13 -30.16 -2.22
CA GLY G 87 -36.10 -29.29 -1.58
C GLY G 87 -37.53 -29.74 -1.85
N ARG G 88 -37.81 -30.18 -3.07
CA ARG G 88 -39.15 -30.69 -3.38
C ARG G 88 -39.46 -31.96 -2.60
N VAL G 89 -38.46 -32.83 -2.41
CA VAL G 89 -38.64 -34.01 -1.58
C VAL G 89 -38.92 -33.63 -0.13
N GLY G 90 -38.19 -32.66 0.41
CA GLY G 90 -38.37 -32.23 1.78
C GLY G 90 -37.10 -32.07 2.59
N VAL G 91 -35.94 -32.34 1.99
CA VAL G 91 -34.68 -32.12 2.68
C VAL G 91 -34.28 -30.66 2.58
N GLN G 92 -33.99 -30.05 3.73
CA GLN G 92 -33.58 -28.65 3.74
C GLN G 92 -32.22 -28.49 3.08
N THR G 93 -32.11 -27.47 2.21
CA THR G 93 -30.89 -27.24 1.46
C THR G 93 -30.25 -25.90 1.76
N ALA G 94 -30.59 -25.28 2.90
CA ALA G 94 -30.06 -23.97 3.22
C ALA G 94 -28.55 -24.00 3.40
N SER G 95 -28.01 -25.06 3.99
CA SER G 95 -26.56 -25.17 4.15
C SER G 95 -25.87 -25.27 2.80
N VAL G 96 -26.42 -26.07 1.88
CA VAL G 96 -25.84 -26.17 0.55
C VAL G 96 -25.89 -24.82 -0.15
N ILE G 97 -26.99 -24.09 0.00
CA ILE G 97 -27.09 -22.77 -0.61
C ILE G 97 -26.07 -21.81 0.00
N ALA G 98 -25.85 -21.89 1.32
CA ALA G 98 -24.86 -21.03 1.96
C ALA G 98 -23.45 -21.33 1.47
N VAL G 99 -23.11 -22.61 1.33
CA VAL G 99 -21.78 -22.97 0.85
C VAL G 99 -21.61 -22.57 -0.61
N LEU G 100 -22.67 -22.73 -1.41
CA LEU G 100 -22.63 -22.28 -2.80
C LEU G 100 -22.46 -20.77 -2.89
N GLY G 101 -23.12 -20.02 -2.01
CA GLY G 101 -22.92 -18.58 -1.97
C GLY G 101 -21.50 -18.20 -1.56
N ALA G 102 -20.92 -18.95 -0.62
CA ALA G 102 -19.53 -18.71 -0.24
C ALA G 102 -18.59 -18.96 -1.42
N ALA G 103 -18.81 -20.05 -2.16
CA ALA G 103 -18.00 -20.32 -3.33
C ALA G 103 -18.18 -19.25 -4.40
N GLY G 104 -19.42 -18.78 -4.61
CA GLY G 104 -19.64 -17.71 -5.56
C GLY G 104 -18.95 -16.43 -5.16
N LEU G 105 -18.97 -16.09 -3.87
CA LEU G 105 -18.26 -14.91 -3.41
C LEU G 105 -16.76 -15.06 -3.59
N ALA G 106 -16.23 -16.25 -3.33
CA ALA G 106 -14.79 -16.48 -3.52
C ALA G 106 -14.41 -16.32 -4.99
N VAL G 107 -15.20 -16.89 -5.90
CA VAL G 107 -14.87 -16.77 -7.31
C VAL G 107 -15.07 -15.34 -7.80
N GLY G 108 -16.03 -14.61 -7.22
CA GLY G 108 -16.19 -13.21 -7.57
C GLY G 108 -15.01 -12.37 -7.14
N LEU G 109 -14.51 -12.60 -5.93
CA LEU G 109 -13.29 -11.91 -5.50
C LEU G 109 -12.10 -12.30 -6.35
N ALA G 110 -12.04 -13.56 -6.80
CA ALA G 110 -10.97 -13.97 -7.70
C ALA G 110 -11.04 -13.24 -9.03
N LEU G 111 -12.24 -13.10 -9.58
CA LEU G 111 -12.42 -12.44 -10.87
C LEU G 111 -12.55 -10.93 -10.77
N GLN G 112 -12.44 -10.37 -9.55
CA GLN G 112 -12.53 -8.93 -9.39
C GLN G 112 -11.50 -8.19 -10.24
N GLY G 113 -10.26 -8.66 -10.26
CA GLY G 113 -9.22 -7.97 -11.03
C GLY G 113 -9.51 -7.97 -12.52
N SER G 114 -9.86 -9.14 -13.06
CA SER G 114 -10.16 -9.25 -14.48
C SER G 114 -11.37 -8.41 -14.86
N LEU G 115 -12.42 -8.43 -14.03
CA LEU G 115 -13.60 -7.63 -14.34
C LEU G 115 -13.32 -6.14 -14.24
N SER G 116 -12.47 -5.74 -13.29
CA SER G 116 -12.08 -4.33 -13.20
C SER G 116 -11.31 -3.91 -14.44
N ASN G 117 -10.42 -4.77 -14.93
CA ASN G 117 -9.72 -4.48 -16.19
C ASN G 117 -10.71 -4.35 -17.34
N LEU G 118 -11.71 -5.23 -17.39
CA LEU G 118 -12.70 -5.16 -18.46
C LEU G 118 -13.50 -3.86 -18.41
N ALA G 119 -13.95 -3.47 -17.21
CA ALA G 119 -14.69 -2.23 -17.07
C ALA G 119 -13.83 -1.02 -17.44
N ALA G 120 -12.56 -1.02 -17.01
CA ALA G 120 -11.67 0.06 -17.39
C ALA G 120 -11.45 0.11 -18.90
N GLY G 121 -11.35 -1.05 -19.55
CA GLY G 121 -11.23 -1.06 -20.99
C GLY G 121 -12.46 -0.49 -21.68
N VAL G 122 -13.64 -0.82 -21.16
CA VAL G 122 -14.87 -0.24 -21.72
C VAL G 122 -14.86 1.28 -21.57
N LEU G 123 -14.45 1.77 -20.39
CA LEU G 123 -14.37 3.22 -20.19
C LEU G 123 -13.37 3.87 -21.14
N LEU G 124 -12.22 3.24 -21.32
CA LEU G 124 -11.20 3.78 -22.22
C LEU G 124 -11.70 3.83 -23.66
N VAL G 125 -12.43 2.80 -24.08
CA VAL G 125 -13.00 2.81 -25.44
C VAL G 125 -14.05 3.91 -25.56
N MET G 126 -14.88 4.09 -24.54
CA MET G 126 -15.95 5.07 -24.63
C MET G 126 -15.41 6.50 -24.63
N PHE G 127 -14.74 6.89 -23.54
CA PHE G 127 -14.29 8.28 -23.40
C PHE G 127 -13.12 8.63 -24.29
N ARG G 128 -12.38 7.63 -24.79
CA ARG G 128 -11.22 7.85 -25.65
C ARG G 128 -10.21 8.83 -25.06
N PRO G 129 -9.62 8.53 -23.90
CA PRO G 129 -8.51 9.36 -23.43
C PRO G 129 -7.32 9.35 -24.38
N PHE G 130 -7.13 8.25 -25.10
CA PHE G 130 -6.08 8.14 -26.11
C PHE G 130 -6.56 7.22 -27.21
N ARG G 131 -5.92 7.34 -28.37
CA ARG G 131 -6.29 6.58 -29.55
C ARG G 131 -5.07 5.85 -30.09
N ALA G 132 -5.30 4.98 -31.07
CA ALA G 132 -4.21 4.28 -31.72
C ALA G 132 -3.31 5.26 -32.46
N GLY G 133 -2.00 5.04 -32.39
CA GLY G 133 -1.05 5.92 -33.02
C GLY G 133 -0.83 7.24 -32.31
N GLU G 134 -1.20 7.34 -31.04
CA GLU G 134 -1.10 8.58 -30.27
C GLU G 134 -0.11 8.38 -29.14
N TYR G 135 0.94 9.20 -29.11
CA TYR G 135 1.97 9.07 -28.08
C TYR G 135 1.40 9.48 -26.74
N VAL G 136 1.60 8.62 -25.73
CA VAL G 136 1.04 8.81 -24.40
C VAL G 136 2.09 8.45 -23.36
N ASP G 137 1.73 8.59 -22.08
CA ASP G 137 2.59 8.21 -20.95
C ASP G 137 1.65 7.67 -19.87
N LEU G 138 1.56 6.34 -19.79
CA LEU G 138 0.63 5.68 -18.87
C LEU G 138 1.40 5.23 -17.64
N GLY G 139 1.48 6.11 -16.64
CA GLY G 139 2.12 5.77 -15.38
C GLY G 139 3.62 5.57 -15.45
N GLY G 140 4.34 6.40 -16.19
CA GLY G 140 5.78 6.34 -16.24
C GLY G 140 6.36 5.71 -17.49
N VAL G 141 5.57 4.92 -18.21
CA VAL G 141 6.01 4.32 -19.47
C VAL G 141 5.34 5.05 -20.62
N ALA G 142 6.14 5.45 -21.61
CA ALA G 142 5.66 6.26 -22.71
C ALA G 142 5.93 5.54 -24.03
N GLY G 143 4.96 5.61 -24.93
CA GLY G 143 5.12 5.00 -26.23
C GLY G 143 3.87 5.21 -27.07
N THR G 144 4.02 4.90 -28.35
CA THR G 144 2.91 5.04 -29.28
C THR G 144 1.91 3.90 -29.08
N VAL G 145 0.63 4.28 -28.87
CA VAL G 145 -0.40 3.27 -28.66
C VAL G 145 -0.68 2.54 -29.95
N LEU G 146 -0.73 1.21 -29.88
CA LEU G 146 -1.02 0.37 -31.03
C LEU G 146 -2.48 -0.04 -31.09
N SER G 147 -3.03 -0.56 -29.99
CA SER G 147 -4.44 -0.92 -29.94
C SER G 147 -4.87 -0.97 -28.48
N VAL G 148 -6.18 -0.87 -28.27
CA VAL G 148 -6.78 -0.95 -26.94
C VAL G 148 -7.71 -2.15 -26.94
N GLN G 149 -7.27 -3.26 -26.33
CA GLN G 149 -8.11 -4.43 -26.21
C GLN G 149 -9.05 -4.28 -25.01
N ILE G 150 -9.84 -5.32 -24.77
CA ILE G 150 -10.80 -5.30 -23.67
C ILE G 150 -10.09 -5.34 -22.33
N PHE G 151 -9.01 -6.12 -22.22
CA PHE G 151 -8.35 -6.31 -20.94
C PHE G 151 -7.08 -5.47 -20.77
N SER G 152 -6.38 -5.16 -21.86
CA SER G 152 -5.12 -4.45 -21.73
C SER G 152 -4.74 -3.84 -23.08
N THR G 153 -4.15 -2.65 -23.04
CA THR G 153 -3.65 -2.02 -24.26
C THR G 153 -2.18 -2.36 -24.47
N THR G 154 -1.75 -2.27 -25.72
CA THR G 154 -0.37 -2.55 -26.10
C THR G 154 0.19 -1.34 -26.83
N MET G 155 1.39 -0.91 -26.44
CA MET G 155 2.01 0.25 -27.03
C MET G 155 3.48 -0.03 -27.28
N ARG G 156 4.03 0.59 -28.32
CA ARG G 156 5.44 0.45 -28.68
C ARG G 156 6.19 1.69 -28.24
N THR G 157 7.23 1.51 -27.43
CA THR G 157 8.00 2.64 -26.97
C THR G 157 8.94 3.14 -28.08
N ALA G 158 9.56 4.29 -27.82
CA ALA G 158 10.52 4.83 -28.79
C ALA G 158 11.71 3.90 -28.97
N ASP G 159 12.06 3.14 -27.93
CA ASP G 159 13.14 2.16 -28.05
C ASP G 159 12.79 1.03 -29.00
N GLY G 160 11.51 0.67 -29.10
CA GLY G 160 11.07 -0.38 -30.00
C GLY G 160 10.46 -1.58 -29.31
N LYS G 161 10.44 -1.62 -27.98
CA LYS G 161 9.87 -2.75 -27.27
C LYS G 161 8.37 -2.55 -27.07
N ILE G 162 7.65 -3.67 -27.00
CA ILE G 162 6.20 -3.66 -26.86
C ILE G 162 5.85 -3.82 -25.39
N ILE G 163 4.96 -2.95 -24.89
CA ILE G 163 4.51 -3.00 -23.51
C ILE G 163 3.01 -3.22 -23.49
N VAL G 164 2.56 -4.16 -22.69
CA VAL G 164 1.15 -4.47 -22.50
C VAL G 164 0.77 -4.00 -21.10
N ILE G 165 -0.15 -3.05 -21.01
CA ILE G 165 -0.54 -2.44 -19.74
C ILE G 165 -1.99 -2.81 -19.47
N PRO G 166 -2.30 -3.41 -18.32
CA PRO G 166 -3.71 -3.70 -17.99
C PRO G 166 -4.52 -2.41 -17.90
N ASN G 167 -5.78 -2.50 -18.34
CA ASN G 167 -6.60 -1.30 -18.46
C ASN G 167 -6.94 -0.70 -17.10
N GLY G 168 -7.04 -1.52 -16.05
CA GLY G 168 -7.31 -0.98 -14.73
C GLY G 168 -6.21 -0.06 -14.25
N LYS G 169 -4.95 -0.46 -14.47
CA LYS G 169 -3.83 0.38 -14.09
C LYS G 169 -3.68 1.59 -14.99
N ILE G 170 -4.36 1.60 -16.14
CA ILE G 170 -4.37 2.80 -16.99
C ILE G 170 -5.43 3.78 -16.52
N ILE G 171 -6.62 3.28 -16.23
CA ILE G 171 -7.68 4.15 -15.69
C ILE G 171 -7.25 4.73 -14.36
N ALA G 172 -6.66 3.93 -13.48
CA ALA G 172 -6.03 4.48 -12.29
C ALA G 172 -4.75 5.20 -12.66
N GLY G 173 -4.53 6.37 -12.05
CA GLY G 173 -3.35 7.16 -12.31
C GLY G 173 -3.51 8.06 -13.52
N ASN G 174 -2.53 8.95 -13.67
CA ASN G 174 -2.60 9.96 -14.72
C ASN G 174 -2.37 9.36 -16.10
N ILE G 175 -2.89 10.05 -17.11
CA ILE G 175 -2.67 9.66 -18.50
C ILE G 175 -2.11 10.86 -19.24
N ILE G 176 -0.78 10.97 -19.28
CA ILE G 176 -0.17 12.09 -19.99
C ILE G 176 -0.23 11.83 -21.48
N ASN G 177 -0.69 12.82 -22.23
CA ASN G 177 -0.88 12.69 -23.67
C ASN G 177 -0.01 13.76 -24.34
N PHE G 178 1.08 13.33 -24.96
CA PHE G 178 2.02 14.27 -25.56
C PHE G 178 1.52 14.84 -26.88
N SER G 179 0.80 14.05 -27.68
CA SER G 179 0.40 14.48 -29.02
C SER G 179 -1.02 15.01 -29.08
N ARG G 180 -1.70 15.16 -27.93
CA ARG G 180 -3.03 15.76 -27.95
C ARG G 180 -2.97 17.24 -28.29
N GLU G 181 -2.02 17.97 -27.72
CA GLU G 181 -1.89 19.40 -27.96
C GLU G 181 -0.93 19.64 -29.12
N PRO G 182 -1.34 20.37 -30.16
CA PRO G 182 -0.45 20.54 -31.33
C PRO G 182 0.83 21.31 -31.03
N VAL G 183 0.86 22.13 -29.99
CA VAL G 183 2.00 22.99 -29.70
C VAL G 183 2.57 22.63 -28.33
N ARG G 184 3.89 22.46 -28.27
CA ARG G 184 4.59 22.15 -27.04
C ARG G 184 5.79 23.06 -26.88
N ARG G 185 6.33 23.10 -25.67
CA ARG G 185 7.37 24.06 -25.29
C ARG G 185 8.69 23.35 -24.99
N ASN G 186 9.78 23.93 -25.49
CA ASN G 186 11.13 23.51 -25.13
C ASN G 186 11.63 24.34 -23.95
N GLU G 187 12.59 23.78 -23.22
CA GLU G 187 13.18 24.47 -22.07
C GLU G 187 14.68 24.24 -22.08
N PHE G 188 15.43 25.24 -22.53
CA PHE G 188 16.88 25.18 -22.51
C PHE G 188 17.42 25.77 -21.22
N ILE G 189 18.43 25.11 -20.65
CA ILE G 189 19.10 25.59 -19.45
C ILE G 189 20.57 25.78 -19.81
N ILE G 190 20.95 27.03 -20.11
CA ILE G 190 22.33 27.30 -20.48
C ILE G 190 23.09 27.82 -19.28
N GLY G 191 24.25 27.22 -19.02
CA GLY G 191 25.10 27.66 -17.92
C GLY G 191 26.36 28.31 -18.39
N VAL G 192 26.52 29.60 -18.10
CA VAL G 192 27.68 30.35 -18.53
C VAL G 192 28.43 30.85 -17.30
N ALA G 193 29.68 31.29 -17.51
CA ALA G 193 30.52 31.72 -16.41
C ALA G 193 30.00 33.02 -15.80
N TYR G 194 30.40 33.25 -14.55
CA TYR G 194 29.97 34.45 -13.85
C TYR G 194 30.50 35.73 -14.51
N ASP G 195 31.65 35.64 -15.17
CA ASP G 195 32.23 36.81 -15.82
C ASP G 195 31.50 37.20 -17.09
N SER G 196 30.64 36.33 -17.61
CA SER G 196 29.98 36.60 -18.88
C SER G 196 29.02 37.78 -18.76
N ASP G 197 28.92 38.56 -19.82
CA ASP G 197 28.04 39.73 -19.83
C ASP G 197 26.59 39.28 -19.98
N ILE G 198 25.75 39.71 -19.03
CA ILE G 198 24.35 39.30 -19.04
C ILE G 198 23.65 39.82 -20.29
N ASP G 199 23.89 41.09 -20.64
CA ASP G 199 23.26 41.67 -21.81
C ASP G 199 23.69 40.96 -23.09
N GLN G 200 24.98 40.66 -23.21
CA GLN G 200 25.46 39.97 -24.40
C GLN G 200 24.88 38.58 -24.50
N VAL G 201 24.83 37.84 -23.38
CA VAL G 201 24.27 36.49 -23.41
C VAL G 201 22.79 36.55 -23.80
N LYS G 202 22.04 37.48 -23.21
CA LYS G 202 20.62 37.57 -23.52
C LYS G 202 20.39 37.95 -24.98
N GLN G 203 21.19 38.88 -25.51
CA GLN G 203 20.99 39.30 -26.89
C GLN G 203 21.39 38.21 -27.89
N ILE G 204 22.44 37.44 -27.56
CA ILE G 204 22.81 36.32 -28.44
C ILE G 204 21.72 35.26 -28.44
N LEU G 205 21.21 34.91 -27.26
CA LEU G 205 20.14 33.92 -27.20
C LEU G 205 18.87 34.42 -27.90
N THR G 206 18.55 35.71 -27.76
CA THR G 206 17.39 36.26 -28.44
C THR G 206 17.57 36.23 -29.95
N ASN G 207 18.76 36.55 -30.45
CA ASN G 207 19.00 36.48 -31.89
C ASN G 207 18.87 35.05 -32.38
N ILE G 208 19.40 34.08 -31.63
CA ILE G 208 19.29 32.68 -32.03
C ILE G 208 17.83 32.25 -32.07
N ILE G 209 17.04 32.64 -31.08
CA ILE G 209 15.63 32.27 -31.07
C ILE G 209 14.88 32.94 -32.22
N GLN G 210 15.16 34.21 -32.48
CA GLN G 210 14.46 34.92 -33.56
C GLN G 210 14.81 34.35 -34.93
N SER G 211 16.06 33.95 -35.14
CA SER G 211 16.45 33.43 -36.44
C SER G 211 15.78 32.09 -36.75
N GLU G 212 15.30 31.37 -35.74
CA GLU G 212 14.63 30.10 -35.97
C GLU G 212 13.24 30.33 -36.54
N ASP G 213 12.89 29.52 -37.55
CA ASP G 213 11.59 29.63 -38.21
C ASP G 213 10.54 28.70 -37.63
N ARG G 214 10.94 27.58 -37.04
CA ARG G 214 9.99 26.64 -36.48
C ARG G 214 9.57 27.00 -35.05
N ILE G 215 10.10 28.08 -34.50
CA ILE G 215 9.69 28.56 -33.19
C ILE G 215 8.57 29.57 -33.39
N LEU G 216 7.42 29.32 -32.78
CA LEU G 216 6.28 30.21 -32.93
C LEU G 216 6.57 31.57 -32.32
N LYS G 217 6.30 32.63 -33.07
CA LYS G 217 6.57 33.99 -32.61
C LYS G 217 5.41 34.61 -31.84
N ASP G 218 4.21 34.06 -31.95
CA ASP G 218 3.07 34.59 -31.21
C ASP G 218 3.01 34.05 -29.78
N ARG G 219 3.81 33.04 -29.44
CA ARG G 219 3.88 32.53 -28.09
C ARG G 219 4.99 33.23 -27.31
N GLU G 220 5.03 32.96 -26.01
CA GLU G 220 6.06 33.56 -25.16
C GLU G 220 7.43 33.00 -25.49
N MET G 221 8.43 33.88 -25.52
CA MET G 221 9.82 33.51 -25.83
C MET G 221 10.70 34.03 -24.69
N THR G 222 10.86 33.21 -23.67
CA THR G 222 11.54 33.64 -22.45
C THR G 222 13.04 33.43 -22.57
N VAL G 223 13.80 34.51 -22.37
CA VAL G 223 15.25 34.42 -22.22
C VAL G 223 15.65 35.22 -20.99
N ARG G 224 15.74 34.57 -19.83
CA ARG G 224 15.96 35.24 -18.57
C ARG G 224 17.02 34.50 -17.77
N LEU G 225 17.64 35.23 -16.83
CA LEU G 225 18.61 34.65 -15.91
C LEU G 225 17.84 33.93 -14.80
N ASN G 226 17.92 32.60 -14.79
CA ASN G 226 17.06 31.80 -13.93
C ASN G 226 17.59 31.64 -12.52
N GLU G 227 18.89 31.39 -12.36
CA GLU G 227 19.45 31.18 -11.03
C GLU G 227 20.95 31.42 -11.06
N LEU G 228 21.50 31.61 -9.86
CA LEU G 228 22.94 31.73 -9.67
C LEU G 228 23.44 30.42 -9.09
N GLY G 229 24.03 29.58 -9.95
CA GLY G 229 24.46 28.26 -9.54
C GLY G 229 25.80 28.27 -8.81
N ALA G 230 26.25 27.07 -8.47
CA ALA G 230 27.50 26.92 -7.74
C ALA G 230 28.69 27.36 -8.57
N SER G 231 28.73 27.00 -9.86
CA SER G 231 29.85 27.33 -10.72
C SER G 231 29.47 28.11 -11.96
N SER G 232 28.18 28.43 -12.15
CA SER G 232 27.75 29.11 -13.36
C SER G 232 26.42 29.81 -13.09
N ILE G 233 26.11 30.80 -13.92
CA ILE G 233 24.81 31.45 -13.91
C ILE G 233 23.95 30.79 -14.98
N ASN G 234 22.79 30.27 -14.57
CA ASN G 234 21.96 29.46 -15.44
C ASN G 234 20.89 30.32 -16.10
N PHE G 235 21.01 30.51 -17.40
CA PHE G 235 19.95 31.15 -18.16
C PHE G 235 18.91 30.12 -18.58
N VAL G 236 17.67 30.57 -18.71
CA VAL G 236 16.57 29.70 -19.12
C VAL G 236 15.98 30.24 -20.42
N VAL G 237 15.79 29.36 -21.39
CA VAL G 237 15.17 29.70 -22.66
C VAL G 237 13.96 28.80 -22.86
N ARG G 238 12.79 29.40 -23.02
CA ARG G 238 11.54 28.67 -23.23
C ARG G 238 10.91 29.15 -24.51
N VAL G 239 10.69 28.24 -25.45
CA VAL G 239 10.14 28.57 -26.76
C VAL G 239 9.13 27.50 -27.14
N TRP G 240 8.05 27.92 -27.80
CA TRP G 240 7.00 27.01 -28.23
C TRP G 240 7.16 26.66 -29.70
N SER G 241 6.81 25.41 -30.04
CA SER G 241 6.88 24.93 -31.40
C SER G 241 5.86 23.82 -31.57
N ASN G 242 5.56 23.49 -32.83
CA ASN G 242 4.65 22.41 -33.12
C ASN G 242 5.20 21.10 -32.61
N SER G 243 4.31 20.21 -32.18
CA SER G 243 4.72 18.98 -31.51
C SER G 243 5.61 18.11 -32.39
N GLY G 244 5.53 18.25 -33.71
CA GLY G 244 6.34 17.47 -34.62
C GLY G 244 7.75 17.98 -34.84
N ASP G 245 8.01 19.25 -34.52
CA ASP G 245 9.33 19.84 -34.71
C ASP G 245 10.05 20.10 -33.40
N LEU G 246 9.54 19.57 -32.29
CA LEU G 246 10.08 19.92 -30.98
C LEU G 246 11.53 19.45 -30.83
N GLN G 247 11.78 18.18 -31.11
CA GLN G 247 13.12 17.63 -30.91
C GLN G 247 14.13 18.22 -31.89
N ASN G 248 13.74 18.37 -33.15
CA ASN G 248 14.64 18.98 -34.13
C ASN G 248 14.97 20.42 -33.76
N VAL G 249 13.97 21.18 -33.30
CA VAL G 249 14.23 22.55 -32.85
C VAL G 249 15.17 22.55 -31.66
N TYR G 250 14.96 21.63 -30.71
CA TYR G 250 15.85 21.56 -29.56
C TYR G 250 17.29 21.32 -29.99
N TRP G 251 17.50 20.33 -30.86
CA TRP G 251 18.86 20.00 -31.28
C TRP G 251 19.50 21.16 -32.06
N ASP G 252 18.76 21.75 -33.00
CA ASP G 252 19.32 22.84 -33.79
C ASP G 252 19.64 24.06 -32.93
N VAL G 253 18.74 24.42 -32.01
CA VAL G 253 18.98 25.56 -31.14
C VAL G 253 20.16 25.29 -30.24
N LEU G 254 20.29 24.07 -29.70
CA LEU G 254 21.43 23.77 -28.84
C LEU G 254 22.75 23.87 -29.59
N GLU G 255 22.79 23.32 -30.81
CA GLU G 255 24.02 23.39 -31.59
C GLU G 255 24.37 24.84 -31.94
N ARG G 256 23.37 25.63 -32.34
CA ARG G 256 23.65 27.03 -32.65
C ARG G 256 24.06 27.82 -31.41
N ILE G 257 23.48 27.49 -30.25
CA ILE G 257 23.88 28.15 -29.01
C ILE G 257 25.35 27.89 -28.73
N LYS G 258 25.78 26.62 -28.84
CA LYS G 258 27.18 26.32 -28.59
C LYS G 258 28.09 27.02 -29.60
N ARG G 259 27.73 26.99 -30.88
CA ARG G 259 28.58 27.60 -31.90
C ARG G 259 28.71 29.10 -31.69
N GLU G 260 27.59 29.79 -31.42
CA GLU G 260 27.63 31.23 -31.26
C GLU G 260 28.31 31.64 -29.96
N PHE G 261 28.14 30.86 -28.89
CA PHE G 261 28.85 31.18 -27.65
C PHE G 261 30.35 30.98 -27.81
N ASP G 262 30.76 29.93 -28.52
CA ASP G 262 32.19 29.76 -28.78
C ASP G 262 32.74 30.87 -29.67
N ALA G 263 31.97 31.31 -30.66
CA ALA G 263 32.45 32.39 -31.53
C ALA G 263 32.53 33.72 -30.79
N ALA G 264 31.58 33.99 -29.90
CA ALA G 264 31.51 35.28 -29.22
C ALA G 264 32.38 35.38 -27.98
N GLY G 265 33.08 34.30 -27.60
CA GLY G 265 33.93 34.31 -26.44
C GLY G 265 33.26 33.92 -25.14
N ILE G 266 31.95 33.70 -25.14
CA ILE G 266 31.27 33.24 -23.93
C ILE G 266 31.69 31.80 -23.66
N SER G 267 32.05 31.51 -22.41
CA SER G 267 32.60 30.21 -22.04
C SER G 267 31.64 29.46 -21.15
N PHE G 268 31.54 28.16 -21.38
CA PHE G 268 30.81 27.26 -20.50
C PHE G 268 31.76 26.78 -19.42
N PRO G 269 31.55 27.13 -18.16
CA PRO G 269 32.58 26.85 -17.15
C PRO G 269 32.57 25.40 -16.69
N TYR G 270 33.77 24.88 -16.44
CA TYR G 270 33.93 23.61 -15.77
C TYR G 270 33.59 23.77 -14.29
N PRO G 271 33.34 22.66 -13.59
CA PRO G 271 33.11 22.75 -12.13
C PRO G 271 34.20 23.53 -11.42
N GLN G 272 33.82 24.67 -10.84
CA GLN G 272 34.78 25.55 -10.20
C GLN G 272 35.08 25.09 -8.77
N MET G 273 36.25 25.48 -8.28
CA MET G 273 36.68 25.14 -6.94
C MET G 273 37.75 26.13 -6.50
N ASP G 274 37.57 26.70 -5.32
CA ASP G 274 38.58 27.57 -4.73
C ASP G 274 39.39 26.78 -3.71
N VAL G 275 40.69 26.69 -3.93
CA VAL G 275 41.58 25.92 -3.08
C VAL G 275 42.41 26.89 -2.26
N ASN G 276 42.24 26.85 -0.94
CA ASN G 276 43.01 27.69 -0.02
C ASN G 276 44.22 26.89 0.44
N PHE G 277 45.34 27.11 -0.25
CA PHE G 277 46.54 26.33 0.01
C PHE G 277 47.10 26.61 1.39
N LYS G 278 47.48 25.55 2.10
CA LYS G 278 48.09 25.66 3.41
C LYS G 278 49.30 24.75 3.49
N ARG G 279 50.42 25.30 3.96
CA ARG G 279 51.67 24.56 4.11
C ARG G 279 52.10 23.89 2.81
C1 PCW H . -52.23 -15.15 -6.10
C2 PCW H . -52.57 -15.71 -7.46
C3 PCW H . -53.81 -15.07 -8.03
C4 PCW H . -50.85 -18.59 -4.20
C5 PCW H . -51.97 -19.43 -3.64
C6 PCW H . -52.94 -20.11 -5.80
C7 PCW H . -51.25 -21.51 -4.75
C8 PCW H . -53.49 -21.37 -3.79
C11 PCW H . -53.94 -13.23 -9.52
C12 PCW H . -53.55 -11.80 -9.72
C13 PCW H . -53.16 -11.47 -11.16
C14 PCW H . -54.35 -11.24 -12.08
C15 PCW H . -54.00 -11.08 -13.56
C16 PCW H . -53.40 -9.73 -13.95
C17 PCW H . -51.89 -9.63 -13.78
C18 PCW H . -51.26 -8.46 -14.50
C19 PCW H . -51.77 -7.12 -14.07
C20 PCW H . -51.23 -6.35 -13.16
C21 PCW H . -50.00 -6.63 -12.36
C22 PCW H . -49.36 -5.38 -11.76
C23 PCW H . -48.58 -4.55 -12.75
C24 PCW H . -47.32 -5.22 -13.26
C25 PCW H . -46.46 -4.34 -14.16
C26 PCW H . -45.15 -4.98 -14.58
C27 PCW H . -44.29 -4.11 -15.48
C28 PCW H . -42.98 -4.76 -15.84
C31 PCW H . -51.09 -16.33 -9.23
C32 PCW H . -50.08 -15.79 -10.22
C33 PCW H . -50.75 -15.25 -11.48
C34 PCW H . -49.76 -14.59 -12.43
C35 PCW H . -50.40 -14.18 -13.76
C36 PCW H . -49.46 -13.42 -14.67
C37 PCW H . -49.04 -12.06 -14.13
C38 PCW H . -48.18 -11.27 -15.10
C39 PCW H . -47.88 -9.88 -14.61
C40 PCW H . -46.69 -9.41 -14.30
C41 PCW H . -45.41 -10.15 -14.38
C42 PCW H . -44.49 -9.64 -15.48
C43 PCW H . -43.10 -10.25 -15.45
C44 PCW H . -42.35 -9.96 -14.16
C45 PCW H . -41.09 -10.80 -13.98
C46 PCW H . -40.42 -10.59 -12.64
C47 PCW H . -39.31 -11.58 -12.36
C48 PCW H . -38.65 -11.38 -11.03
N PCW H . -52.41 -20.60 -4.50
O2 PCW H . -51.47 -15.38 -8.37
O3 PCW H . -53.50 -13.69 -8.35
O11 PCW H . -54.58 -13.89 -10.30
O31 PCW H . -51.52 -17.45 -9.23
O1P PCW H . -52.60 -15.73 -3.16
O2P PCW H . -50.20 -14.96 -3.50
O3P PCW H . -51.47 -16.15 -5.38
O4P PCW H . -50.75 -17.45 -3.31
P PCW H . -51.23 -15.97 -3.79
C1B LMT I . -40.52 -21.55 -2.38
C2B LMT I . -40.96 -22.64 -3.35
C3B LMT I . -42.42 -22.46 -3.70
C4B LMT I . -43.28 -22.37 -2.45
C5B LMT I . -42.72 -21.28 -1.52
C6B LMT I . -43.44 -21.20 -0.20
O1B LMT I . -40.64 -20.32 -3.05
O2B LMT I . -40.17 -22.59 -4.53
O3B LMT I . -42.87 -23.55 -4.51
O4' LMT I . -44.62 -22.03 -2.80
O5B LMT I . -41.35 -21.56 -1.23
O6B LMT I . -44.79 -20.79 -0.36
C1' LMT I . -37.52 -18.31 -1.15
C2' LMT I . -38.92 -17.73 -0.95
C3' LMT I . -39.97 -18.77 -1.34
C4' LMT I . -39.70 -19.28 -2.76
C5' LMT I . -38.26 -19.79 -2.88
C6' LMT I . -37.89 -20.18 -4.28
O1' LMT I . -36.61 -17.31 -0.85
O2' LMT I . -39.09 -17.36 0.41
O3' LMT I . -41.27 -18.19 -1.27
O5' LMT I . -37.35 -18.74 -2.49
O6' LMT I . -36.56 -20.66 -4.35
C1 LMT I . -35.40 -17.38 -1.62
C2 LMT I . -34.26 -16.98 -0.73
C3 LMT I . -32.93 -16.87 -1.46
C4 LMT I . -31.79 -16.42 -0.57
C5 LMT I . -30.52 -16.07 -1.32
C6 LMT I . -29.49 -15.36 -0.45
C7 LMT I . -28.29 -14.84 -1.21
C8 LMT I . -27.39 -13.94 -0.38
C9 LMT I . -26.20 -13.40 -1.14
C10 LMT I . -25.28 -14.47 -1.67
C11 LMT I . -24.04 -13.93 -2.36
C12 LMT I . -23.12 -15.01 -2.82
C1 PCW J . -53.73 -8.43 4.54
C2 PCW J . -54.57 -7.83 3.43
C3 PCW J . -55.72 -7.05 3.97
C4 PCW J . -52.73 -12.09 2.83
C5 PCW J . -53.81 -13.13 3.00
C6 PCW J . -55.47 -12.06 1.53
C7 PCW J . -53.93 -13.70 0.60
C8 PCW J . -55.71 -14.41 2.11
C11 PCW J . -55.85 -4.71 4.38
C12 PCW J . -55.20 -3.57 5.11
C13 PCW J . -55.17 -2.27 4.30
C14 PCW J . -56.47 -1.51 4.33
C15 PCW J . -56.54 -0.31 3.39
C16 PCW J . -55.78 0.93 3.87
C17 PCW J . -54.29 0.95 3.50
C18 PCW J . -53.64 2.32 3.63
C19 PCW J . -53.68 2.88 5.01
C20 PCW J . -52.74 2.77 5.93
C21 PCW J . -51.43 2.05 5.77
C22 PCW J . -50.38 2.49 6.78
C23 PCW J . -49.74 3.83 6.46
C24 PCW J . -48.86 3.81 5.23
C25 PCW J . -48.12 5.11 4.98
C26 PCW J . -47.17 5.05 3.79
C27 PCW J . -46.41 6.34 3.52
C28 PCW J . -45.45 6.24 2.36
C31 PCW J . -53.84 -6.88 1.36
C32 PCW J . -53.05 -5.75 0.76
C33 PCW J . -53.90 -4.49 0.60
C34 PCW J . -53.10 -3.29 0.11
C35 PCW J . -53.96 -2.08 -0.20
C36 PCW J . -53.16 -0.84 -0.57
C37 PCW J . -52.31 -0.29 0.54
C38 PCW J . -51.59 1.00 0.19
C39 PCW J . -50.86 1.59 1.35
C40 PCW J . -49.55 1.75 1.44
C41 PCW J . -48.55 1.38 0.40
C42 PCW J . -47.89 2.58 -0.26
C43 PCW J . -46.73 2.21 -1.17
C44 PCW J . -45.61 1.49 -0.44
C45 PCW J . -44.59 0.86 -1.36
C46 PCW J . -43.52 0.07 -0.64
C47 PCW J . -42.65 -0.76 -1.55
C48 PCW J . -41.61 -1.57 -0.83
N PCW J . -54.73 -13.32 1.81
O2 PCW J . -53.72 -6.89 2.70
O3 PCW J . -55.21 -5.86 4.62
O11 PCW J . -56.81 -4.62 3.66
O31 PCW J . -54.50 -7.66 0.73
O1P PCW J . -53.38 -10.99 6.09
O2P PCW J . -51.07 -10.10 5.55
O3P PCW J . -53.05 -9.59 4.02
O4P PCW J . -52.11 -11.96 4.12
P PCW J . -52.35 -10.62 5.03
C1B LMT K . -43.29 -14.90 -1.86
C2B LMT K . -44.22 -14.96 -3.06
C3B LMT K . -45.65 -14.66 -2.62
C4B LMT K . -46.07 -15.55 -1.46
C5B LMT K . -45.03 -15.46 -0.34
C6B LMT K . -45.32 -16.41 0.80
O1B LMT K . -43.30 -13.59 -1.37
O2B LMT K . -43.80 -14.02 -4.04
O3B LMT K . -46.54 -14.82 -3.71
O4' LMT K . -47.33 -15.14 -0.97
O5B LMT K . -43.74 -15.80 -0.85
O6B LMT K . -46.51 -16.07 1.48
C1' LMT K . -39.40 -13.45 0.06
C2' LMT K . -40.50 -13.27 1.10
C3' LMT K . -41.83 -13.75 0.53
C4' LMT K . -42.10 -13.05 -0.81
C5' LMT K . -40.92 -13.23 -1.76
C6' LMT K . -41.07 -12.44 -3.04
O1' LMT K . -38.22 -12.94 0.61
O2' LMT K . -40.19 -14.02 2.27
O3' LMT K . -42.88 -13.47 1.44
O5' LMT K . -39.71 -12.75 -1.12
O6' LMT K . -39.95 -12.66 -3.90
C1 LMT K . -37.34 -12.37 -0.35
C2 LMT K . -35.92 -12.68 0.06
C3 LMT K . -34.87 -12.01 -0.79
C4 LMT K . -33.45 -12.29 -0.33
C5 LMT K . -32.40 -11.45 -1.02
C6 LMT K . -31.04 -11.54 -0.36
C7 LMT K . -30.02 -10.57 -0.90
C8 LMT K . -28.73 -10.52 -0.10
C9 LMT K . -27.71 -9.54 -0.62
C10 LMT K . -27.24 -9.83 -2.03
C11 LMT K . -26.17 -8.90 -2.52
C12 LMT K . -25.69 -9.25 -3.90
C1 PCW L . -50.89 -11.40 16.30
C2 PCW L . -51.82 -10.21 16.31
C3 PCW L . -52.58 -10.11 17.60
C4 PCW L . -51.26 -12.66 12.35
C5 PCW L . -52.46 -13.54 12.13
C6 PCW L . -54.17 -11.81 12.53
C7 PCW L . -53.36 -12.20 10.27
C8 PCW L . -54.78 -13.85 11.36
C11 PCW L . -52.04 -8.79 19.50
C12 PCW L . -50.97 -8.49 20.52
C13 PCW L . -50.87 -7.02 20.87
C14 PCW L . -51.90 -6.56 21.88
C15 PCW L . -51.93 -5.06 22.13
C16 PCW L . -50.80 -4.51 23.00
C17 PCW L . -49.53 -4.17 22.26
C18 PCW L . -48.55 -3.30 23.04
C19 PCW L . -48.08 -3.92 24.32
C20 PCW L . -46.98 -4.61 24.50
C21 PCW L . -45.97 -4.94 23.44
C22 PCW L . -44.61 -5.33 24.01
C23 PCW L . -43.79 -4.15 24.50
C24 PCW L . -43.32 -3.23 23.38
C25 PCW L . -42.39 -2.12 23.85
C26 PCW L . -41.83 -1.28 22.71
C27 PCW L . -40.90 -0.16 23.16
C28 PCW L . -40.34 0.65 22.00
C31 PCW L . -51.49 -8.03 15.37
C32 PCW L . -50.67 -6.79 15.49
C33 PCW L . -51.20 -5.83 16.55
C34 PCW L . -50.31 -4.62 16.77
C35 PCW L . -50.92 -3.59 17.71
C36 PCW L . -49.99 -2.44 18.03
C37 PCW L . -48.76 -2.83 18.82
C38 PCW L . -47.89 -1.65 19.22
C39 PCW L . -46.75 -2.04 20.11
C40 PCW L . -45.48 -1.95 19.82
C41 PCW L . -44.89 -1.43 18.54
C42 PCW L . -44.19 -0.09 18.70
C43 PCW L . -43.44 0.35 17.46
C44 PCW L . -42.36 -0.62 17.02
C45 PCW L . -41.80 -0.35 15.65
C46 PCW L . -40.79 -1.39 15.19
C47 PCW L . -40.42 -1.26 13.72
C48 PCW L . -39.44 -2.31 13.26
N PCW L . -53.69 -12.85 11.58
O2 PCW L . -51.02 -9.01 16.18
O3 PCW L . -51.65 -9.74 18.65
O11 PCW L . -53.11 -8.25 19.44
O31 PCW L . -52.46 -8.15 14.68
O1P PCW L . -50.72 -14.27 15.41
O2P PCW L . -48.51 -13.17 14.86
O3P PCW L . -50.66 -11.80 14.92
O4P PCW L . -50.29 -13.48 13.05
P PCW L . -49.96 -13.21 14.62
C1B LMT M . -44.37 -10.85 4.08
C2B LMT M . -45.59 -10.06 3.61
C3B LMT M . -46.73 -10.22 4.61
C4B LMT M . -47.01 -11.70 4.89
C5B LMT M . -45.72 -12.40 5.29
C6B LMT M . -45.89 -13.89 5.46
O1B LMT M . -43.95 -10.29 5.30
O2B LMT M . -45.25 -8.69 3.49
O3B LMT M . -47.90 -9.59 4.12
O4' LMT M . -47.96 -11.82 5.93
O5B LMT M . -44.72 -12.21 4.27
O6B LMT M . -46.74 -14.20 6.56
C1' LMT M . -39.88 -11.08 4.92
C2' LMT M . -40.59 -11.75 6.09
C3' LMT M . -42.10 -11.71 5.88
C4' LMT M . -42.55 -10.28 5.61
C5' LMT M . -41.75 -9.67 4.46
C6' LMT M . -42.05 -8.21 4.23
O1' LMT M . -38.51 -11.08 5.20
O2' LMT M . -40.16 -13.10 6.22
O3' LMT M . -42.77 -12.22 7.02
O5' LMT M . -40.35 -9.76 4.76
O6' LMT M . -41.29 -7.70 3.14
C1 LMT M . -37.81 -9.95 4.67
C2 LMT M . -36.45 -10.42 4.21
C3 LMT M . -35.55 -9.29 3.75
C4 LMT M . -34.17 -9.77 3.35
C5 LMT M . -33.18 -8.64 3.11
C6 LMT M . -31.75 -9.13 2.98
C7 LMT M . -30.72 -8.03 2.94
C8 LMT M . -29.28 -8.52 3.03
C9 LMT M . -28.25 -7.42 3.01
C10 LMT M . -28.26 -6.59 1.74
C11 LMT M . -27.18 -5.54 1.69
C12 LMT M . -27.19 -4.77 0.40
C1 PCW N . -45.68 -21.85 20.54
C2 PCW N . -46.28 -21.09 21.70
C3 PCW N . -46.60 -21.98 22.86
C4 PCW N . -47.41 -19.86 17.33
C5 PCW N . -48.79 -20.36 17.01
C6 PCW N . -49.87 -19.54 19.06
C7 PCW N . -49.84 -18.12 17.07
C8 PCW N . -51.25 -20.12 17.13
C11 PCW N . -45.28 -22.44 24.77
C12 PCW N . -43.94 -22.93 25.23
C13 PCW N . -43.39 -22.17 26.43
C14 PCW N . -43.98 -22.63 27.76
C15 PCW N . -43.59 -21.79 28.96
C16 PCW N . -42.17 -22.00 29.49
C17 PCW N . -41.10 -21.16 28.80
C18 PCW N . -39.77 -21.10 29.55
C19 PCW N . -39.13 -22.43 29.77
C20 PCW N . -38.21 -22.98 29.00
C21 PCW N . -37.64 -22.40 27.74
C22 PCW N . -36.31 -23.02 27.35
C23 PCW N . -35.13 -22.53 28.18
C24 PCW N . -34.78 -21.07 27.94
C25 PCW N . -33.53 -20.60 28.66
C26 PCW N . -33.13 -19.18 28.34
C27 PCW N . -31.88 -18.70 29.05
C28 PCW N . -31.49 -17.28 28.68
C31 PCW N . -45.72 -18.90 22.50
C32 PCW N . -44.62 -18.10 23.13
C33 PCW N . -44.61 -18.24 24.65
C34 PCW N . -43.45 -17.52 25.31
C35 PCW N . -43.51 -17.53 26.83
C36 PCW N . -42.30 -16.93 27.50
C37 PCW N . -41.02 -17.72 27.29
C38 PCW N . -39.81 -17.16 28.04
C39 PCW N . -38.61 -18.03 27.91
C40 PCW N . -37.47 -17.69 27.34
C41 PCW N . -37.16 -16.39 26.69
C42 PCW N . -36.14 -15.56 27.47
C43 PCW N . -35.69 -14.31 26.72
C44 PCW N . -35.02 -14.62 25.40
C45 PCW N . -34.82 -13.42 24.51
C46 PCW N . -34.24 -13.75 23.14
C47 PCW N . -34.26 -12.58 22.18
C48 PCW N . -33.72 -12.92 20.82
N PCW N . -49.94 -19.53 17.57
O2 PCW N . -45.28 -20.13 22.17
O3 PCW N . -45.36 -22.45 23.44
O11 PCW N . -46.16 -22.07 25.49
O31 PCW N . -46.84 -18.52 22.32
O1P PCW N . -46.43 -23.18 17.95
O2P PCW N . -44.27 -21.92 17.57
O3P PCW N . -45.94 -21.12 19.33
O4P PCW N . -46.50 -20.89 16.86
P PCW N . -45.70 -21.83 17.90
C1B LMT O . -42.83 -12.33 10.90
C2B LMT O . -43.91 -11.50 11.58
C3B LMT O . -44.74 -12.38 12.51
C4B LMT O . -45.26 -13.59 11.77
C5B LMT O . -44.12 -14.32 11.07
C6B LMT O . -44.58 -15.48 10.21
O1B LMT O . -41.97 -12.80 11.91
O2B LMT O . -43.31 -10.44 12.33
O3B LMT O . -45.82 -11.63 13.05
O4' LMT O . -45.89 -14.48 12.68
O5B LMT O . -43.41 -13.41 10.21
O6B LMT O . -45.15 -16.51 11.00
C1' LMT O . -38.46 -12.90 9.67
C2' LMT O . -38.96 -14.24 10.20
C3' LMT O . -40.41 -14.12 10.63
C4' LMT O . -40.57 -12.97 11.60
C5' LMT O . -40.00 -11.67 11.01
C6' LMT O . -40.01 -10.52 11.98
O1' LMT O . -37.11 -13.04 9.36
O2' LMT O . -38.83 -15.23 9.20
O3' LMT O . -40.84 -15.33 11.24
O5' LMT O . -38.63 -11.88 10.64
O6' LMT O . -39.48 -9.34 11.39
C1 LMT O . -36.33 -11.85 9.56
C2 LMT O . -35.31 -11.78 8.46
C3 LMT O . -34.33 -10.64 8.62
C4 LMT O . -33.26 -10.61 7.55
C5 LMT O . -32.13 -9.63 7.82
C6 LMT O . -30.95 -9.81 6.89
C7 LMT O . -29.74 -8.97 7.25
C8 LMT O . -28.50 -9.32 6.46
C9 LMT O . -27.28 -8.50 6.83
C10 LMT O . -27.45 -7.02 6.62
C11 LMT O . -26.21 -6.20 6.92
C12 LMT O . -26.40 -4.75 6.64
C1 PCW P . -42.08 -31.86 14.06
C2 PCW P . -42.14 -32.20 15.53
C3 PCW P . -42.33 -33.67 15.75
C4 PCW P . -44.10 -28.22 14.02
C5 PCW P . -45.60 -28.40 13.97
C6 PCW P . -45.86 -29.37 16.22
C7 PCW P . -46.05 -26.96 15.92
C8 PCW P . -47.80 -28.42 15.08
C11 PCW P . -40.68 -35.31 16.17
C12 PCW P . -39.42 -35.93 15.65
C13 PCW P . -38.40 -36.26 16.74
C14 PCW P . -38.69 -37.56 17.46
C15 PCW P . -37.80 -37.84 18.66
C16 PCW P . -36.39 -38.31 18.34
C17 PCW P . -35.39 -37.20 18.10
C18 PCW P . -33.93 -37.63 18.15
C19 PCW P . -33.58 -38.68 17.14
C20 PCW P . -33.06 -38.45 15.94
C21 PCW P . -32.73 -37.12 15.35
C22 PCW P . -31.73 -37.20 14.21
C23 PCW P . -30.29 -37.42 14.64
C24 PCW P . -29.69 -36.23 15.38
C25 PCW P . -28.22 -36.39 15.72
C26 PCW P . -27.60 -35.16 16.35
C27 PCW P . -26.14 -35.28 16.69
C28 PCW P . -25.54 -34.03 17.29
C31 PCW P . -40.89 -31.26 17.34
C32 PCW P . -39.51 -31.12 17.91
C33 PCW P . -39.12 -32.32 18.77
C34 PCW P . -37.68 -32.26 19.26
C35 PCW P . -37.33 -33.37 20.24
C36 PCW P . -35.87 -33.40 20.64
C37 PCW P . -34.92 -33.73 19.50
C38 PCW P . -33.47 -33.85 19.93
C39 PCW P . -32.58 -34.30 18.82
C40 PCW P . -31.59 -33.60 18.30
C41 PCW P . -31.18 -32.21 18.68
C42 PCW P . -29.82 -32.17 19.39
C43 PCW P . -29.31 -30.76 19.61
C44 PCW P . -29.12 -29.97 18.32
C45 PCW P . -28.90 -28.49 18.54
C46 PCW P . -28.81 -27.70 17.23
C47 PCW P . -28.83 -26.21 17.44
C48 PCW P . -28.76 -25.42 16.16
N PCW P . -46.32 -28.29 15.30
O2 PCW P . -40.86 -31.84 16.14
O3 PCW P . -41.12 -34.36 15.36
O11 PCW P . -41.23 -35.63 17.19
O31 PCW P . -41.90 -30.92 17.90
O1P PCW P . -43.80 -30.91 11.79
O2P PCW P . -41.59 -29.68 11.63
O3P PCW P . -42.48 -30.49 13.89
O4P PCW P . -43.63 -28.55 12.70
P PCW P . -42.82 -29.93 12.42
C1B LMT Q . -39.85 -18.20 13.57
C2B LMT Q . -40.47 -18.17 14.95
C3B LMT Q . -41.20 -19.48 15.22
C4B LMT Q . -42.18 -19.80 14.09
C5B LMT Q . -41.45 -19.74 12.74
C6B LMT Q . -42.39 -19.93 11.57
O1B LMT Q . -38.88 -19.22 13.55
O2B LMT Q . -39.46 -17.96 15.93
O3B LMT Q . -41.89 -19.42 16.45
O4' LMT Q . -42.72 -21.10 14.28
O5B LMT Q . -40.83 -18.46 12.58
O6B LMT Q . -42.94 -21.24 11.55
C1' LMT Q . -36.23 -17.50 10.84
C2' LMT Q . -36.86 -18.83 10.42
C3' LMT Q . -38.07 -19.12 11.29
C4' LMT Q . -37.69 -19.04 12.76
C5' LMT Q . -37.02 -17.71 13.07
C6' LMT Q . -36.50 -17.62 14.49
O1' LMT Q . -35.08 -17.32 10.07
O2' LMT Q . -37.25 -18.77 9.05
O3' LMT Q . -38.59 -20.41 10.99
O5' LMT Q . -35.89 -17.53 12.21
O6' LMT Q . -35.89 -16.36 14.74
C1 LMT Q . -34.04 -16.61 10.73
C2 LMT Q . -33.36 -15.72 9.72
C3 LMT Q . -32.13 -15.01 10.27
C4 LMT Q . -31.42 -14.16 9.24
C5 LMT Q . -30.08 -13.64 9.69
C6 LMT Q . -29.27 -13.04 8.56
C7 LMT Q . -27.84 -12.68 8.95
C8 LMT Q . -26.99 -12.28 7.76
C9 LMT Q . -25.56 -11.94 8.12
C10 LMT Q . -25.42 -10.77 9.07
C11 LMT Q . -24.00 -10.39 9.38
C12 LMT Q . -23.91 -9.18 10.28
C1 PCW R . -42.79 -33.90 1.83
C2 PCW R . -42.53 -35.20 2.54
C3 PCW R . -42.99 -36.38 1.74
C4 PCW R . -43.86 -31.48 5.04
C5 PCW R . -45.31 -31.62 5.43
C6 PCW R . -45.16 -33.94 6.26
C7 PCW R . -44.85 -32.08 7.80
C8 PCW R . -47.06 -32.55 6.89
C11 PCW R . -41.71 -37.74 0.27
C12 PCW R . -40.82 -37.72 -0.93
C13 PCW R . -39.65 -38.70 -0.83
C14 PCW R . -40.03 -40.13 -1.18
C15 PCW R . -38.93 -41.16 -0.93
C16 PCW R . -37.81 -41.18 -1.97
C17 PCW R . -36.68 -40.19 -1.71
C18 PCW R . -35.41 -40.48 -2.49
C19 PCW R . -35.60 -40.44 -3.97
C20 PCW R . -35.39 -39.39 -4.76
C21 PCW R . -34.94 -38.03 -4.33
C22 PCW R . -34.34 -37.20 -5.46
C23 PCW R . -32.92 -37.61 -5.85
C24 PCW R . -31.89 -37.30 -4.78
C25 PCW R . -30.45 -37.59 -5.19
C26 PCW R . -29.43 -37.19 -4.16
C27 PCW R . -27.99 -37.47 -4.57
C28 PCW R . -26.99 -37.01 -3.53
C31 PCW R . -40.65 -35.83 3.88
C32 PCW R . -39.18 -36.08 3.85
C33 PCW R . -38.85 -37.51 3.42
C34 PCW R . -37.36 -37.76 3.26
C35 PCW R . -37.03 -39.22 2.98
C36 PCW R . -35.55 -39.47 2.69
C37 PCW R . -35.06 -38.82 1.41
C38 PCW R . -33.61 -39.16 1.08
C39 PCW R . -33.19 -38.62 -0.24
C40 PCW R . -32.25 -37.71 -0.45
C41 PCW R . -31.45 -37.03 0.60
C42 PCW R . -29.97 -37.44 0.60
C43 PCW R . -29.10 -36.62 1.52
C44 PCW R . -29.10 -35.14 1.19
C45 PCW R . -28.49 -34.27 2.27
C46 PCW R . -28.58 -32.79 1.97
C47 PCW R . -28.19 -31.90 3.15
C48 PCW R . -28.30 -30.43 2.86
N PCW R . -45.59 -32.55 6.59
O2 PCW R . -41.09 -35.35 2.72
O3 PCW R . -42.13 -36.51 0.58
O11 PCW R . -42.02 -38.73 0.89
O31 PCW R . -41.36 -36.04 4.84
O1P PCW R . -44.81 -31.67 1.68
O2P PCW R . -42.50 -30.62 1.64
O3P PCW R . -42.90 -32.85 2.82
O4P PCW R . -43.85 -30.71 3.81
P PCW R . -43.48 -31.42 2.40
C1B LMT S . -37.69 -24.09 10.16
C2B LMT S . -37.88 -25.10 11.29
C3B LMT S . -38.79 -26.23 10.80
C4B LMT S . -40.08 -25.68 10.22
C5B LMT S . -39.77 -24.62 9.16
C6B LMT S . -41.00 -23.93 8.63
O1B LMT S . -37.02 -24.74 9.11
O2B LMT S . -36.63 -25.63 11.68
O3B LMT S . -39.08 -27.12 11.87
O4' LMT S . -40.85 -26.72 9.64
O5B LMT S . -38.94 -23.60 9.72
O6B LMT S . -41.83 -24.84 7.91
C1' LMT S . -34.90 -21.47 7.64
C2' LMT S . -35.91 -22.10 6.69
C3' LMT S . -36.87 -22.99 7.47
C4' LMT S . -36.09 -23.99 8.31
C5' LMT S . -35.07 -23.27 9.19
C6' LMT S . -34.17 -24.22 9.95
O1' LMT S . -34.00 -20.73 6.88
O2' LMT S . -36.63 -21.08 6.01
O3' LMT S . -37.73 -23.68 6.57
O5' LMT S . -34.21 -22.47 8.37
O6' LMT S . -33.25 -23.51 10.76
C1 LMT S . -32.68 -20.69 7.41
C2 LMT S . -32.11 -19.31 7.16
C3 LMT S . -30.65 -19.17 7.55
C4 LMT S . -30.08 -17.81 7.23
C5 LMT S . -28.57 -17.72 7.40
C6 LMT S . -27.99 -16.44 6.82
C7 LMT S . -26.48 -16.41 6.79
C8 LMT S . -25.91 -15.25 6.02
C9 LMT S . -24.39 -15.22 5.97
C10 LMT S . -23.74 -15.10 7.33
C11 LMT S . -22.24 -15.00 7.29
C12 LMT S . -21.63 -14.83 8.65
C1 PCW T . -47.30 -26.41 -7.01
C2 PCW T . -47.15 -27.81 -7.55
C3 PCW T . -48.08 -28.05 -8.72
C4 PCW T . -46.84 -27.13 -2.94
C5 PCW T . -48.12 -27.58 -2.28
C6 PCW T . -48.29 -29.76 -3.40
C7 PCW T . -47.15 -29.60 -1.26
C8 PCW T . -49.57 -29.36 -1.37
C11 PCW T . -47.60 -27.86 -11.03
C12 PCW T . -47.10 -26.93 -12.10
C13 PCW T . -46.21 -27.61 -13.12
C14 PCW T . -47.00 -28.35 -14.20
C15 PCW T . -46.14 -29.19 -15.14
C16 PCW T . -45.38 -28.40 -16.20
C17 PCW T . -44.02 -27.87 -15.77
C18 PCW T . -43.12 -27.43 -16.91
C19 PCW T . -43.69 -26.33 -17.74
C20 PCW T . -43.47 -25.04 -17.59
C21 PCW T . -42.61 -24.40 -16.54
C22 PCW T . -42.18 -22.98 -16.90
C23 PCW T . -41.06 -22.92 -17.93
C24 PCW T . -39.73 -23.44 -17.41
C25 PCW T . -38.58 -23.27 -18.38
C26 PCW T . -37.23 -23.70 -17.82
C27 PCW T . -36.07 -23.53 -18.78
C28 PCW T . -34.75 -23.94 -18.18
C31 PCW T . -45.18 -29.13 -7.82
C32 PCW T . -43.87 -29.21 -8.55
C33 PCW T . -44.02 -29.86 -9.92
C34 PCW T . -42.74 -29.85 -10.72
C35 PCW T . -42.83 -30.62 -12.03
C36 PCW T . -41.60 -30.53 -12.90
C37 PCW T . -41.34 -29.13 -13.44
C38 PCW T . -40.16 -29.06 -14.40
C39 PCW T . -39.99 -27.71 -15.01
C40 PCW T . -38.97 -26.89 -14.84
C41 PCW T . -37.77 -27.16 -14.00
C42 PCW T . -36.50 -27.37 -14.81
C43 PCW T . -35.25 -27.44 -13.98
C44 PCW T . -34.99 -26.19 -13.16
C45 PCW T . -33.92 -26.35 -12.10
C46 PCW T . -33.74 -25.12 -11.22
C47 PCW T . -32.85 -25.36 -10.02
C48 PCW T . -32.69 -24.15 -9.15
N PCW T . -48.28 -29.07 -2.08
O2 PCW T . -45.79 -27.97 -8.06
O3 PCW T . -47.63 -27.26 -9.84
O11 PCW T . -47.95 -28.99 -11.21
O31 PCW T . -45.63 -29.99 -7.11
O1P PCW T . -48.70 -24.86 -4.84
O2P PCW T . -46.31 -24.01 -4.97
O3P PCW T . -46.88 -26.42 -5.63
O4P PCW T . -47.00 -25.71 -3.18
P PCW T . -47.21 -25.15 -4.69
C1B LMT U . -37.95 -25.55 3.18
C2B LMT U . -38.08 -27.06 3.25
C3B LMT U . -39.31 -27.51 2.49
C4B LMT U . -40.55 -26.77 2.98
C5B LMT U . -40.31 -25.27 2.92
C6B LMT U . -41.45 -24.47 3.50
O1B LMT U . -37.77 -25.19 1.83
O2B LMT U . -36.91 -27.66 2.69
O3B LMT U . -39.49 -28.92 2.65
O4' LMT U . -41.66 -27.09 2.16
O5B LMT U . -39.13 -24.94 3.70
O6B LMT U . -42.63 -24.60 2.72
C1' LMT U . -35.44 -21.79 2.42
C2' LMT U . -36.79 -21.58 1.74
C3' LMT U . -37.68 -22.79 1.96
C4' LMT U . -36.95 -24.05 1.52
C5' LMT U . -35.59 -24.16 2.20
C6' LMT U . -34.76 -25.33 1.70
O1' LMT U . -34.64 -20.69 2.13
O2' LMT U . -37.41 -20.41 2.28
O3' LMT U . -38.90 -22.65 1.23
O5' LMT U . -34.83 -22.97 1.93
O6' LMT U . -33.51 -25.39 2.37
C1 LMT U . -33.25 -21.00 2.02
C2 LMT U . -32.48 -19.84 2.60
C3 LMT U . -30.98 -19.97 2.43
C4 LMT U . -30.21 -18.77 2.97
C5 LMT U . -28.73 -18.77 2.59
C6 LMT U . -28.06 -17.45 2.90
C7 LMT U . -26.64 -17.35 2.37
C8 LMT U . -26.05 -15.95 2.48
C9 LMT U . -24.64 -15.84 1.93
C10 LMT U . -23.64 -16.72 2.64
C11 LMT U . -22.22 -16.55 2.14
C12 LMT U . -21.24 -17.40 2.89
#